data_8A0C
#
_entry.id   8A0C
#
_cell.length_a   66.970
_cell.length_b   164.780
_cell.length_c   302.567
_cell.angle_alpha   90.000
_cell.angle_beta   90.000
_cell.angle_gamma   90.000
#
_symmetry.space_group_name_H-M   'P 21 21 21'
#
loop_
_entity.id
_entity.type
_entity.pdbx_description
1 polymer Bcs3
2 non-polymer 'PHOSPHATE ION'
3 non-polymer GLYCEROL
4 non-polymer 'ZINC ION'
5 non-polymer "CYTIDINE-5'-MONOPHOSPHATE"
6 water water
#
_entity_poly.entity_id   1
_entity_poly.type   'polypeptide(L)'
_entity_poly.pdbx_seq_one_letter_code
;GPVDKTWLFGSYAWQGNPKALFLYMLVNCKETHECWWVADNEESMKSIKKSTGLKNITFTDSEKAKELFPHADVYVTENF
RESYPVYMNENIKVFNTWHGVGLKHIELALGMNSVLAESIVRKYVRNYDIYKNNVLFLTTSQAMEDHFLEDMAISKELII
RGKYPRNAVYGPNGIHTYDINTLLPKNKSQYSQTILFCPTYRIGAIQGVLNSLLPDFAKLEEVCRHKNQLFIVKVHPFMK
KDNYFAEMSEKYKDSEYILFWNDDYDIYEAFNSIDLAIIDYSSIFYDLLDAGVEKFIRYVPDLDEYQNDLELIGDYADLT
EGRIVKSFQQLLNCLDNANIKIISTKRKQYLMDYFFGFKKENKSMESLIADVDNCQLQPKSLKELHTFDIFDTLIRRSTL
RPFSIFDYVRDKAKASGIKFPLALTENWINVRNRAEHDVRDIMRKTTFERQSDKIEITLDDIYTRLQKNLLLTDEQTDFL
KQAEIEAEIAHVEPIQKRINYLFSLKAKGHDVAMASDMYLPEDVIYKMLDRADTRLREIPLYLSSTIGYQKSTGKLYQHI
FFDLDYQYSRWTHYGDNKHADGSVPRRLGIQTAVHDIDDFIPFENAMVNAMDNYNRYPAYQLATKMHRYRTQLVQENGFG
NTLFETKYYNYAYVGASFVPYINWAIKDAIKRGYETIYFISRDGHFLKQIADKIIEIRGYNVKTKYIYGSRKAWRLPSFI
TKVDDETFWQFGNFVGMDSFEDLVKASYLSESELLSLFPEFESLRHAKHLRGEIAENIRKIFKNSPAYHEKVLAIAAEKR
KMVRQYIQQEINPKEKFAFVEFWGRGYTQDTFGRLLNDAFGKEVKNPFYYVRSFTDDMGTSVRHNFILAPQNFSFFEPIF
AQTPYDSIPDYYEEKGRIEPIINHRDRSVSDLISEGLLKFTEDYLALNTQDEDYFDAALSQFNYQYQLNTPNDQFICNVF
SELKDNISSFGVEKPYAPALTLKQLESITSKQELDKLTQSIPISLSKSDVKVIDYYNKIQKNYNLPAYNSTPMRKAYAVN
PLEQYVWSTQVPFRVLSLKQNSFYLDVSFAETTKRKDIFLKELNEIDVIAVDWLKGGVPRLLTEHGYITAHKDWVKKSFN
DDKTNNIEEPKVKNKEKSKVLEVNTTVTNNNKQAIGKLDNNIDKSLEHHHHHH
;
_entity_poly.pdbx_strand_id   A,B
#
# COMPACT_ATOMS: atom_id res chain seq x y z
N VAL A 3 -22.99 -40.10 -58.83
CA VAL A 3 -22.48 -38.72 -59.03
C VAL A 3 -20.95 -38.71 -58.97
N ASP A 4 -20.34 -37.79 -59.71
CA ASP A 4 -18.89 -37.68 -59.79
C ASP A 4 -18.36 -36.44 -59.08
N LYS A 5 -18.92 -35.27 -59.35
CA LYS A 5 -18.41 -34.00 -58.84
C LYS A 5 -19.29 -33.49 -57.71
N THR A 6 -18.70 -32.61 -56.88
CA THR A 6 -19.37 -32.10 -55.69
C THR A 6 -19.18 -30.59 -55.59
N TRP A 7 -20.28 -29.87 -55.47
CA TRP A 7 -20.28 -28.41 -55.37
C TRP A 7 -21.02 -27.99 -54.11
N LEU A 8 -20.40 -27.13 -53.32
CA LEU A 8 -21.06 -26.45 -52.21
C LEU A 8 -21.25 -24.99 -52.58
N PHE A 9 -22.26 -24.37 -51.98
CA PHE A 9 -22.59 -22.97 -52.25
C PHE A 9 -22.75 -22.26 -50.92
N GLY A 10 -22.10 -21.11 -50.76
CA GLY A 10 -22.10 -20.43 -49.49
C GLY A 10 -22.23 -18.93 -49.65
N SER A 11 -22.84 -18.31 -48.63
CA SER A 11 -22.95 -16.86 -48.52
C SER A 11 -23.63 -16.57 -47.18
N TYR A 12 -23.60 -15.30 -46.78
CA TYR A 12 -24.20 -14.89 -45.53
C TYR A 12 -25.73 -14.83 -45.60
N ALA A 13 -26.32 -15.07 -46.77
CA ALA A 13 -27.77 -15.04 -46.90
C ALA A 13 -28.18 -15.86 -48.12
N TRP A 14 -29.44 -16.26 -48.12
CA TRP A 14 -30.05 -17.04 -49.21
C TRP A 14 -30.30 -16.08 -50.37
N GLN A 15 -29.27 -15.88 -51.18
CA GLN A 15 -29.32 -14.84 -52.21
C GLN A 15 -28.21 -15.07 -53.23
N GLY A 16 -28.33 -14.34 -54.35
CA GLY A 16 -27.21 -14.15 -55.25
C GLY A 16 -26.99 -15.26 -56.25
N ASN A 17 -25.96 -15.05 -57.06
CA ASN A 17 -25.51 -16.08 -58.00
C ASN A 17 -25.29 -17.43 -57.33
N PRO A 18 -24.73 -17.51 -56.11
CA PRO A 18 -24.68 -18.82 -55.44
C PRO A 18 -26.03 -19.51 -55.39
N LYS A 19 -27.06 -18.82 -54.92
CA LYS A 19 -28.39 -19.44 -54.83
C LYS A 19 -28.93 -19.79 -56.22
N ALA A 20 -28.79 -18.87 -57.17
CA ALA A 20 -29.30 -19.12 -58.52
C ALA A 20 -28.69 -20.38 -59.10
N LEU A 21 -27.35 -20.44 -59.10
CA LEU A 21 -26.66 -21.60 -59.65
C LEU A 21 -26.95 -22.87 -58.86
N PHE A 22 -27.12 -22.75 -57.54
CA PHE A 22 -27.44 -23.92 -56.73
C PHE A 22 -28.76 -24.54 -57.16
N LEU A 23 -29.80 -23.71 -57.28
CA LEU A 23 -31.10 -24.20 -57.73
C LEU A 23 -30.99 -24.76 -59.15
N TYR A 24 -30.34 -24.01 -60.05
CA TYR A 24 -30.24 -24.44 -61.43
C TYR A 24 -29.51 -25.77 -61.56
N MET A 25 -28.56 -26.04 -60.67
CA MET A 25 -27.83 -27.30 -60.74
C MET A 25 -28.61 -28.44 -60.11
N LEU A 26 -29.25 -28.19 -58.96
CA LEU A 26 -30.10 -29.22 -58.38
C LEU A 26 -31.22 -29.61 -59.33
N VAL A 27 -31.55 -28.76 -60.30
CA VAL A 27 -32.54 -29.14 -61.32
C VAL A 27 -31.85 -29.78 -62.52
N ASN A 28 -31.06 -29.00 -63.26
CA ASN A 28 -30.55 -29.41 -64.56
C ASN A 28 -29.19 -30.12 -64.50
N CYS A 29 -28.70 -30.46 -63.32
CA CYS A 29 -27.41 -31.14 -63.19
C CYS A 29 -27.45 -32.12 -62.03
N LYS A 30 -28.56 -32.84 -61.88
CA LYS A 30 -28.69 -33.79 -60.79
C LYS A 30 -27.81 -35.02 -60.98
N GLU A 31 -27.43 -35.33 -62.21
CA GLU A 31 -26.71 -36.57 -62.52
C GLU A 31 -25.19 -36.39 -62.54
N THR A 32 -24.70 -35.21 -62.88
CA THR A 32 -23.27 -34.98 -62.98
C THR A 32 -22.66 -34.29 -61.76
N HIS A 33 -23.49 -33.68 -60.90
CA HIS A 33 -22.98 -32.95 -59.75
C HIS A 33 -23.89 -33.18 -58.55
N GLU A 34 -23.28 -33.27 -57.38
CA GLU A 34 -24.00 -33.27 -56.10
C GLU A 34 -23.81 -31.89 -55.48
N CYS A 35 -24.91 -31.16 -55.30
CA CYS A 35 -24.89 -29.77 -54.88
C CYS A 35 -25.49 -29.61 -53.50
N TRP A 36 -24.76 -28.91 -52.63
CA TRP A 36 -25.23 -28.61 -51.28
C TRP A 36 -25.06 -27.12 -51.02
N TRP A 37 -25.88 -26.59 -50.11
CA TRP A 37 -25.81 -25.19 -49.70
C TRP A 37 -25.43 -25.15 -48.23
N VAL A 38 -24.30 -24.53 -47.93
CA VAL A 38 -23.81 -24.39 -46.56
C VAL A 38 -24.23 -23.01 -46.06
N ALA A 39 -25.13 -22.97 -45.10
CA ALA A 39 -25.48 -21.72 -44.44
C ALA A 39 -24.46 -21.43 -43.32
N ASP A 40 -24.56 -20.24 -42.75
CA ASP A 40 -23.61 -19.84 -41.71
C ASP A 40 -23.96 -20.43 -40.35
N ASN A 41 -25.22 -20.75 -40.11
CA ASN A 41 -25.65 -21.27 -38.81
C ASN A 41 -26.80 -22.24 -39.04
N GLU A 42 -27.41 -22.69 -37.93
CA GLU A 42 -28.51 -23.64 -38.01
C GLU A 42 -29.81 -22.96 -38.43
N GLU A 43 -30.11 -21.79 -37.87
CA GLU A 43 -31.36 -21.12 -38.18
C GLU A 43 -31.48 -20.78 -39.66
N SER A 44 -30.36 -20.45 -40.31
CA SER A 44 -30.39 -20.17 -41.74
C SER A 44 -30.81 -21.41 -42.52
N MET A 45 -30.24 -22.57 -42.18
CA MET A 45 -30.64 -23.82 -42.82
C MET A 45 -32.12 -24.10 -42.57
N LYS A 46 -32.57 -23.93 -41.32
CA LYS A 46 -33.97 -24.18 -41.01
C LYS A 46 -34.88 -23.29 -41.84
N SER A 47 -34.52 -22.02 -41.98
CA SER A 47 -35.34 -21.09 -42.77
C SER A 47 -35.38 -21.51 -44.23
N ILE A 48 -34.21 -21.81 -44.82
CA ILE A 48 -34.17 -22.23 -46.22
C ILE A 48 -35.06 -23.45 -46.42
N LYS A 49 -34.95 -24.43 -45.52
CA LYS A 49 -35.67 -25.69 -45.72
C LYS A 49 -37.16 -25.50 -45.52
N LYS A 50 -37.56 -24.64 -44.58
CA LYS A 50 -38.98 -24.37 -44.39
C LYS A 50 -39.57 -23.65 -45.59
N SER A 51 -38.80 -22.71 -46.17
CA SER A 51 -39.32 -21.89 -47.26
C SER A 51 -39.25 -22.59 -48.61
N THR A 52 -38.38 -23.58 -48.77
CA THR A 52 -38.12 -24.20 -50.06
C THR A 52 -38.39 -25.70 -50.10
N GLY A 53 -38.36 -26.38 -48.96
CA GLY A 53 -38.59 -27.81 -48.93
C GLY A 53 -37.43 -28.67 -49.41
N LEU A 54 -36.32 -28.06 -49.81
CA LEU A 54 -35.17 -28.84 -50.26
C LEU A 54 -34.53 -29.58 -49.08
N LYS A 55 -33.76 -30.61 -49.40
CA LYS A 55 -33.05 -31.40 -48.40
C LYS A 55 -31.55 -31.31 -48.50
N ASN A 56 -31.00 -30.71 -49.55
CA ASN A 56 -29.55 -30.59 -49.71
C ASN A 56 -29.03 -29.28 -49.12
N ILE A 57 -29.47 -28.95 -47.91
CA ILE A 57 -29.05 -27.75 -47.21
C ILE A 57 -28.43 -28.16 -45.89
N THR A 58 -27.17 -27.78 -45.67
CA THR A 58 -26.47 -27.97 -44.41
C THR A 58 -25.97 -26.62 -43.93
N PHE A 59 -25.19 -26.62 -42.84
CA PHE A 59 -24.67 -25.39 -42.27
C PHE A 59 -23.20 -25.56 -41.91
N THR A 60 -22.54 -24.43 -41.67
CA THR A 60 -21.11 -24.43 -41.41
C THR A 60 -20.79 -25.21 -40.14
N ASP A 61 -19.70 -25.96 -40.18
CA ASP A 61 -19.20 -26.78 -39.07
C ASP A 61 -20.14 -27.93 -38.71
N SER A 62 -21.15 -28.18 -39.53
CA SER A 62 -21.98 -29.36 -39.34
C SER A 62 -21.18 -30.61 -39.69
N GLU A 63 -21.54 -31.73 -39.09
CA GLU A 63 -20.88 -32.99 -39.43
C GLU A 63 -21.07 -33.32 -40.90
N LYS A 64 -22.21 -32.93 -41.47
CA LYS A 64 -22.38 -33.05 -42.92
C LYS A 64 -21.41 -32.14 -43.66
N ALA A 65 -21.20 -30.92 -43.14
CA ALA A 65 -20.23 -30.02 -43.75
C ALA A 65 -18.80 -30.55 -43.58
N LYS A 66 -18.49 -31.03 -42.39
CA LYS A 66 -17.18 -31.66 -42.18
C LYS A 66 -16.98 -32.88 -43.05
N GLU A 67 -18.08 -33.50 -43.49
CA GLU A 67 -17.99 -34.63 -44.43
C GLU A 67 -17.77 -34.14 -45.86
N LEU A 68 -18.48 -33.08 -46.25
CA LEU A 68 -18.45 -32.64 -47.65
C LEU A 68 -17.19 -31.85 -47.98
N PHE A 69 -16.89 -30.82 -47.19
CA PHE A 69 -15.79 -29.93 -47.53
C PHE A 69 -14.45 -30.63 -47.76
N PRO A 70 -14.06 -31.65 -46.99
CA PRO A 70 -12.72 -32.22 -47.18
C PRO A 70 -12.46 -32.77 -48.58
N HIS A 71 -13.50 -33.21 -49.30
CA HIS A 71 -13.31 -33.82 -50.62
C HIS A 71 -14.29 -33.25 -51.64
N ALA A 72 -14.64 -31.97 -51.51
CA ALA A 72 -15.50 -31.33 -52.49
C ALA A 72 -14.70 -30.98 -53.74
N ASP A 73 -15.41 -30.51 -54.77
CA ASP A 73 -14.80 -30.11 -56.03
C ASP A 73 -14.88 -28.61 -56.29
N VAL A 74 -16.00 -27.96 -55.92
CA VAL A 74 -16.13 -26.52 -56.11
C VAL A 74 -16.87 -25.92 -54.92
N TYR A 75 -16.48 -24.69 -54.57
CA TYR A 75 -17.13 -23.90 -53.53
C TYR A 75 -17.53 -22.57 -54.17
N VAL A 76 -18.83 -22.36 -54.34
CA VAL A 76 -19.36 -21.18 -55.00
C VAL A 76 -19.65 -20.12 -53.95
N THR A 77 -19.28 -18.87 -54.27
CA THR A 77 -19.45 -17.76 -53.34
C THR A 77 -19.75 -16.50 -54.14
N GLU A 78 -20.30 -15.49 -53.44
CA GLU A 78 -20.51 -14.18 -54.02
C GLU A 78 -19.59 -13.12 -53.42
N ASN A 79 -18.66 -13.52 -52.55
CA ASN A 79 -17.74 -12.59 -51.91
C ASN A 79 -16.43 -13.32 -51.65
N PHE A 80 -15.40 -12.51 -51.34
CA PHE A 80 -14.16 -13.05 -50.77
C PHE A 80 -14.42 -13.25 -49.28
N ARG A 81 -14.83 -14.47 -48.93
CA ARG A 81 -15.29 -14.74 -47.57
C ARG A 81 -14.25 -14.31 -46.54
N GLU A 82 -14.73 -14.01 -45.34
CA GLU A 82 -13.83 -13.62 -44.26
C GLU A 82 -13.13 -14.83 -43.65
N SER A 83 -13.79 -15.98 -43.64
CA SER A 83 -13.17 -17.22 -43.17
C SER A 83 -13.59 -18.35 -44.10
N TYR A 84 -12.67 -19.29 -44.31
CA TYR A 84 -12.94 -20.50 -45.06
C TYR A 84 -12.69 -21.72 -44.18
N PRO A 85 -13.47 -22.78 -44.35
CA PRO A 85 -13.31 -23.96 -43.49
C PRO A 85 -11.86 -24.43 -43.45
N VAL A 86 -11.37 -24.70 -42.23
CA VAL A 86 -10.00 -25.13 -42.07
C VAL A 86 -9.79 -26.51 -42.68
N TYR A 87 -10.85 -27.30 -42.82
CA TYR A 87 -10.79 -28.61 -43.43
C TYR A 87 -11.16 -28.60 -44.91
N MET A 88 -11.34 -27.42 -45.49
CA MET A 88 -11.59 -27.32 -46.92
C MET A 88 -10.44 -27.97 -47.70
N ASN A 89 -10.78 -28.75 -48.72
CA ASN A 89 -9.76 -29.55 -49.39
C ASN A 89 -8.70 -28.65 -50.00
N GLU A 90 -7.50 -29.22 -50.16
CA GLU A 90 -6.36 -28.45 -50.63
C GLU A 90 -6.59 -27.88 -52.02
N ASN A 91 -7.21 -28.65 -52.90
CA ASN A 91 -7.29 -28.32 -54.32
C ASN A 91 -8.67 -27.81 -54.74
N ILE A 92 -9.51 -27.41 -53.78
CA ILE A 92 -10.84 -26.95 -54.13
C ILE A 92 -10.75 -25.74 -55.07
N LYS A 93 -11.82 -25.54 -55.84
CA LYS A 93 -11.95 -24.41 -56.74
C LYS A 93 -12.97 -23.45 -56.13
N VAL A 94 -12.51 -22.27 -55.72
CA VAL A 94 -13.38 -21.25 -55.16
C VAL A 94 -13.93 -20.44 -56.33
N PHE A 95 -15.16 -20.77 -56.74
CA PHE A 95 -15.84 -20.04 -57.81
C PHE A 95 -16.48 -18.81 -57.19
N ASN A 96 -15.79 -17.67 -57.30
CA ASN A 96 -16.28 -16.41 -56.75
C ASN A 96 -17.10 -15.73 -57.84
N THR A 97 -18.41 -15.92 -57.79
CA THR A 97 -19.34 -15.22 -58.70
C THR A 97 -19.77 -13.94 -58.01
N TRP A 98 -19.09 -12.84 -58.33
CA TRP A 98 -19.23 -11.57 -57.62
C TRP A 98 -20.68 -11.16 -57.44
N HIS A 99 -20.93 -10.18 -56.59
CA HIS A 99 -22.28 -9.76 -56.23
C HIS A 99 -22.78 -8.59 -57.07
N GLY A 100 -22.12 -8.28 -58.17
CA GLY A 100 -22.60 -7.24 -59.06
C GLY A 100 -21.46 -6.61 -59.84
N VAL A 101 -21.83 -5.88 -60.89
CA VAL A 101 -20.89 -5.12 -61.70
C VAL A 101 -21.21 -3.65 -61.54
N GLY A 102 -20.23 -2.82 -61.86
CA GLY A 102 -20.42 -1.38 -61.74
C GLY A 102 -19.15 -0.64 -62.04
N LEU A 103 -19.08 0.60 -61.54
CA LEU A 103 -17.97 1.49 -61.82
C LEU A 103 -17.44 2.13 -60.54
N LYS A 104 -17.53 1.41 -59.42
CA LYS A 104 -17.00 1.86 -58.14
C LYS A 104 -15.82 0.98 -57.73
N HIS A 105 -14.82 1.60 -57.11
CA HIS A 105 -13.67 0.85 -56.63
C HIS A 105 -14.06 -0.06 -55.47
N ILE A 106 -13.34 -1.17 -55.34
CA ILE A 106 -13.68 -2.20 -54.35
C ILE A 106 -12.40 -2.90 -53.89
N GLU A 107 -12.50 -3.58 -52.76
CA GLU A 107 -11.46 -4.49 -52.26
C GLU A 107 -10.17 -3.72 -52.09
N LEU A 108 -9.03 -4.22 -52.58
CA LEU A 108 -7.74 -3.61 -52.30
C LEU A 108 -7.66 -2.17 -52.77
N ALA A 109 -8.49 -1.77 -53.73
CA ALA A 109 -8.44 -0.40 -54.23
C ALA A 109 -8.95 0.61 -53.20
N LEU A 110 -9.73 0.18 -52.21
CA LEU A 110 -10.24 1.11 -51.22
C LEU A 110 -9.14 1.71 -50.36
N GLY A 111 -8.00 1.04 -50.26
CA GLY A 111 -6.85 1.63 -49.59
C GLY A 111 -6.99 1.71 -48.08
N MET A 112 -6.05 2.46 -47.49
CA MET A 112 -5.95 2.58 -46.05
C MET A 112 -6.89 3.64 -45.48
N ASN A 113 -7.39 4.55 -46.31
CA ASN A 113 -8.32 5.57 -45.85
C ASN A 113 -9.75 5.05 -45.73
N SER A 114 -10.03 3.87 -46.26
CA SER A 114 -11.39 3.36 -46.28
C SER A 114 -11.86 3.01 -44.87
N VAL A 115 -13.16 3.20 -44.64
CA VAL A 115 -13.77 2.80 -43.37
C VAL A 115 -13.68 1.29 -43.18
N LEU A 116 -13.48 0.54 -44.25
CA LEU A 116 -13.44 -0.91 -44.20
C LEU A 116 -12.02 -1.46 -44.26
N ALA A 117 -11.02 -0.63 -43.91
CA ALA A 117 -9.63 -1.04 -44.05
C ALA A 117 -9.32 -2.28 -43.21
N GLU A 118 -9.71 -2.27 -41.94
CA GLU A 118 -9.37 -3.38 -41.06
C GLU A 118 -9.95 -4.69 -41.59
N SER A 119 -11.20 -4.66 -42.09
CA SER A 119 -11.82 -5.90 -42.57
C SER A 119 -11.11 -6.43 -43.80
N ILE A 120 -10.71 -5.54 -44.72
CA ILE A 120 -9.98 -5.98 -45.90
C ILE A 120 -8.63 -6.58 -45.50
N VAL A 121 -7.91 -5.90 -44.63
CA VAL A 121 -6.61 -6.41 -44.19
C VAL A 121 -6.79 -7.78 -43.54
N ARG A 122 -7.81 -7.92 -42.70
CA ARG A 122 -8.08 -9.20 -42.06
C ARG A 122 -8.34 -10.29 -43.10
N LYS A 123 -9.30 -10.05 -43.98
CA LYS A 123 -9.62 -10.99 -45.05
C LYS A 123 -8.36 -11.46 -45.75
N TYR A 124 -7.56 -10.52 -46.27
CA TYR A 124 -6.46 -10.89 -47.15
C TYR A 124 -5.32 -11.52 -46.37
N VAL A 125 -4.90 -10.91 -45.26
CA VAL A 125 -3.87 -11.52 -44.42
C VAL A 125 -4.24 -12.96 -44.10
N ARG A 126 -5.52 -13.23 -43.80
CA ARG A 126 -5.93 -14.59 -43.49
C ARG A 126 -5.84 -15.49 -44.70
N ASN A 127 -6.50 -15.10 -45.80
CA ASN A 127 -6.83 -16.04 -46.87
C ASN A 127 -6.21 -15.66 -48.21
N TYR A 128 -5.01 -15.07 -48.20
CA TYR A 128 -4.40 -14.70 -49.48
C TYR A 128 -4.03 -15.92 -50.30
N ASP A 129 -3.56 -16.98 -49.65
CA ASP A 129 -3.23 -18.20 -50.39
C ASP A 129 -4.44 -18.70 -51.16
N ILE A 130 -5.59 -18.79 -50.48
CA ILE A 130 -6.81 -19.23 -51.14
C ILE A 130 -7.19 -18.25 -52.24
N TYR A 131 -7.23 -16.95 -51.92
CA TYR A 131 -7.61 -15.95 -52.91
C TYR A 131 -6.80 -16.08 -54.19
N LYS A 132 -5.49 -16.29 -54.07
CA LYS A 132 -4.64 -16.24 -55.25
C LYS A 132 -4.55 -17.58 -55.98
N ASN A 133 -4.62 -18.71 -55.27
CA ASN A 133 -4.38 -20.00 -55.88
C ASN A 133 -5.62 -20.86 -56.07
N ASN A 134 -6.78 -20.44 -55.57
CA ASN A 134 -7.97 -21.28 -55.64
C ASN A 134 -9.23 -20.52 -56.04
N VAL A 135 -9.16 -19.22 -56.31
CA VAL A 135 -10.34 -18.43 -56.63
C VAL A 135 -10.44 -18.28 -58.14
N LEU A 136 -11.56 -18.73 -58.71
CA LEU A 136 -11.91 -18.50 -60.10
C LEU A 136 -12.97 -17.39 -60.10
N PHE A 137 -12.53 -16.18 -60.41
CA PHE A 137 -13.42 -15.02 -60.37
C PHE A 137 -14.19 -14.90 -61.68
N LEU A 138 -15.49 -14.68 -61.57
CA LEU A 138 -16.36 -14.59 -62.73
C LEU A 138 -16.37 -13.15 -63.26
N THR A 139 -16.01 -12.99 -64.52
CA THR A 139 -16.02 -11.70 -65.20
C THR A 139 -17.07 -11.72 -66.31
N THR A 140 -17.73 -10.58 -66.50
CA THR A 140 -18.80 -10.47 -67.48
C THR A 140 -18.44 -9.67 -68.72
N SER A 141 -17.38 -8.86 -68.67
CA SER A 141 -16.94 -8.10 -69.82
C SER A 141 -15.47 -7.78 -69.66
N GLN A 142 -14.83 -7.40 -70.77
CA GLN A 142 -13.41 -7.05 -70.72
C GLN A 142 -13.19 -5.83 -69.84
N ALA A 143 -14.08 -4.84 -69.92
CA ALA A 143 -13.97 -3.67 -69.05
C ALA A 143 -14.05 -4.09 -67.59
N MET A 144 -15.06 -4.90 -67.24
CA MET A 144 -15.20 -5.34 -65.86
C MET A 144 -14.04 -6.24 -65.46
N GLU A 145 -13.57 -7.09 -66.36
CA GLU A 145 -12.42 -7.94 -66.03
C GLU A 145 -11.21 -7.09 -65.68
N ASP A 146 -10.92 -6.07 -66.49
CA ASP A 146 -9.79 -5.19 -66.22
C ASP A 146 -9.98 -4.45 -64.90
N HIS A 147 -11.18 -3.91 -64.67
CA HIS A 147 -11.46 -3.20 -63.43
C HIS A 147 -11.24 -4.09 -62.22
N PHE A 148 -11.78 -5.32 -62.27
CA PHE A 148 -11.66 -6.23 -61.13
C PHE A 148 -10.23 -6.67 -60.91
N LEU A 149 -9.50 -6.97 -61.99
CA LEU A 149 -8.10 -7.34 -61.85
C LEU A 149 -7.27 -6.18 -61.29
N GLU A 150 -7.66 -4.95 -61.61
CA GLU A 150 -6.99 -3.80 -61.01
C GLU A 150 -7.30 -3.69 -59.52
N ASP A 151 -8.53 -3.96 -59.12
CA ASP A 151 -8.96 -3.73 -57.75
C ASP A 151 -8.74 -4.93 -56.82
N MET A 152 -8.40 -6.10 -57.36
CA MET A 152 -8.32 -7.31 -56.56
C MET A 152 -7.03 -8.06 -56.86
N ALA A 153 -6.77 -9.09 -56.07
CA ALA A 153 -5.59 -9.93 -56.21
C ALA A 153 -6.03 -11.33 -56.65
N ILE A 154 -6.55 -11.41 -57.87
CA ILE A 154 -7.01 -12.66 -58.45
C ILE A 154 -6.06 -13.06 -59.58
N SER A 155 -5.98 -14.36 -59.83
CA SER A 155 -5.11 -14.89 -60.87
C SER A 155 -5.76 -14.67 -62.23
N LYS A 156 -5.03 -14.02 -63.14
CA LYS A 156 -5.57 -13.79 -64.48
C LYS A 156 -5.83 -15.11 -65.20
N GLU A 157 -5.13 -16.17 -64.82
CA GLU A 157 -5.29 -17.46 -65.48
C GLU A 157 -6.57 -18.18 -65.05
N LEU A 158 -7.10 -17.87 -63.87
CA LEU A 158 -8.26 -18.56 -63.33
C LEU A 158 -9.56 -17.82 -63.60
N ILE A 159 -9.54 -16.79 -64.45
CA ILE A 159 -10.75 -16.06 -64.76
C ILE A 159 -11.79 -17.00 -65.36
N ILE A 160 -13.06 -16.75 -65.06
CA ILE A 160 -14.19 -17.43 -65.67
C ILE A 160 -15.06 -16.38 -66.34
N ARG A 161 -15.27 -16.53 -67.64
CA ARG A 161 -16.06 -15.60 -68.43
C ARG A 161 -17.44 -16.17 -68.68
N GLY A 162 -18.48 -15.36 -68.48
CA GLY A 162 -19.82 -15.83 -68.72
C GLY A 162 -20.85 -14.85 -68.17
N LYS A 163 -22.04 -15.38 -67.91
CA LYS A 163 -23.19 -14.60 -67.48
C LYS A 163 -23.34 -14.66 -65.96
N TYR A 164 -24.22 -13.79 -65.46
CA TYR A 164 -24.57 -13.78 -64.04
C TYR A 164 -25.72 -14.76 -63.82
N PRO A 165 -25.50 -15.88 -63.12
CA PRO A 165 -26.60 -16.85 -62.93
C PRO A 165 -27.87 -16.23 -62.37
N ARG A 166 -27.77 -15.24 -61.49
CA ARG A 166 -28.96 -14.66 -60.88
C ARG A 166 -29.77 -13.80 -61.83
N ASN A 167 -29.20 -13.41 -62.98
CA ASN A 167 -29.89 -12.59 -63.96
C ASN A 167 -30.39 -13.39 -65.16
N ALA A 168 -30.18 -14.71 -65.18
CA ALA A 168 -30.57 -15.51 -66.32
C ALA A 168 -31.22 -16.84 -65.93
N VAL A 169 -31.48 -17.09 -64.64
CA VAL A 169 -31.98 -18.37 -64.19
C VAL A 169 -33.47 -18.27 -63.86
N TYR A 170 -33.90 -17.12 -63.34
CA TYR A 170 -35.29 -16.94 -62.93
C TYR A 170 -36.11 -16.28 -64.04
N GLY A 171 -35.96 -16.75 -65.27
CA GLY A 171 -36.68 -16.20 -66.39
C GLY A 171 -38.15 -16.57 -66.37
N PRO A 172 -38.85 -16.30 -67.46
CA PRO A 172 -40.29 -16.63 -67.50
C PRO A 172 -40.56 -18.11 -67.28
N ASN A 173 -39.85 -18.99 -67.99
CA ASN A 173 -40.00 -20.43 -67.84
C ASN A 173 -38.96 -21.02 -66.88
N GLY A 174 -38.22 -20.20 -66.18
CA GLY A 174 -37.10 -20.64 -65.37
C GLY A 174 -37.49 -21.05 -63.97
N ILE A 175 -36.59 -20.80 -63.03
CA ILE A 175 -36.72 -21.27 -61.66
C ILE A 175 -37.45 -20.22 -60.84
N HIS A 176 -38.27 -20.69 -59.90
CA HIS A 176 -38.96 -19.81 -58.95
C HIS A 176 -39.20 -20.58 -57.67
N THR A 177 -38.62 -20.10 -56.57
CA THR A 177 -38.83 -20.71 -55.25
C THR A 177 -40.08 -20.18 -54.57
N TYR A 178 -40.75 -19.20 -55.16
CA TYR A 178 -41.96 -18.63 -54.59
C TYR A 178 -42.82 -18.07 -55.71
N ASP A 179 -44.14 -18.09 -55.50
CA ASP A 179 -45.07 -17.48 -56.43
C ASP A 179 -45.22 -16.01 -56.10
N ILE A 180 -45.01 -15.16 -57.11
CA ILE A 180 -44.97 -13.72 -56.86
C ILE A 180 -46.35 -13.22 -56.40
N ASN A 181 -47.42 -13.77 -56.98
CA ASN A 181 -48.76 -13.31 -56.65
C ASN A 181 -49.09 -13.48 -55.16
N THR A 182 -48.43 -14.42 -54.48
CA THR A 182 -48.69 -14.61 -53.06
C THR A 182 -48.17 -13.47 -52.20
N LEU A 183 -47.36 -12.57 -52.76
CA LEU A 183 -46.81 -11.45 -52.02
C LEU A 183 -47.49 -10.13 -52.36
N LEU A 184 -48.19 -10.05 -53.49
CA LEU A 184 -48.78 -8.80 -53.94
C LEU A 184 -50.22 -8.67 -53.45
N PRO A 185 -50.69 -7.45 -53.17
CA PRO A 185 -52.12 -7.29 -52.85
C PRO A 185 -53.03 -7.83 -53.94
N LYS A 186 -52.69 -7.61 -55.21
CA LYS A 186 -53.42 -8.17 -56.34
C LYS A 186 -52.45 -8.89 -57.26
N ASN A 187 -52.98 -9.70 -58.16
CA ASN A 187 -52.14 -10.35 -59.15
C ASN A 187 -51.49 -9.30 -60.05
N LYS A 188 -50.30 -9.63 -60.54
CA LYS A 188 -49.56 -8.69 -61.38
C LYS A 188 -50.39 -8.21 -62.56
N SER A 189 -51.24 -9.08 -63.10
CA SER A 189 -52.04 -8.72 -64.27
C SER A 189 -53.07 -7.64 -63.96
N GLN A 190 -53.43 -7.47 -62.69
CA GLN A 190 -54.44 -6.49 -62.30
C GLN A 190 -53.86 -5.10 -62.05
N TYR A 191 -52.62 -4.85 -62.46
CA TYR A 191 -52.03 -3.53 -62.45
C TYR A 191 -51.69 -3.12 -63.87
N SER A 192 -51.69 -1.81 -64.12
CA SER A 192 -51.28 -1.31 -65.42
C SER A 192 -49.77 -1.38 -65.58
N GLN A 193 -49.03 -1.33 -64.48
CA GLN A 193 -47.58 -1.30 -64.53
C GLN A 193 -47.03 -1.63 -63.15
N THR A 194 -45.89 -2.32 -63.14
CA THR A 194 -45.15 -2.62 -61.92
C THR A 194 -43.88 -1.77 -61.93
N ILE A 195 -43.72 -0.96 -60.88
CA ILE A 195 -42.55 -0.10 -60.70
C ILE A 195 -41.76 -0.63 -59.52
N LEU A 196 -40.44 -0.67 -59.67
CA LEU A 196 -39.54 -1.12 -58.62
C LEU A 196 -38.59 0.02 -58.27
N PHE A 197 -38.68 0.52 -57.04
CA PHE A 197 -37.86 1.63 -56.56
C PHE A 197 -36.65 1.05 -55.82
N CYS A 198 -35.46 1.33 -56.34
CA CYS A 198 -34.22 0.72 -55.84
C CYS A 198 -33.21 1.81 -55.45
N PRO A 199 -33.45 2.51 -54.35
CA PRO A 199 -32.47 3.51 -53.89
C PRO A 199 -31.29 2.87 -53.18
N THR A 200 -30.13 3.49 -53.36
CA THR A 200 -28.92 3.12 -52.65
C THR A 200 -28.84 3.91 -51.35
N TYR A 201 -27.88 3.52 -50.50
CA TYR A 201 -27.60 4.30 -49.30
C TYR A 201 -26.64 5.44 -49.65
N ARG A 202 -26.97 6.64 -49.17
CA ARG A 202 -26.25 7.85 -49.54
C ARG A 202 -25.18 8.17 -48.51
N ILE A 203 -24.48 9.29 -48.73
CA ILE A 203 -23.43 9.75 -47.84
C ILE A 203 -24.05 10.14 -46.50
N GLY A 204 -24.85 11.20 -46.51
CA GLY A 204 -25.50 11.66 -45.29
C GLY A 204 -26.41 12.84 -45.51
N ALA A 205 -27.56 12.84 -44.84
CA ALA A 205 -28.53 13.93 -44.94
C ALA A 205 -29.32 14.01 -43.65
N ILE A 206 -29.86 15.19 -43.38
CA ILE A 206 -30.65 15.39 -42.17
C ILE A 206 -31.81 14.40 -42.14
N GLN A 207 -32.59 14.34 -43.20
CA GLN A 207 -33.67 13.36 -43.33
C GLN A 207 -33.12 12.05 -43.88
N GLY A 208 -33.75 10.95 -43.47
CA GLY A 208 -33.39 9.65 -44.00
C GLY A 208 -33.43 9.65 -45.51
N VAL A 209 -32.70 8.72 -46.14
CA VAL A 209 -32.66 8.65 -47.59
C VAL A 209 -34.08 8.56 -48.15
N LEU A 210 -34.90 7.70 -47.55
CA LEU A 210 -36.27 7.52 -48.04
C LEU A 210 -37.08 8.80 -47.88
N ASN A 211 -36.84 9.54 -46.79
CA ASN A 211 -37.58 10.78 -46.58
C ASN A 211 -37.17 11.84 -47.59
N SER A 212 -35.87 11.92 -47.91
CA SER A 212 -35.42 12.87 -48.91
C SER A 212 -35.92 12.51 -50.30
N LEU A 213 -36.02 11.22 -50.59
CA LEU A 213 -36.47 10.77 -51.90
C LEU A 213 -37.98 10.68 -52.00
N LEU A 214 -38.66 10.18 -50.97
CA LEU A 214 -40.11 10.02 -50.95
C LEU A 214 -40.66 10.66 -49.69
N PRO A 215 -40.85 11.98 -49.69
CA PRO A 215 -41.31 12.65 -48.47
C PRO A 215 -42.79 12.44 -48.19
N ASP A 216 -43.60 12.38 -49.24
CA ASP A 216 -45.06 12.27 -49.12
C ASP A 216 -45.49 10.95 -49.75
N PHE A 217 -45.62 9.92 -48.92
CA PHE A 217 -46.12 8.63 -49.42
C PHE A 217 -47.60 8.68 -49.74
N ALA A 218 -48.35 9.58 -49.09
CA ALA A 218 -49.78 9.68 -49.36
C ALA A 218 -50.04 10.05 -50.81
N LYS A 219 -49.35 11.09 -51.31
CA LYS A 219 -49.55 11.49 -52.70
C LYS A 219 -49.00 10.44 -53.66
N LEU A 220 -47.94 9.74 -53.28
CA LEU A 220 -47.45 8.64 -54.10
C LEU A 220 -48.51 7.57 -54.25
N GLU A 221 -49.17 7.20 -53.14
CA GLU A 221 -50.24 6.23 -53.22
C GLU A 221 -51.39 6.74 -54.06
N GLU A 222 -51.73 8.02 -53.92
CA GLU A 222 -52.81 8.59 -54.73
C GLU A 222 -52.49 8.47 -56.22
N VAL A 223 -51.26 8.83 -56.61
CA VAL A 223 -50.86 8.74 -58.01
C VAL A 223 -50.93 7.29 -58.48
N CYS A 224 -50.33 6.37 -57.71
CA CYS A 224 -50.29 4.98 -58.14
C CYS A 224 -51.67 4.36 -58.21
N ARG A 225 -52.59 4.78 -57.35
CA ARG A 225 -53.97 4.33 -57.47
C ARG A 225 -54.61 4.89 -58.74
N HIS A 226 -54.39 6.17 -59.02
CA HIS A 226 -54.90 6.76 -60.25
C HIS A 226 -54.46 5.95 -61.47
N LYS A 227 -53.18 5.59 -61.51
CA LYS A 227 -52.62 4.86 -62.64
C LYS A 227 -52.65 3.35 -62.44
N ASN A 228 -53.18 2.87 -61.32
CA ASN A 228 -53.27 1.43 -61.04
C ASN A 228 -51.90 0.77 -61.13
N GLN A 229 -50.89 1.45 -60.61
CA GLN A 229 -49.52 0.96 -60.63
C GLN A 229 -49.17 0.32 -59.29
N LEU A 230 -48.32 -0.71 -59.34
CA LEU A 230 -47.81 -1.36 -58.14
C LEU A 230 -46.40 -0.85 -57.87
N PHE A 231 -46.25 -0.07 -56.81
CA PHE A 231 -44.98 0.58 -56.47
C PHE A 231 -44.30 -0.26 -55.39
N ILE A 232 -43.21 -0.93 -55.76
CA ILE A 232 -42.51 -1.85 -54.87
C ILE A 232 -41.25 -1.16 -54.36
N VAL A 233 -41.20 -0.93 -53.06
CA VAL A 233 -40.08 -0.21 -52.44
C VAL A 233 -39.05 -1.22 -51.97
N LYS A 234 -37.86 -1.16 -52.56
CA LYS A 234 -36.74 -2.04 -52.21
C LYS A 234 -35.53 -1.16 -51.91
N VAL A 235 -35.19 -1.04 -50.63
CA VAL A 235 -34.12 -0.15 -50.20
C VAL A 235 -32.89 -0.96 -49.83
N HIS A 236 -31.75 -0.27 -49.77
CA HIS A 236 -30.53 -0.90 -49.28
C HIS A 236 -30.75 -1.34 -47.83
N PRO A 237 -30.18 -2.48 -47.41
CA PRO A 237 -30.41 -2.94 -46.03
C PRO A 237 -30.12 -1.88 -44.98
N PHE A 238 -29.11 -1.04 -45.19
CA PHE A 238 -28.76 -0.04 -44.19
C PHE A 238 -29.83 1.03 -44.06
N MET A 239 -30.60 1.27 -45.12
CA MET A 239 -31.67 2.26 -45.07
C MET A 239 -32.83 1.81 -44.20
N LYS A 240 -32.97 0.49 -43.96
CA LYS A 240 -34.08 -0.01 -43.17
C LYS A 240 -33.94 0.32 -41.69
N LYS A 241 -32.71 0.60 -41.23
CA LYS A 241 -32.52 0.98 -39.83
C LYS A 241 -33.24 2.27 -39.48
N ASP A 242 -33.50 3.13 -40.47
CA ASP A 242 -34.22 4.37 -40.22
C ASP A 242 -35.62 4.06 -39.69
N ASN A 243 -36.05 4.85 -38.69
CA ASN A 243 -37.39 4.70 -38.15
C ASN A 243 -38.46 5.18 -39.12
N TYR A 244 -38.12 6.08 -40.05
CA TYR A 244 -39.07 6.49 -41.07
C TYR A 244 -39.42 5.33 -42.00
N PHE A 245 -38.43 4.50 -42.32
CA PHE A 245 -38.70 3.30 -43.11
C PHE A 245 -39.74 2.43 -42.43
N ALA A 246 -39.54 2.12 -41.14
CA ALA A 246 -40.49 1.28 -40.43
C ALA A 246 -41.85 1.95 -40.32
N GLU A 247 -41.86 3.26 -40.08
CA GLU A 247 -43.11 4.00 -39.97
C GLU A 247 -43.93 3.86 -41.25
N MET A 248 -43.35 4.23 -42.39
CA MET A 248 -44.06 4.15 -43.66
C MET A 248 -44.32 2.71 -44.09
N SER A 249 -43.53 1.75 -43.61
CA SER A 249 -43.77 0.36 -43.94
C SER A 249 -45.01 -0.17 -43.21
N GLU A 250 -45.09 0.10 -41.91
CA GLU A 250 -46.27 -0.33 -41.16
C GLU A 250 -47.51 0.45 -41.58
N LYS A 251 -47.35 1.72 -41.99
CA LYS A 251 -48.51 2.49 -42.42
C LYS A 251 -49.16 1.85 -43.65
N TYR A 252 -48.36 1.47 -44.63
CA TYR A 252 -48.84 0.89 -45.88
C TYR A 252 -48.67 -0.63 -45.90
N LYS A 253 -48.97 -1.28 -44.78
CA LYS A 253 -48.84 -2.74 -44.70
C LYS A 253 -49.85 -3.43 -45.61
N ASP A 254 -51.07 -2.91 -45.67
CA ASP A 254 -52.13 -3.47 -46.50
C ASP A 254 -52.44 -2.61 -47.72
N SER A 255 -51.52 -1.72 -48.10
CA SER A 255 -51.74 -0.86 -49.25
C SER A 255 -51.82 -1.69 -50.53
N GLU A 256 -52.78 -1.35 -51.39
CA GLU A 256 -52.98 -2.07 -52.63
C GLU A 256 -52.04 -1.61 -53.74
N TYR A 257 -51.44 -0.44 -53.61
CA TYR A 257 -50.59 0.13 -54.65
C TYR A 257 -49.20 0.52 -54.16
N ILE A 258 -48.88 0.30 -52.89
CA ILE A 258 -47.54 0.53 -52.35
C ILE A 258 -47.17 -0.70 -51.53
N LEU A 259 -46.12 -1.39 -51.94
CA LEU A 259 -45.68 -2.64 -51.33
C LEU A 259 -44.23 -2.49 -50.91
N PHE A 260 -43.98 -2.52 -49.60
CA PHE A 260 -42.62 -2.55 -49.09
C PHE A 260 -42.11 -3.98 -49.20
N TRP A 261 -41.19 -4.21 -50.13
CA TRP A 261 -40.76 -5.57 -50.46
C TRP A 261 -40.24 -6.29 -49.22
N ASN A 262 -40.69 -7.53 -49.04
CA ASN A 262 -40.20 -8.39 -47.97
C ASN A 262 -38.89 -9.03 -48.43
N ASP A 263 -37.82 -8.77 -47.68
CA ASP A 263 -36.49 -9.22 -48.08
C ASP A 263 -36.25 -10.70 -47.85
N ASP A 264 -37.22 -11.42 -47.26
CA ASP A 264 -37.11 -12.87 -47.17
C ASP A 264 -37.23 -13.55 -48.54
N TYR A 265 -37.59 -12.80 -49.58
CA TYR A 265 -37.78 -13.34 -50.92
C TYR A 265 -36.82 -12.65 -51.88
N ASP A 266 -36.10 -13.44 -52.66
CA ASP A 266 -35.10 -12.91 -53.59
C ASP A 266 -35.81 -12.08 -54.66
N ILE A 267 -35.58 -10.77 -54.64
CA ILE A 267 -36.20 -9.88 -55.60
C ILE A 267 -35.79 -10.23 -57.02
N TYR A 268 -34.62 -10.85 -57.20
CA TYR A 268 -34.16 -11.19 -58.55
C TYR A 268 -35.14 -12.14 -59.24
N GLU A 269 -35.69 -13.10 -58.49
CA GLU A 269 -36.69 -14.00 -59.06
C GLU A 269 -37.83 -13.23 -59.71
N ALA A 270 -38.10 -12.02 -59.24
CA ALA A 270 -39.22 -11.22 -59.71
C ALA A 270 -38.83 -10.20 -60.78
N PHE A 271 -37.59 -10.18 -61.23
CA PHE A 271 -37.17 -9.17 -62.20
C PHE A 271 -38.03 -9.21 -63.45
N ASN A 272 -38.37 -10.41 -63.94
CA ASN A 272 -39.15 -10.52 -65.16
C ASN A 272 -40.53 -9.87 -65.03
N SER A 273 -40.99 -9.64 -63.80
CA SER A 273 -42.29 -9.03 -63.56
C SER A 273 -42.22 -7.51 -63.40
N ILE A 274 -41.02 -6.93 -63.45
CA ILE A 274 -40.85 -5.50 -63.27
C ILE A 274 -40.93 -4.82 -64.64
N ASP A 275 -41.91 -3.93 -64.80
CA ASP A 275 -42.06 -3.19 -66.04
C ASP A 275 -41.27 -1.89 -66.04
N LEU A 276 -41.03 -1.31 -64.86
CA LEU A 276 -40.29 -0.05 -64.74
C LEU A 276 -39.40 -0.12 -63.51
N ALA A 277 -38.22 0.50 -63.61
CA ALA A 277 -37.25 0.50 -62.53
C ALA A 277 -36.79 1.94 -62.27
N ILE A 278 -37.05 2.43 -61.07
CA ILE A 278 -36.59 3.74 -60.62
C ILE A 278 -35.30 3.49 -59.83
N ILE A 279 -34.16 3.78 -60.46
CA ILE A 279 -32.85 3.45 -59.91
C ILE A 279 -32.05 4.75 -59.72
N ASP A 280 -30.94 4.63 -58.98
CA ASP A 280 -30.03 5.74 -58.80
C ASP A 280 -28.59 5.28 -59.03
N TYR A 281 -27.88 4.91 -57.95
CA TYR A 281 -26.46 4.57 -58.04
C TYR A 281 -26.19 3.13 -57.65
N SER A 282 -27.21 2.28 -57.62
CA SER A 282 -27.04 0.89 -57.23
C SER A 282 -26.61 0.06 -58.43
N SER A 283 -25.74 -0.93 -58.17
CA SER A 283 -25.34 -1.85 -59.23
C SER A 283 -26.53 -2.65 -59.76
N ILE A 284 -27.60 -2.77 -58.98
CA ILE A 284 -28.73 -3.59 -59.37
C ILE A 284 -29.29 -3.14 -60.72
N PHE A 285 -29.15 -1.85 -61.04
CA PHE A 285 -29.56 -1.38 -62.36
C PHE A 285 -29.03 -2.30 -63.44
N TYR A 286 -27.71 -2.52 -63.46
CA TYR A 286 -27.13 -3.41 -64.46
C TYR A 286 -27.76 -4.80 -64.40
N ASP A 287 -27.92 -5.34 -63.19
CA ASP A 287 -28.64 -6.61 -63.04
C ASP A 287 -29.99 -6.54 -63.77
N LEU A 288 -30.77 -5.50 -63.50
CA LEU A 288 -32.04 -5.33 -64.19
C LEU A 288 -31.84 -5.32 -65.69
N LEU A 289 -30.85 -4.56 -66.16
CA LEU A 289 -30.58 -4.51 -67.59
C LEU A 289 -30.28 -5.91 -68.14
N ASP A 290 -29.62 -6.74 -67.34
CA ASP A 290 -29.30 -8.09 -67.77
C ASP A 290 -30.50 -9.03 -67.66
N ALA A 291 -31.49 -8.69 -66.84
CA ALA A 291 -32.68 -9.51 -66.69
C ALA A 291 -33.75 -9.22 -67.73
N GLY A 292 -33.55 -8.20 -68.57
CA GLY A 292 -34.49 -7.87 -69.62
C GLY A 292 -35.27 -6.59 -69.38
N VAL A 293 -35.20 -6.00 -68.18
CA VAL A 293 -35.92 -4.76 -67.92
C VAL A 293 -35.41 -3.67 -68.85
N GLU A 294 -36.33 -2.91 -69.43
CA GLU A 294 -35.98 -1.92 -70.44
C GLU A 294 -36.45 -0.51 -70.14
N LYS A 295 -37.33 -0.31 -69.17
CA LYS A 295 -37.79 1.03 -68.78
C LYS A 295 -37.09 1.44 -67.50
N PHE A 296 -36.43 2.60 -67.52
CA PHE A 296 -35.65 3.07 -66.38
C PHE A 296 -35.88 4.55 -66.13
N ILE A 297 -35.97 4.90 -64.85
CA ILE A 297 -36.01 6.29 -64.40
C ILE A 297 -34.84 6.47 -63.43
N ARG A 298 -33.94 7.39 -63.76
CA ARG A 298 -32.82 7.73 -62.88
C ARG A 298 -33.28 8.87 -61.98
N TYR A 299 -33.73 8.51 -60.78
CA TYR A 299 -34.17 9.48 -59.77
C TYR A 299 -32.94 9.88 -58.97
N VAL A 300 -32.21 10.86 -59.47
CA VAL A 300 -30.93 11.26 -58.90
C VAL A 300 -30.98 12.73 -58.49
N PRO A 301 -31.78 13.09 -57.47
CA PRO A 301 -31.77 14.49 -57.02
C PRO A 301 -30.44 14.92 -56.45
N ASP A 302 -29.74 14.02 -55.76
CA ASP A 302 -28.44 14.32 -55.14
C ASP A 302 -27.29 13.87 -56.02
N LEU A 303 -27.37 14.19 -57.32
CA LEU A 303 -26.34 13.75 -58.25
C LEU A 303 -24.99 14.39 -57.93
N ASP A 304 -25.00 15.66 -57.51
CA ASP A 304 -23.78 16.42 -57.30
C ASP A 304 -23.20 16.23 -55.90
N GLU A 305 -23.85 15.45 -55.04
CA GLU A 305 -23.29 15.09 -53.74
C GLU A 305 -22.69 13.70 -53.71
N TYR A 306 -22.98 12.88 -54.73
CA TYR A 306 -22.46 11.51 -54.82
C TYR A 306 -21.37 11.38 -55.88
N GLN A 307 -21.62 11.88 -57.09
CA GLN A 307 -20.62 11.78 -58.15
C GLN A 307 -19.43 12.68 -57.85
N ASN A 308 -19.68 13.94 -57.48
CA ASN A 308 -18.59 14.84 -57.15
C ASN A 308 -17.78 14.33 -55.98
N ASP A 309 -18.39 13.54 -55.10
CA ASP A 309 -17.68 13.02 -53.92
C ASP A 309 -16.83 11.81 -54.29
N LEU A 310 -17.49 10.70 -54.62
CA LEU A 310 -16.77 9.46 -54.92
C LEU A 310 -16.00 9.58 -56.24
N GLU A 311 -14.88 8.87 -56.30
CA GLU A 311 -14.08 8.76 -57.51
C GLU A 311 -14.42 7.45 -58.20
N LEU A 312 -14.99 7.54 -59.40
CA LEU A 312 -15.46 6.39 -60.15
C LEU A 312 -14.52 6.08 -61.30
N ILE A 313 -14.72 4.92 -61.92
CA ILE A 313 -13.90 4.53 -63.06
C ILE A 313 -14.47 5.05 -64.38
N GLY A 314 -15.72 5.51 -64.40
CA GLY A 314 -16.33 6.03 -65.60
C GLY A 314 -17.39 7.05 -65.27
N ASP A 315 -18.01 7.58 -66.31
CA ASP A 315 -19.05 8.60 -66.15
C ASP A 315 -20.39 7.95 -65.87
N TYR A 316 -21.05 8.41 -64.81
CA TYR A 316 -22.31 7.80 -64.39
C TYR A 316 -23.38 7.92 -65.48
N ALA A 317 -23.60 9.15 -65.97
CA ALA A 317 -24.66 9.36 -66.95
C ALA A 317 -24.42 8.56 -68.22
N ASP A 318 -23.16 8.40 -68.62
CA ASP A 318 -22.87 7.71 -69.87
C ASP A 318 -23.08 6.21 -69.73
N LEU A 319 -22.68 5.62 -68.60
CA LEU A 319 -22.73 4.18 -68.41
C LEU A 319 -23.98 3.74 -67.65
N THR A 320 -25.00 4.58 -67.59
CA THR A 320 -26.30 4.22 -67.02
C THR A 320 -27.40 4.71 -67.96
N GLU A 321 -28.63 4.34 -67.65
CA GLU A 321 -29.76 4.67 -68.49
C GLU A 321 -30.98 4.98 -67.62
N GLY A 322 -31.91 5.72 -68.21
CA GLY A 322 -33.17 6.07 -67.55
C GLY A 322 -33.41 7.56 -67.67
N ARG A 323 -34.69 7.93 -67.72
CA ARG A 323 -35.03 9.34 -67.77
C ARG A 323 -34.55 10.03 -66.50
N ILE A 324 -33.82 11.13 -66.65
CA ILE A 324 -33.28 11.85 -65.50
C ILE A 324 -34.41 12.57 -64.78
N VAL A 325 -34.40 12.49 -63.45
CA VAL A 325 -35.38 13.19 -62.61
C VAL A 325 -34.69 13.58 -61.31
N LYS A 326 -34.89 14.83 -60.88
CA LYS A 326 -34.20 15.36 -59.72
C LYS A 326 -35.14 15.96 -58.68
N SER A 327 -36.44 15.76 -58.80
CA SER A 327 -37.38 16.33 -57.84
C SER A 327 -38.55 15.38 -57.65
N PHE A 328 -39.06 15.33 -56.42
CA PHE A 328 -40.21 14.47 -56.11
C PHE A 328 -41.42 14.87 -56.94
N GLN A 329 -41.65 16.18 -57.10
CA GLN A 329 -42.78 16.64 -57.89
C GLN A 329 -42.69 16.17 -59.33
N GLN A 330 -41.50 16.27 -59.93
CA GLN A 330 -41.36 15.80 -61.31
C GLN A 330 -41.40 14.29 -61.39
N LEU A 331 -40.95 13.59 -60.35
CA LEU A 331 -41.12 12.14 -60.32
C LEU A 331 -42.59 11.76 -60.36
N LEU A 332 -43.41 12.43 -59.55
CA LEU A 332 -44.84 12.15 -59.56
C LEU A 332 -45.48 12.55 -60.89
N ASN A 333 -45.07 13.70 -61.44
CA ASN A 333 -45.57 14.12 -62.74
C ASN A 333 -45.26 13.07 -63.80
N CYS A 334 -44.07 12.46 -63.73
CA CYS A 334 -43.70 11.41 -64.67
C CYS A 334 -44.55 10.17 -64.45
N LEU A 335 -44.65 9.71 -63.21
CA LEU A 335 -45.45 8.52 -62.92
C LEU A 335 -46.89 8.69 -63.37
N ASP A 336 -47.41 9.91 -63.32
CA ASP A 336 -48.80 10.14 -63.69
C ASP A 336 -48.96 10.29 -65.20
N ASN A 337 -48.18 11.17 -65.83
CA ASN A 337 -48.35 11.53 -67.23
C ASN A 337 -47.02 11.36 -67.96
N ALA A 338 -46.58 10.11 -68.14
CA ALA A 338 -45.38 9.85 -68.91
C ALA A 338 -45.34 8.37 -69.27
N ASN A 339 -45.06 8.08 -70.54
CA ASN A 339 -44.88 6.72 -71.03
C ASN A 339 -43.38 6.52 -71.25
N ILE A 340 -42.70 6.04 -70.22
CA ILE A 340 -41.25 5.82 -70.31
C ILE A 340 -40.98 4.84 -71.44
N LYS A 341 -40.12 5.25 -72.38
CA LYS A 341 -39.83 4.44 -73.55
C LYS A 341 -38.70 3.46 -73.25
N ILE A 342 -38.76 2.29 -73.89
CA ILE A 342 -37.71 1.30 -73.74
C ILE A 342 -36.37 1.92 -74.13
N ILE A 343 -35.30 1.39 -73.54
CA ILE A 343 -33.95 1.84 -73.90
C ILE A 343 -33.73 1.56 -75.38
N SER A 344 -33.20 2.55 -76.09
CA SER A 344 -32.95 2.39 -77.53
C SER A 344 -32.04 1.20 -77.77
N THR A 345 -32.28 0.50 -78.89
CA THR A 345 -31.53 -0.71 -79.19
C THR A 345 -30.03 -0.42 -79.19
N LYS A 346 -29.61 0.67 -79.83
CA LYS A 346 -28.19 1.00 -79.87
C LYS A 346 -27.65 1.29 -78.48
N ARG A 347 -28.43 1.98 -77.65
CA ARG A 347 -27.99 2.30 -76.30
C ARG A 347 -27.87 1.05 -75.45
N LYS A 348 -28.84 0.14 -75.56
CA LYS A 348 -28.74 -1.12 -74.84
C LYS A 348 -27.55 -1.92 -75.32
N GLN A 349 -27.29 -1.93 -76.62
CA GLN A 349 -26.09 -2.60 -77.13
C GLN A 349 -24.84 -2.00 -76.51
N TYR A 350 -24.76 -0.67 -76.45
CA TYR A 350 -23.62 0.00 -75.86
C TYR A 350 -23.39 -0.45 -74.42
N LEU A 351 -24.40 -0.27 -73.57
CA LEU A 351 -24.24 -0.60 -72.16
C LEU A 351 -23.99 -2.10 -71.96
N MET A 352 -24.73 -2.94 -72.69
CA MET A 352 -24.61 -4.37 -72.53
C MET A 352 -23.23 -4.85 -72.95
N ASP A 353 -22.70 -4.36 -74.07
CA ASP A 353 -21.31 -4.63 -74.39
C ASP A 353 -20.47 -4.24 -73.17
N TYR A 354 -20.43 -2.94 -72.86
CA TYR A 354 -19.49 -2.44 -71.86
C TYR A 354 -19.50 -3.29 -70.60
N PHE A 355 -20.66 -3.79 -70.17
CA PHE A 355 -20.76 -4.42 -68.85
C PHE A 355 -20.87 -5.94 -68.89
N PHE A 356 -21.64 -6.53 -69.81
CA PHE A 356 -21.77 -7.98 -69.95
C PHE A 356 -21.43 -8.40 -71.38
N GLY A 357 -20.28 -7.93 -71.90
CA GLY A 357 -19.90 -8.30 -73.25
C GLY A 357 -19.77 -9.79 -73.47
N PHE A 358 -19.16 -10.50 -72.52
CA PHE A 358 -18.97 -11.93 -72.67
C PHE A 358 -20.28 -12.70 -72.76
N LYS A 359 -21.42 -12.03 -72.59
CA LYS A 359 -22.72 -12.67 -72.80
C LYS A 359 -22.93 -12.99 -74.28
N LYS A 360 -22.30 -12.23 -75.18
CA LYS A 360 -22.48 -12.42 -76.62
C LYS A 360 -21.67 -13.58 -77.17
N GLU A 361 -20.83 -14.22 -76.35
CA GLU A 361 -20.03 -15.37 -76.80
C GLU A 361 -20.78 -16.68 -76.69
N ASN A 362 -22.10 -16.66 -76.95
CA ASN A 362 -22.93 -17.86 -76.87
C ASN A 362 -22.78 -18.54 -75.51
N LYS A 363 -22.67 -17.72 -74.46
CA LYS A 363 -22.50 -18.26 -73.13
C LYS A 363 -23.79 -18.92 -72.63
N SER A 364 -23.65 -19.71 -71.59
CA SER A 364 -24.78 -20.44 -71.02
C SER A 364 -24.43 -20.84 -69.60
N MET A 365 -25.43 -21.33 -68.87
CA MET A 365 -25.18 -21.87 -67.54
C MET A 365 -24.28 -23.09 -67.62
N GLU A 366 -24.67 -24.07 -68.44
CA GLU A 366 -23.83 -25.26 -68.60
C GLU A 366 -22.45 -24.90 -69.14
N SER A 367 -22.35 -23.87 -69.97
CA SER A 367 -21.05 -23.42 -70.42
C SER A 367 -20.20 -22.94 -69.24
N LEU A 368 -20.83 -22.22 -68.31
CA LEU A 368 -20.11 -21.78 -67.12
C LEU A 368 -19.66 -22.96 -66.28
N ILE A 369 -20.55 -23.94 -66.08
CA ILE A 369 -20.20 -25.11 -65.27
C ILE A 369 -19.07 -25.89 -65.94
N ALA A 370 -19.06 -25.94 -67.27
CA ALA A 370 -18.00 -26.63 -67.98
C ALA A 370 -16.68 -25.88 -67.84
N ASP A 371 -16.69 -24.57 -68.06
CA ASP A 371 -15.48 -23.78 -67.88
C ASP A 371 -14.92 -23.97 -66.48
N VAL A 372 -15.80 -24.09 -65.48
CA VAL A 372 -15.33 -24.29 -64.11
C VAL A 372 -14.72 -25.68 -63.96
N ASP A 373 -15.51 -26.72 -64.24
CA ASP A 373 -15.04 -28.09 -64.01
C ASP A 373 -13.75 -28.38 -64.77
N ASN A 374 -13.67 -27.93 -66.02
CA ASN A 374 -12.51 -28.20 -66.85
C ASN A 374 -11.31 -27.30 -66.53
N CYS A 375 -11.41 -26.49 -65.48
CA CYS A 375 -10.30 -25.62 -65.11
C CYS A 375 -9.21 -26.41 -64.39
N GLN A 376 -7.99 -25.88 -64.44
CA GLN A 376 -6.83 -26.52 -63.86
C GLN A 376 -6.15 -25.54 -62.92
N LEU A 377 -6.00 -25.95 -61.65
CA LEU A 377 -5.29 -25.12 -60.67
C LEU A 377 -3.79 -25.38 -60.81
N GLN A 378 -3.06 -24.35 -61.21
CA GLN A 378 -1.61 -24.42 -61.28
C GLN A 378 -1.03 -23.50 -60.21
N PRO A 379 -1.14 -23.86 -58.93
CA PRO A 379 -0.78 -22.93 -57.86
C PRO A 379 0.71 -22.68 -57.80
N LYS A 380 1.06 -21.65 -57.03
CA LYS A 380 2.45 -21.30 -56.72
C LYS A 380 2.62 -21.24 -55.22
N SER A 381 3.72 -21.81 -54.72
CA SER A 381 4.02 -21.74 -53.30
C SER A 381 4.44 -20.33 -52.92
N LEU A 382 3.74 -19.73 -51.97
CA LEU A 382 3.94 -18.34 -51.59
C LEU A 382 4.80 -18.23 -50.33
N LYS A 383 5.51 -17.12 -50.24
CA LYS A 383 6.36 -16.84 -49.09
C LYS A 383 5.53 -16.38 -47.90
N GLU A 384 6.11 -16.48 -46.71
CA GLU A 384 5.50 -16.01 -45.49
C GLU A 384 6.18 -14.72 -45.03
N LEU A 385 5.47 -13.97 -44.19
CA LEU A 385 5.96 -12.72 -43.63
C LEU A 385 6.10 -12.85 -42.12
N HIS A 386 7.22 -12.36 -41.60
CA HIS A 386 7.52 -12.45 -40.17
C HIS A 386 8.04 -11.09 -39.71
N THR A 387 7.20 -10.33 -39.03
CA THR A 387 7.57 -9.03 -38.48
C THR A 387 7.96 -9.18 -37.01
N PHE A 388 8.86 -8.32 -36.56
CA PHE A 388 9.43 -8.42 -35.22
C PHE A 388 9.39 -7.08 -34.52
N ASP A 389 8.82 -7.07 -33.32
CA ASP A 389 9.04 -5.95 -32.40
C ASP A 389 10.51 -5.86 -32.05
N ILE A 390 10.97 -4.66 -31.71
CA ILE A 390 12.37 -4.45 -31.40
C ILE A 390 12.58 -4.50 -29.88
N PHE A 391 12.24 -3.41 -29.20
CA PHE A 391 12.57 -3.29 -27.79
C PHE A 391 11.91 -4.41 -26.98
N ASP A 392 12.72 -5.11 -26.19
CA ASP A 392 12.29 -6.23 -25.36
C ASP A 392 11.78 -7.40 -26.19
N THR A 393 12.13 -7.44 -27.48
CA THR A 393 11.86 -8.59 -28.33
C THR A 393 13.14 -9.00 -29.04
N LEU A 394 13.71 -8.10 -29.84
CA LEU A 394 14.99 -8.35 -30.49
C LEU A 394 16.16 -7.80 -29.69
N ILE A 395 15.93 -6.76 -28.87
CA ILE A 395 16.97 -6.18 -28.04
C ILE A 395 16.39 -5.81 -26.68
N ARG A 396 17.28 -5.57 -25.73
CA ARG A 396 16.91 -5.25 -24.35
C ARG A 396 17.90 -4.25 -23.80
N ARG A 397 17.66 -3.80 -22.56
CA ARG A 397 18.47 -2.78 -21.91
C ARG A 397 19.30 -3.42 -20.82
N SER A 398 20.57 -2.99 -20.72
CA SER A 398 21.47 -3.53 -19.71
C SER A 398 21.02 -3.20 -18.30
N THR A 399 20.06 -2.27 -18.13
CA THR A 399 19.45 -1.99 -16.85
C THR A 399 17.98 -2.38 -16.83
N LEU A 400 17.50 -3.07 -17.87
CA LEU A 400 16.15 -3.62 -17.92
C LEU A 400 15.09 -2.55 -18.08
N ARG A 401 14.77 -1.84 -17.01
CA ARG A 401 13.67 -0.87 -17.05
C ARG A 401 14.03 0.30 -17.95
N PRO A 402 13.07 0.85 -18.70
CA PRO A 402 13.38 2.03 -19.51
C PRO A 402 13.80 3.24 -18.68
N PHE A 403 13.10 3.52 -17.58
CA PHE A 403 13.39 4.73 -16.81
C PHE A 403 14.82 4.75 -16.29
N SER A 404 15.47 3.60 -16.15
CA SER A 404 16.88 3.59 -15.78
C SER A 404 17.65 4.57 -16.65
N ILE A 405 17.40 4.53 -17.97
CA ILE A 405 18.05 5.46 -18.89
C ILE A 405 17.94 6.89 -18.36
N PHE A 406 16.71 7.34 -18.10
CA PHE A 406 16.52 8.69 -17.60
C PHE A 406 17.36 8.94 -16.36
N ASP A 407 17.32 7.99 -15.41
CA ASP A 407 18.19 8.09 -14.24
C ASP A 407 19.62 8.40 -14.68
N TYR A 408 20.19 7.51 -15.50
CA TYR A 408 21.52 7.74 -16.05
C TYR A 408 21.65 9.17 -16.57
N VAL A 409 20.74 9.58 -17.46
CA VAL A 409 20.83 10.92 -18.03
C VAL A 409 20.86 11.97 -16.93
N ARG A 410 19.93 11.88 -15.99
CA ARG A 410 19.93 12.81 -14.86
C ARG A 410 21.29 12.82 -14.20
N ASP A 411 21.82 11.64 -13.87
CA ASP A 411 23.09 11.55 -13.17
C ASP A 411 24.20 12.27 -13.93
N LYS A 412 24.11 12.31 -15.27
CA LYS A 412 25.12 13.04 -16.03
C LYS A 412 24.89 14.54 -15.93
N ALA A 413 23.63 14.99 -16.08
CA ALA A 413 23.34 16.42 -16.03
C ALA A 413 23.91 17.05 -14.77
N LYS A 414 23.47 16.58 -13.60
CA LYS A 414 23.93 17.14 -12.34
C LYS A 414 25.45 17.15 -12.22
N ALA A 415 26.14 16.27 -12.95
CA ALA A 415 27.59 16.16 -12.85
C ALA A 415 28.32 16.90 -13.96
N SER A 416 27.62 17.37 -14.99
CA SER A 416 28.31 17.93 -16.15
C SER A 416 28.98 19.25 -15.82
N GLY A 417 28.43 20.01 -14.86
CA GLY A 417 28.84 21.36 -14.61
C GLY A 417 27.92 22.40 -15.23
N ILE A 418 27.11 22.01 -16.20
CA ILE A 418 26.09 22.89 -16.75
C ILE A 418 24.98 23.02 -15.71
N LYS A 419 24.70 24.25 -15.30
CA LYS A 419 23.63 24.46 -14.32
C LYS A 419 22.27 24.18 -14.95
N PHE A 420 21.43 23.46 -14.22
CA PHE A 420 20.08 23.11 -14.63
C PHE A 420 19.11 23.56 -13.55
N PRO A 421 17.82 23.73 -13.91
CA PRO A 421 16.82 23.98 -12.88
C PRO A 421 16.64 22.77 -11.98
N LEU A 422 16.51 23.03 -10.67
CA LEU A 422 16.37 21.95 -9.71
C LEU A 422 15.21 21.03 -10.10
N ALA A 423 14.07 21.61 -10.47
CA ALA A 423 12.92 20.81 -10.88
C ALA A 423 13.29 19.84 -11.99
N LEU A 424 14.22 20.23 -12.86
CA LEU A 424 14.60 19.37 -13.96
C LEU A 424 15.52 18.24 -13.51
N THR A 425 16.57 18.58 -12.76
CA THR A 425 17.50 17.54 -12.30
C THR A 425 16.82 16.58 -11.34
N GLU A 426 16.39 17.07 -10.18
CA GLU A 426 15.90 16.18 -9.14
C GLU A 426 14.71 15.35 -9.61
N ASN A 427 13.91 15.88 -10.53
CA ASN A 427 12.66 15.25 -10.94
C ASN A 427 12.68 14.85 -12.41
N TRP A 428 13.86 14.53 -12.94
CA TRP A 428 13.99 14.33 -14.38
C TRP A 428 13.08 13.19 -14.87
N ILE A 429 12.95 12.12 -14.07
CA ILE A 429 12.14 10.99 -14.50
C ILE A 429 10.72 11.44 -14.79
N ASN A 430 10.04 11.97 -13.79
CA ASN A 430 8.67 12.44 -13.97
C ASN A 430 8.58 13.54 -15.01
N VAL A 431 9.48 14.53 -14.91
CA VAL A 431 9.46 15.64 -15.86
C VAL A 431 9.43 15.10 -17.30
N ARG A 432 10.39 14.24 -17.64
CA ARG A 432 10.53 13.81 -19.03
C ARG A 432 9.42 12.85 -19.44
N ASN A 433 9.06 11.90 -18.57
CA ASN A 433 8.01 10.95 -18.94
C ASN A 433 6.67 11.66 -19.13
N ARG A 434 6.34 12.57 -18.21
CA ARG A 434 5.10 13.33 -18.34
C ARG A 434 5.14 14.28 -19.54
N ALA A 435 6.31 14.82 -19.88
CA ALA A 435 6.38 15.63 -21.10
C ALA A 435 6.13 14.77 -22.34
N GLU A 436 6.68 13.56 -22.37
CA GLU A 436 6.41 12.66 -23.47
C GLU A 436 4.92 12.38 -23.61
N HIS A 437 4.26 12.02 -22.51
CA HIS A 437 2.83 11.77 -22.56
C HIS A 437 2.05 13.03 -22.93
N ASP A 438 2.55 14.20 -22.52
CA ASP A 438 1.91 15.46 -22.89
C ASP A 438 1.94 15.66 -24.40
N VAL A 439 3.12 15.48 -25.01
CA VAL A 439 3.24 15.60 -26.45
C VAL A 439 2.34 14.60 -27.15
N ARG A 440 2.24 13.38 -26.59
CA ARG A 440 1.38 12.37 -27.19
C ARG A 440 -0.08 12.82 -27.17
N ASP A 441 -0.55 13.34 -26.04
CA ASP A 441 -1.93 13.82 -25.97
C ASP A 441 -2.14 14.98 -26.92
N ILE A 442 -1.14 15.86 -27.06
CA ILE A 442 -1.26 16.96 -28.00
C ILE A 442 -1.47 16.44 -29.42
N MET A 443 -0.63 15.49 -29.83
CA MET A 443 -0.79 14.90 -31.16
C MET A 443 -2.18 14.30 -31.31
N ARG A 444 -2.63 13.54 -30.32
CA ARG A 444 -3.94 12.90 -30.42
C ARG A 444 -5.06 13.93 -30.57
N LYS A 445 -4.93 15.06 -29.88
CA LYS A 445 -5.97 16.08 -29.88
C LYS A 445 -5.87 17.06 -31.04
N THR A 446 -4.78 17.03 -31.82
CA THR A 446 -4.58 17.97 -32.92
C THR A 446 -4.63 17.29 -34.28
N THR A 447 -5.50 16.28 -34.44
CA THR A 447 -5.60 15.61 -35.74
C THR A 447 -6.34 16.47 -36.76
N PHE A 448 -7.29 17.28 -36.31
CA PHE A 448 -7.95 18.20 -37.23
C PHE A 448 -7.01 19.34 -37.62
N GLU A 449 -6.42 20.01 -36.62
CA GLU A 449 -5.53 21.13 -36.92
C GLU A 449 -4.41 20.72 -37.87
N ARG A 450 -4.02 19.44 -37.86
CA ARG A 450 -2.96 18.94 -38.71
C ARG A 450 -3.47 18.23 -39.96
N GLN A 451 -4.78 18.02 -40.08
CA GLN A 451 -5.36 17.34 -41.23
C GLN A 451 -4.68 16.00 -41.47
N SER A 452 -4.38 15.29 -40.38
CA SER A 452 -3.69 14.01 -40.47
C SER A 452 -4.09 13.14 -39.28
N ASP A 453 -4.22 11.84 -39.53
CA ASP A 453 -4.54 10.88 -38.48
C ASP A 453 -3.31 10.30 -37.81
N LYS A 454 -2.12 10.53 -38.36
CA LYS A 454 -0.89 10.12 -37.70
C LYS A 454 -0.74 10.88 -36.38
N ILE A 455 -0.31 10.19 -35.33
CA ILE A 455 -0.26 10.79 -34.00
C ILE A 455 1.02 10.43 -33.26
N GLU A 456 2.00 9.86 -33.96
CA GLU A 456 3.24 9.48 -33.32
C GLU A 456 4.11 10.71 -33.08
N ILE A 457 4.84 10.70 -31.97
CA ILE A 457 5.69 11.82 -31.59
C ILE A 457 7.13 11.52 -31.96
N THR A 458 8.02 12.49 -31.74
CA THR A 458 9.45 12.30 -31.91
C THR A 458 10.18 12.92 -30.73
N LEU A 459 11.39 12.41 -30.48
CA LEU A 459 12.23 12.95 -29.41
C LEU A 459 12.32 14.47 -29.50
N ASP A 460 12.43 14.99 -30.73
CA ASP A 460 12.51 16.44 -30.91
C ASP A 460 11.26 17.14 -30.39
N ASP A 461 10.09 16.52 -30.57
CA ASP A 461 8.87 17.13 -30.04
C ASP A 461 8.89 17.21 -28.52
N ILE A 462 9.34 16.14 -27.88
CA ILE A 462 9.40 16.11 -26.41
C ILE A 462 10.32 17.21 -25.91
N TYR A 463 11.52 17.29 -26.48
CA TYR A 463 12.48 18.28 -25.99
C TYR A 463 12.12 19.69 -26.43
N THR A 464 11.37 19.86 -27.53
CA THR A 464 10.84 21.17 -27.87
C THR A 464 9.84 21.63 -26.82
N ARG A 465 8.89 20.78 -26.46
CA ARG A 465 7.97 21.11 -25.38
C ARG A 465 8.74 21.53 -24.13
N LEU A 466 9.69 20.70 -23.71
CA LEU A 466 10.44 20.99 -22.49
C LEU A 466 11.17 22.32 -22.58
N GLN A 467 11.85 22.57 -23.71
CA GLN A 467 12.67 23.77 -23.81
C GLN A 467 11.79 25.02 -23.87
N LYS A 468 10.76 25.00 -24.72
CA LYS A 468 9.94 26.18 -24.89
C LYS A 468 9.12 26.52 -23.65
N ASN A 469 8.80 25.52 -22.79
CA ASN A 469 7.98 25.82 -21.62
C ASN A 469 8.74 25.78 -20.30
N LEU A 470 10.01 25.40 -20.29
CA LEU A 470 10.88 25.56 -19.13
C LEU A 470 11.94 26.61 -19.37
N LEU A 471 11.88 27.30 -20.51
CA LEU A 471 12.84 28.35 -20.87
C LEU A 471 14.27 27.88 -20.63
N LEU A 472 14.64 26.84 -21.38
CA LEU A 472 15.96 26.24 -21.31
C LEU A 472 16.82 26.70 -22.48
N THR A 473 18.13 26.75 -22.24
CA THR A 473 19.06 27.12 -23.28
C THR A 473 19.29 25.96 -24.23
N ASP A 474 19.74 26.28 -25.46
CA ASP A 474 20.06 25.23 -26.42
C ASP A 474 21.11 24.29 -25.85
N GLU A 475 22.06 24.82 -25.07
CA GLU A 475 23.08 23.98 -24.46
C GLU A 475 22.45 22.92 -23.57
N GLN A 476 21.58 23.32 -22.65
CA GLN A 476 20.94 22.38 -21.73
C GLN A 476 20.14 21.33 -22.49
N THR A 477 19.29 21.78 -23.41
CA THR A 477 18.41 20.87 -24.13
C THR A 477 19.21 19.87 -24.96
N ASP A 478 20.23 20.35 -25.67
CA ASP A 478 21.05 19.46 -26.48
C ASP A 478 21.84 18.50 -25.61
N PHE A 479 22.38 18.97 -24.48
CA PHE A 479 23.07 18.06 -23.58
C PHE A 479 22.15 16.92 -23.17
N LEU A 480 20.94 17.26 -22.70
CA LEU A 480 20.03 16.22 -22.23
C LEU A 480 19.64 15.27 -23.36
N LYS A 481 19.33 15.80 -24.53
CA LYS A 481 18.87 14.95 -25.63
C LYS A 481 19.98 14.01 -26.09
N GLN A 482 21.18 14.55 -26.30
CA GLN A 482 22.29 13.70 -26.73
C GLN A 482 22.68 12.71 -25.65
N ALA A 483 22.57 13.09 -24.38
CA ALA A 483 22.82 12.14 -23.29
C ALA A 483 21.84 10.98 -23.34
N GLU A 484 20.56 11.28 -23.54
CA GLU A 484 19.57 10.20 -23.63
C GLU A 484 19.86 9.30 -24.83
N ILE A 485 20.20 9.90 -25.98
CA ILE A 485 20.47 9.08 -27.17
C ILE A 485 21.67 8.17 -26.93
N GLU A 486 22.78 8.75 -26.47
CA GLU A 486 23.97 7.95 -26.23
C GLU A 486 23.75 6.89 -25.16
N ALA A 487 22.92 7.19 -24.16
CA ALA A 487 22.66 6.21 -23.12
C ALA A 487 21.81 5.06 -23.64
N GLU A 488 20.77 5.38 -24.41
CA GLU A 488 19.99 4.33 -25.05
C GLU A 488 20.87 3.44 -25.91
N ILE A 489 21.84 4.04 -26.62
CA ILE A 489 22.72 3.23 -27.46
C ILE A 489 23.65 2.37 -26.61
N ALA A 490 24.22 2.96 -25.55
CA ALA A 490 25.23 2.26 -24.77
C ALA A 490 24.66 1.19 -23.86
N HIS A 491 23.35 1.20 -23.61
CA HIS A 491 22.70 0.20 -22.77
C HIS A 491 22.07 -0.91 -23.60
N VAL A 492 22.30 -0.92 -24.91
CA VAL A 492 21.73 -1.96 -25.76
C VAL A 492 22.38 -3.30 -25.45
N GLU A 493 21.57 -4.35 -25.47
CA GLU A 493 22.03 -5.74 -25.42
C GLU A 493 21.16 -6.53 -26.38
N PRO A 494 21.72 -7.53 -27.05
CA PRO A 494 20.89 -8.34 -27.96
C PRO A 494 20.11 -9.40 -27.19
N ILE A 495 18.95 -9.74 -27.75
CA ILE A 495 18.23 -10.96 -27.38
C ILE A 495 18.59 -11.96 -28.46
N GLN A 496 19.70 -12.68 -28.23
CA GLN A 496 20.38 -13.36 -29.33
C GLN A 496 19.52 -14.45 -29.95
N LYS A 497 18.76 -15.18 -29.12
CA LYS A 497 18.00 -16.31 -29.65
C LYS A 497 16.98 -15.85 -30.68
N ARG A 498 16.26 -14.75 -30.41
CA ARG A 498 15.27 -14.29 -31.36
C ARG A 498 15.92 -13.67 -32.60
N ILE A 499 17.07 -13.01 -32.46
CA ILE A 499 17.78 -12.50 -33.63
C ILE A 499 18.19 -13.65 -34.54
N ASN A 500 18.76 -14.70 -33.95
CA ASN A 500 19.16 -15.85 -34.75
C ASN A 500 17.97 -16.56 -35.36
N TYR A 501 16.84 -16.59 -34.65
CA TYR A 501 15.63 -17.17 -35.25
C TYR A 501 15.14 -16.34 -36.42
N LEU A 502 15.18 -15.01 -36.29
CA LEU A 502 14.82 -14.13 -37.39
C LEU A 502 15.69 -14.41 -38.62
N PHE A 503 17.00 -14.57 -38.39
CA PHE A 503 17.88 -14.78 -39.54
C PHE A 503 17.76 -16.19 -40.09
N SER A 504 17.42 -17.18 -39.26
CA SER A 504 17.09 -18.50 -39.79
C SER A 504 15.85 -18.44 -40.67
N LEU A 505 14.82 -17.70 -40.24
CA LEU A 505 13.66 -17.48 -41.08
C LEU A 505 14.07 -16.86 -42.41
N LYS A 506 14.83 -15.76 -42.35
CA LYS A 506 15.28 -15.10 -43.58
C LYS A 506 16.02 -16.09 -44.49
N ALA A 507 16.87 -16.93 -43.90
CA ALA A 507 17.61 -17.92 -44.69
C ALA A 507 16.71 -19.00 -45.26
N LYS A 508 15.57 -19.27 -44.64
CA LYS A 508 14.62 -20.23 -45.21
C LYS A 508 13.90 -19.67 -46.42
N GLY A 509 14.08 -18.39 -46.75
CA GLY A 509 13.42 -17.77 -47.87
C GLY A 509 12.26 -16.88 -47.51
N HIS A 510 11.89 -16.81 -46.23
CA HIS A 510 10.79 -15.95 -45.81
C HIS A 510 11.25 -14.50 -45.74
N ASP A 511 10.28 -13.60 -45.82
CA ASP A 511 10.52 -12.18 -45.65
C ASP A 511 10.37 -11.81 -44.18
N VAL A 512 11.33 -11.05 -43.66
CA VAL A 512 11.32 -10.60 -42.28
C VAL A 512 11.46 -9.09 -42.25
N ALA A 513 10.88 -8.47 -41.23
CA ALA A 513 10.95 -7.04 -41.05
C ALA A 513 10.79 -6.71 -39.56
N MET A 514 11.02 -5.44 -39.23
CA MET A 514 10.85 -4.95 -37.87
C MET A 514 9.79 -3.86 -37.87
N ALA A 515 8.83 -3.97 -36.95
CA ALA A 515 7.80 -2.96 -36.75
C ALA A 515 7.84 -2.54 -35.29
N SER A 516 8.28 -1.32 -35.03
CA SER A 516 8.50 -0.83 -33.68
C SER A 516 7.79 0.50 -33.46
N ASP A 517 7.21 0.65 -32.27
CA ASP A 517 6.64 1.92 -31.82
C ASP A 517 7.66 2.60 -30.94
N MET A 518 8.25 3.69 -31.43
CA MET A 518 9.29 4.38 -30.69
C MET A 518 9.44 5.78 -31.26
N TYR A 519 9.78 6.73 -30.39
CA TYR A 519 9.94 8.12 -30.77
C TYR A 519 11.35 8.44 -31.28
N LEU A 520 12.34 7.65 -30.89
CA LEU A 520 13.72 7.86 -31.33
C LEU A 520 13.80 7.97 -32.84
N PRO A 521 14.77 8.72 -33.38
CA PRO A 521 14.91 8.78 -34.84
C PRO A 521 15.35 7.44 -35.40
N GLU A 522 15.16 7.28 -36.71
CA GLU A 522 15.47 6.01 -37.36
C GLU A 522 16.96 5.70 -37.28
N ASP A 523 17.82 6.72 -37.43
CA ASP A 523 19.26 6.45 -37.41
C ASP A 523 19.71 6.01 -36.02
N VAL A 524 19.11 6.56 -34.96
CA VAL A 524 19.43 6.09 -33.61
C VAL A 524 19.00 4.65 -33.43
N ILE A 525 17.81 4.31 -33.95
CA ILE A 525 17.35 2.93 -33.86
C ILE A 525 18.32 1.99 -34.58
N TYR A 526 18.78 2.39 -35.76
CA TYR A 526 19.69 1.53 -36.51
C TYR A 526 21.04 1.42 -35.81
N LYS A 527 21.51 2.49 -35.17
CA LYS A 527 22.75 2.40 -34.40
C LYS A 527 22.58 1.43 -33.22
N MET A 528 21.44 1.50 -32.54
CA MET A 528 21.18 0.57 -31.44
C MET A 528 21.17 -0.87 -31.94
N LEU A 529 20.44 -1.12 -33.03
CA LEU A 529 20.41 -2.46 -33.61
C LEU A 529 21.81 -2.94 -33.97
N ASP A 530 22.59 -2.07 -34.63
CA ASP A 530 23.94 -2.44 -35.04
C ASP A 530 24.80 -2.78 -33.84
N ARG A 531 24.62 -2.07 -32.73
CA ARG A 531 25.36 -2.40 -31.51
C ARG A 531 24.84 -3.69 -30.89
N ALA A 532 23.60 -4.07 -31.15
CA ALA A 532 23.10 -5.37 -30.72
C ALA A 532 23.60 -6.49 -31.63
N ASP A 533 23.48 -6.28 -32.94
CA ASP A 533 23.95 -7.26 -33.92
C ASP A 533 24.03 -6.55 -35.26
N THR A 534 25.22 -6.56 -35.87
CA THR A 534 25.42 -5.78 -37.10
C THR A 534 24.48 -6.22 -38.21
N ARG A 535 24.22 -7.53 -38.31
CA ARG A 535 23.33 -8.02 -39.35
C ARG A 535 22.00 -7.28 -39.34
N LEU A 536 21.50 -6.94 -38.15
CA LEU A 536 20.19 -6.29 -38.06
C LEU A 536 20.12 -5.00 -38.88
N ARG A 537 21.26 -4.39 -39.19
CA ARG A 537 21.23 -3.15 -39.96
C ARG A 537 20.69 -3.36 -41.37
N GLU A 538 20.66 -4.60 -41.85
CA GLU A 538 20.24 -4.88 -43.23
C GLU A 538 18.79 -5.33 -43.32
N ILE A 539 18.04 -5.29 -42.21
CA ILE A 539 16.66 -5.78 -42.20
C ILE A 539 15.71 -4.60 -42.36
N PRO A 540 14.63 -4.74 -43.14
CA PRO A 540 13.67 -3.64 -43.26
C PRO A 540 13.16 -3.18 -41.90
N LEU A 541 12.78 -1.90 -41.84
CA LEU A 541 12.39 -1.29 -40.58
C LEU A 541 11.16 -0.42 -40.80
N TYR A 542 10.13 -0.65 -39.99
CA TYR A 542 8.91 0.17 -39.97
C TYR A 542 8.84 0.83 -38.60
N LEU A 543 9.49 1.99 -38.48
CA LEU A 543 9.52 2.73 -37.23
C LEU A 543 8.36 3.71 -37.20
N SER A 544 7.63 3.73 -36.09
CA SER A 544 6.44 4.55 -36.00
C SER A 544 6.79 6.03 -36.13
N SER A 545 7.90 6.46 -35.53
CA SER A 545 8.27 7.87 -35.58
C SER A 545 8.47 8.33 -37.02
N THR A 546 8.99 7.46 -37.88
CA THR A 546 9.20 7.83 -39.27
C THR A 546 7.89 7.85 -40.05
N ILE A 547 6.96 6.97 -39.71
CA ILE A 547 5.77 6.77 -40.52
C ILE A 547 4.59 7.56 -39.98
N GLY A 548 4.53 7.70 -38.66
CA GLY A 548 3.43 8.38 -38.01
C GLY A 548 2.31 7.47 -37.54
N TYR A 549 2.35 6.19 -37.88
CA TYR A 549 1.35 5.22 -37.46
C TYR A 549 1.96 4.21 -36.50
N GLN A 550 1.12 3.65 -35.63
CA GLN A 550 1.58 2.83 -34.53
C GLN A 550 0.90 1.47 -34.54
N LYS A 551 1.57 0.49 -33.94
CA LYS A 551 0.96 -0.82 -33.73
C LYS A 551 -0.16 -0.76 -32.72
N SER A 552 -0.05 0.13 -31.73
CA SER A 552 -1.08 0.22 -30.70
C SER A 552 -2.44 0.54 -31.31
N THR A 553 -2.48 1.43 -32.30
CA THR A 553 -3.71 1.73 -33.03
C THR A 553 -3.98 0.76 -34.17
N GLY A 554 -3.04 -0.12 -34.47
CA GLY A 554 -3.14 -1.00 -35.62
C GLY A 554 -2.88 -0.33 -36.95
N LYS A 555 -2.71 0.99 -36.97
CA LYS A 555 -2.51 1.68 -38.24
C LYS A 555 -1.18 1.33 -38.88
N LEU A 556 -0.13 1.07 -38.09
CA LEU A 556 1.15 0.71 -38.67
C LEU A 556 1.06 -0.63 -39.40
N TYR A 557 0.25 -1.56 -38.89
CA TYR A 557 0.05 -2.83 -39.59
C TYR A 557 -0.66 -2.62 -40.92
N GLN A 558 -1.69 -1.78 -40.95
CA GLN A 558 -2.36 -1.47 -42.20
C GLN A 558 -1.39 -0.82 -43.18
N HIS A 559 -0.55 0.08 -42.69
CA HIS A 559 0.45 0.72 -43.55
C HIS A 559 1.41 -0.29 -44.11
N ILE A 560 1.84 -1.26 -43.30
CA ILE A 560 2.71 -2.31 -43.80
C ILE A 560 2.00 -3.14 -44.86
N PHE A 561 0.72 -3.44 -44.63
CA PHE A 561 -0.03 -4.25 -45.60
C PHE A 561 -0.15 -3.54 -46.93
N PHE A 562 -0.44 -2.24 -46.91
CA PHE A 562 -0.65 -1.50 -48.15
C PHE A 562 0.66 -1.02 -48.78
N ASP A 563 1.75 -1.00 -48.03
CA ASP A 563 3.03 -0.55 -48.55
C ASP A 563 3.75 -1.67 -49.29
N LEU A 564 3.80 -2.86 -48.68
CA LEU A 564 4.39 -4.00 -49.33
C LEU A 564 3.48 -4.51 -50.44
N ASP A 565 4.09 -5.18 -51.42
CA ASP A 565 3.34 -5.91 -52.43
C ASP A 565 2.87 -7.23 -51.80
N TYR A 566 1.87 -7.10 -50.94
CA TYR A 566 1.48 -8.23 -50.09
C TYR A 566 1.15 -9.45 -50.93
N GLN A 567 1.97 -10.48 -50.82
CA GLN A 567 1.81 -11.71 -51.57
C GLN A 567 1.98 -12.94 -50.69
N TYR A 568 1.73 -12.79 -49.39
CA TYR A 568 2.14 -13.79 -48.40
C TYR A 568 1.00 -14.71 -48.03
N SER A 569 1.34 -15.97 -47.75
CA SER A 569 0.36 -16.95 -47.30
C SER A 569 0.10 -16.85 -45.80
N ARG A 570 0.96 -16.17 -45.06
CA ARG A 570 0.79 -16.06 -43.62
C ARG A 570 1.61 -14.88 -43.11
N TRP A 571 1.09 -14.23 -42.07
CA TRP A 571 1.76 -13.10 -41.42
C TRP A 571 1.86 -13.42 -39.94
N THR A 572 3.09 -13.46 -39.42
CA THR A 572 3.35 -13.71 -38.01
C THR A 572 4.14 -12.55 -37.43
N HIS A 573 3.71 -12.08 -36.26
CA HIS A 573 4.33 -10.95 -35.58
C HIS A 573 4.75 -11.39 -34.19
N TYR A 574 6.03 -11.18 -33.86
CA TYR A 574 6.60 -11.57 -32.58
C TYR A 574 6.81 -10.35 -31.72
N GLY A 575 6.28 -10.38 -30.50
CA GLY A 575 6.36 -9.19 -29.66
C GLY A 575 6.16 -9.50 -28.19
N ASP A 576 6.15 -8.43 -27.40
CA ASP A 576 5.98 -8.52 -25.96
C ASP A 576 4.73 -7.83 -25.44
N ASN A 577 4.06 -7.04 -26.27
CA ASN A 577 2.90 -6.25 -25.84
C ASN A 577 1.63 -7.04 -26.08
N LYS A 578 0.87 -7.29 -25.02
CA LYS A 578 -0.36 -8.06 -25.15
C LYS A 578 -1.40 -7.34 -26.00
N HIS A 579 -1.26 -6.03 -26.19
CA HIS A 579 -2.17 -5.23 -27.00
C HIS A 579 -1.53 -4.82 -28.32
N ALA A 580 -0.47 -4.00 -28.28
CA ALA A 580 0.13 -3.51 -29.51
C ALA A 580 0.60 -4.65 -30.40
N ASP A 581 1.16 -5.71 -29.80
CA ASP A 581 1.74 -6.82 -30.55
C ASP A 581 0.89 -8.09 -30.45
N GLY A 582 -0.35 -7.96 -29.99
CA GLY A 582 -1.20 -9.13 -29.83
C GLY A 582 -2.64 -8.88 -30.26
N SER A 583 -3.43 -8.26 -29.39
CA SER A 583 -4.83 -7.99 -29.68
C SER A 583 -5.01 -7.32 -31.03
N VAL A 584 -4.33 -6.20 -31.24
CA VAL A 584 -4.54 -5.37 -32.42
C VAL A 584 -4.17 -6.14 -33.68
N PRO A 585 -2.94 -6.66 -33.80
CA PRO A 585 -2.61 -7.43 -35.02
C PRO A 585 -3.54 -8.60 -35.24
N ARG A 586 -3.97 -9.28 -34.17
CA ARG A 586 -4.92 -10.37 -34.33
C ARG A 586 -6.23 -9.88 -34.93
N ARG A 587 -6.67 -8.68 -34.54
CA ARG A 587 -7.85 -8.11 -35.17
C ARG A 587 -7.65 -7.95 -36.67
N LEU A 588 -6.41 -7.78 -37.10
CA LEU A 588 -6.07 -7.65 -38.52
C LEU A 588 -5.76 -8.99 -39.18
N GLY A 589 -6.11 -10.10 -38.52
CA GLY A 589 -5.88 -11.41 -39.08
C GLY A 589 -4.45 -11.90 -39.02
N ILE A 590 -3.61 -11.29 -38.19
CA ILE A 590 -2.19 -11.61 -38.12
C ILE A 590 -1.96 -12.60 -36.99
N GLN A 591 -1.25 -13.68 -37.28
CA GLN A 591 -0.77 -14.57 -36.22
C GLN A 591 0.19 -13.80 -35.32
N THR A 592 0.02 -13.96 -34.01
CA THR A 592 0.89 -13.29 -33.05
C THR A 592 1.57 -14.32 -32.15
N ALA A 593 2.83 -14.05 -31.83
CA ALA A 593 3.57 -14.77 -30.80
C ALA A 593 3.99 -13.72 -29.77
N VAL A 594 3.24 -13.64 -28.68
CA VAL A 594 3.45 -12.63 -27.65
C VAL A 594 4.13 -13.31 -26.47
N HIS A 595 5.37 -12.93 -26.20
CA HIS A 595 6.11 -13.44 -25.05
C HIS A 595 6.01 -12.44 -23.91
N ASP A 596 6.60 -12.79 -22.78
CA ASP A 596 6.61 -11.92 -21.61
C ASP A 596 7.83 -11.02 -21.62
N ILE A 597 7.62 -9.76 -21.23
CA ILE A 597 8.73 -8.83 -21.09
C ILE A 597 9.55 -9.20 -19.86
N ASP A 598 10.83 -8.86 -19.90
CA ASP A 598 11.67 -9.03 -18.72
C ASP A 598 11.19 -8.12 -17.60
N ASP A 599 11.29 -8.60 -16.36
CA ASP A 599 10.76 -7.86 -15.22
C ASP A 599 11.39 -8.40 -13.95
N PHE A 600 11.46 -7.53 -12.94
CA PHE A 600 12.03 -7.89 -11.65
C PHE A 600 11.03 -8.71 -10.84
N ILE A 601 11.52 -9.23 -9.71
CA ILE A 601 10.69 -9.95 -8.74
C ILE A 601 10.77 -9.20 -7.42
N PRO A 602 10.04 -9.60 -6.38
CA PRO A 602 9.91 -8.72 -5.20
C PRO A 602 11.21 -8.14 -4.65
N PHE A 603 12.24 -8.96 -4.43
CA PHE A 603 13.44 -8.44 -3.79
C PHE A 603 14.14 -7.41 -4.66
N GLU A 604 14.30 -7.71 -5.95
CA GLU A 604 14.95 -6.77 -6.86
C GLU A 604 14.16 -5.47 -6.97
N ASN A 605 12.84 -5.58 -7.13
CA ASN A 605 11.99 -4.39 -7.21
C ASN A 605 12.11 -3.54 -5.95
N ALA A 606 12.03 -4.18 -4.78
CA ALA A 606 12.13 -3.43 -3.53
C ALA A 606 13.50 -2.76 -3.40
N MET A 607 14.56 -3.45 -3.81
CA MET A 607 15.89 -2.85 -3.80
C MET A 607 15.90 -1.58 -4.63
N VAL A 608 15.36 -1.64 -5.85
CA VAL A 608 15.41 -0.47 -6.72
C VAL A 608 14.54 0.66 -6.17
N ASN A 609 13.36 0.31 -5.64
CA ASN A 609 12.44 1.33 -5.15
C ASN A 609 12.92 2.01 -3.88
N ALA A 610 13.90 1.42 -3.18
CA ALA A 610 14.35 1.96 -1.91
C ALA A 610 15.41 3.04 -2.06
N MET A 611 15.91 3.29 -3.27
CA MET A 611 17.01 4.22 -3.48
C MET A 611 16.49 5.60 -3.86
N ASP A 612 17.28 6.61 -3.50
CA ASP A 612 17.05 7.97 -3.96
C ASP A 612 17.84 8.19 -5.25
N ASN A 613 17.99 9.44 -5.67
CA ASN A 613 18.60 9.71 -6.98
C ASN A 613 20.04 9.23 -7.02
N TYR A 614 20.78 9.38 -5.90
CA TYR A 614 22.20 9.05 -5.91
C TYR A 614 22.45 7.57 -6.15
N ASN A 615 21.52 6.70 -5.73
CA ASN A 615 21.79 5.26 -5.69
C ASN A 615 20.84 4.44 -6.56
N ARG A 616 20.01 5.08 -7.39
CA ARG A 616 19.00 4.31 -8.11
C ARG A 616 19.60 3.61 -9.34
N TYR A 617 20.55 4.24 -10.04
CA TYR A 617 21.10 3.59 -11.22
C TYR A 617 21.96 2.38 -10.88
N PRO A 618 22.90 2.44 -9.93
CA PRO A 618 23.62 1.22 -9.55
C PRO A 618 22.69 0.14 -9.01
N ALA A 619 21.58 0.54 -8.39
CA ALA A 619 20.59 -0.44 -7.96
C ALA A 619 19.91 -1.08 -9.15
N TYR A 620 19.62 -0.31 -10.20
CA TYR A 620 19.14 -0.90 -11.44
C TYR A 620 20.15 -1.92 -11.97
N GLN A 621 21.42 -1.55 -11.96
CA GLN A 621 22.46 -2.46 -12.44
C GLN A 621 22.47 -3.77 -11.64
N LEU A 622 22.44 -3.68 -10.32
CA LEU A 622 22.52 -4.86 -9.47
C LEU A 622 21.25 -5.71 -9.59
N ALA A 623 20.09 -5.07 -9.63
CA ALA A 623 18.83 -5.79 -9.82
C ALA A 623 18.82 -6.52 -11.15
N THR A 624 19.30 -5.87 -12.21
CA THR A 624 19.33 -6.50 -13.52
C THR A 624 20.34 -7.63 -13.56
N LYS A 625 21.44 -7.53 -12.80
CA LYS A 625 22.38 -8.65 -12.70
C LYS A 625 21.73 -9.82 -11.97
N MET A 626 20.94 -9.54 -10.93
CA MET A 626 20.20 -10.61 -10.24
C MET A 626 19.21 -11.28 -11.19
N HIS A 627 18.50 -10.47 -11.98
CA HIS A 627 17.57 -11.01 -12.97
C HIS A 627 18.29 -11.89 -13.98
N ARG A 628 19.41 -11.39 -14.52
CA ARG A 628 20.19 -12.18 -15.47
C ARG A 628 20.66 -13.48 -14.84
N TYR A 629 21.01 -13.44 -13.55
CA TYR A 629 21.52 -14.64 -12.89
C TYR A 629 20.42 -15.69 -12.78
N ARG A 630 19.24 -15.30 -12.28
CA ARG A 630 18.17 -16.30 -12.16
C ARG A 630 17.69 -16.77 -13.53
N THR A 631 17.71 -15.88 -14.53
CA THR A 631 17.40 -16.30 -15.89
C THR A 631 18.38 -17.36 -16.38
N GLN A 632 19.68 -17.10 -16.24
CA GLN A 632 20.68 -18.09 -16.63
C GLN A 632 20.48 -19.39 -15.88
N LEU A 633 20.22 -19.33 -14.58
CA LEU A 633 20.09 -20.54 -13.78
C LEU A 633 18.91 -21.38 -14.25
N VAL A 634 17.76 -20.74 -14.50
CA VAL A 634 16.55 -21.49 -14.79
C VAL A 634 16.50 -21.92 -16.26
N GLN A 635 16.71 -20.98 -17.18
CA GLN A 635 16.41 -21.21 -18.60
C GLN A 635 17.66 -21.25 -19.47
N GLU A 636 18.85 -21.27 -18.89
CA GLU A 636 20.07 -21.60 -19.62
C GLU A 636 20.69 -22.88 -19.08
N ASN A 637 20.99 -22.94 -17.78
CA ASN A 637 21.61 -24.13 -17.20
C ASN A 637 20.59 -25.22 -16.89
N GLY A 638 19.30 -24.89 -16.84
CA GLY A 638 18.28 -25.90 -16.61
C GLY A 638 18.31 -26.54 -15.23
N PHE A 639 18.65 -25.77 -14.20
CA PHE A 639 18.69 -26.31 -12.86
C PHE A 639 17.26 -26.50 -12.32
N GLY A 640 17.15 -27.38 -11.33
CA GLY A 640 15.89 -27.62 -10.66
C GLY A 640 15.52 -26.47 -9.73
N ASN A 641 14.34 -26.59 -9.13
CA ASN A 641 13.82 -25.54 -8.26
C ASN A 641 14.73 -25.33 -7.06
N THR A 642 15.09 -26.41 -6.37
CA THR A 642 15.87 -26.28 -5.14
C THR A 642 17.26 -25.72 -5.43
N LEU A 643 17.92 -26.24 -6.46
CA LEU A 643 19.27 -25.78 -6.79
C LEU A 643 19.25 -24.31 -7.18
N PHE A 644 18.32 -23.94 -8.07
CA PHE A 644 18.21 -22.54 -8.47
C PHE A 644 17.97 -21.64 -7.26
N GLU A 645 17.04 -22.05 -6.39
CA GLU A 645 16.71 -21.20 -5.25
C GLU A 645 17.92 -21.03 -4.33
N THR A 646 18.65 -22.13 -4.06
CA THR A 646 19.84 -22.05 -3.24
C THR A 646 20.86 -21.08 -3.85
N LYS A 647 21.14 -21.24 -5.15
CA LYS A 647 22.14 -20.39 -5.78
C LYS A 647 21.71 -18.93 -5.76
N TYR A 648 20.44 -18.66 -6.10
CA TYR A 648 19.97 -17.28 -6.16
C TYR A 648 19.99 -16.64 -4.78
N TYR A 649 19.59 -17.39 -3.74
CA TYR A 649 19.67 -16.84 -2.39
C TYR A 649 21.11 -16.52 -2.03
N ASN A 650 22.00 -17.53 -2.09
CA ASN A 650 23.40 -17.32 -1.74
C ASN A 650 23.97 -16.10 -2.46
N TYR A 651 23.65 -15.95 -3.74
CA TYR A 651 24.09 -14.76 -4.47
C TYR A 651 23.40 -13.53 -3.88
N ALA A 652 22.17 -13.26 -4.31
CA ALA A 652 21.53 -11.98 -4.05
C ALA A 652 21.47 -11.68 -2.55
N TYR A 653 20.78 -12.52 -1.79
CA TYR A 653 20.44 -12.14 -0.42
C TYR A 653 21.67 -12.13 0.48
N VAL A 654 22.47 -13.20 0.43
CA VAL A 654 23.62 -13.27 1.32
C VAL A 654 24.67 -12.25 0.91
N GLY A 655 24.81 -11.96 -0.39
CA GLY A 655 25.70 -10.90 -0.79
C GLY A 655 25.26 -9.56 -0.25
N ALA A 656 24.00 -9.19 -0.48
CA ALA A 656 23.50 -7.93 0.07
C ALA A 656 23.63 -7.89 1.59
N SER A 657 23.71 -9.05 2.25
CA SER A 657 23.84 -9.07 3.70
C SER A 657 25.28 -9.00 4.20
N PHE A 658 26.25 -9.49 3.44
CA PHE A 658 27.63 -9.56 3.90
C PHE A 658 28.59 -8.62 3.16
N VAL A 659 28.50 -8.52 1.84
CA VAL A 659 29.54 -7.89 1.03
C VAL A 659 29.59 -6.38 1.27
N PRO A 660 28.46 -5.67 1.29
CA PRO A 660 28.52 -4.23 1.62
C PRO A 660 29.16 -3.97 2.97
N TYR A 661 28.88 -4.82 3.97
CA TYR A 661 29.46 -4.63 5.29
C TYR A 661 30.97 -4.79 5.27
N ILE A 662 31.47 -5.80 4.56
CA ILE A 662 32.91 -6.03 4.55
C ILE A 662 33.63 -4.98 3.71
N ASN A 663 32.99 -4.49 2.66
CA ASN A 663 33.55 -3.36 1.91
C ASN A 663 33.66 -2.13 2.80
N TRP A 664 32.58 -1.80 3.55
CA TRP A 664 32.65 -0.70 4.50
C TRP A 664 33.75 -0.89 5.52
N ALA A 665 33.83 -2.10 6.09
CA ALA A 665 34.79 -2.35 7.17
C ALA A 665 36.22 -2.22 6.67
N ILE A 666 36.49 -2.70 5.46
CA ILE A 666 37.84 -2.60 4.91
C ILE A 666 38.20 -1.15 4.67
N LYS A 667 37.30 -0.39 4.03
CA LYS A 667 37.60 1.02 3.78
C LYS A 667 37.81 1.77 5.09
N ASP A 668 36.98 1.48 6.10
CA ASP A 668 37.10 2.17 7.39
C ASP A 668 38.40 1.79 8.10
N ALA A 669 38.78 0.50 8.03
CA ALA A 669 40.03 0.08 8.66
C ALA A 669 41.22 0.77 8.01
N ILE A 670 41.23 0.84 6.68
CA ILE A 670 42.31 1.59 6.02
C ILE A 670 42.29 3.04 6.48
N LYS A 671 41.10 3.64 6.53
CA LYS A 671 40.99 5.04 6.93
C LYS A 671 41.49 5.28 8.35
N ARG A 672 41.40 4.25 9.22
CA ARG A 672 41.87 4.36 10.59
C ARG A 672 43.32 3.90 10.77
N GLY A 673 43.91 3.26 9.77
CA GLY A 673 45.31 2.92 9.80
C GLY A 673 45.64 1.49 10.16
N TYR A 674 44.65 0.62 10.31
CA TYR A 674 44.93 -0.77 10.63
C TYR A 674 45.62 -1.45 9.46
N GLU A 675 46.68 -2.21 9.75
CA GLU A 675 47.45 -2.91 8.73
C GLU A 675 47.00 -4.36 8.56
N THR A 676 46.57 -5.01 9.64
CA THR A 676 46.17 -6.41 9.62
C THR A 676 44.76 -6.54 10.15
N ILE A 677 43.95 -7.33 9.44
CA ILE A 677 42.56 -7.58 9.80
C ILE A 677 42.41 -9.06 10.08
N TYR A 678 42.06 -9.40 11.31
CA TYR A 678 41.86 -10.77 11.76
C TYR A 678 40.38 -11.09 11.73
N PHE A 679 40.02 -12.13 10.97
CA PHE A 679 38.67 -12.68 10.96
C PHE A 679 38.63 -13.90 11.86
N ILE A 680 37.61 -13.99 12.70
CA ILE A 680 37.56 -14.97 13.78
C ILE A 680 36.67 -16.13 13.39
N SER A 681 36.92 -17.29 14.01
CA SER A 681 36.38 -18.56 13.57
C SER A 681 34.88 -18.50 13.31
N ARG A 682 34.44 -19.32 12.36
CA ARG A 682 33.04 -19.48 11.97
C ARG A 682 32.53 -18.25 11.22
N ASP A 683 32.27 -17.15 11.92
CA ASP A 683 31.77 -15.97 11.22
C ASP A 683 32.76 -15.46 10.18
N GLY A 684 34.06 -15.58 10.47
CA GLY A 684 35.08 -15.07 9.58
C GLY A 684 35.38 -15.94 8.37
N HIS A 685 34.82 -17.15 8.32
CA HIS A 685 35.11 -18.04 7.19
C HIS A 685 34.59 -17.45 5.88
N PHE A 686 33.33 -17.01 5.85
CA PHE A 686 32.79 -16.38 4.65
C PHE A 686 33.25 -14.93 4.53
N LEU A 687 33.30 -14.22 5.65
CA LEU A 687 33.65 -12.81 5.64
C LEU A 687 35.07 -12.60 5.10
N LYS A 688 35.98 -13.52 5.43
CA LYS A 688 37.37 -13.36 4.98
C LYS A 688 37.49 -13.67 3.49
N GLN A 689 36.73 -14.64 2.98
CA GLN A 689 36.68 -14.83 1.54
C GLN A 689 36.23 -13.56 0.84
N ILE A 690 35.13 -12.97 1.31
CA ILE A 690 34.64 -11.72 0.73
C ILE A 690 35.72 -10.64 0.80
N ALA A 691 36.35 -10.49 1.96
CA ALA A 691 37.33 -9.43 2.16
C ALA A 691 38.53 -9.63 1.25
N ASP A 692 38.99 -10.86 1.09
CA ASP A 692 40.13 -11.14 0.21
C ASP A 692 39.78 -10.79 -1.24
N LYS A 693 38.57 -11.13 -1.68
CA LYS A 693 38.19 -10.77 -3.04
C LYS A 693 38.16 -9.26 -3.22
N ILE A 694 37.59 -8.54 -2.25
CA ILE A 694 37.56 -7.09 -2.34
C ILE A 694 38.97 -6.52 -2.42
N ILE A 695 39.85 -6.98 -1.52
CA ILE A 695 41.21 -6.43 -1.47
C ILE A 695 41.93 -6.71 -2.78
N GLU A 696 41.77 -7.91 -3.34
CA GLU A 696 42.38 -8.21 -4.63
C GLU A 696 41.87 -7.27 -5.70
N ILE A 697 40.56 -7.13 -5.82
CA ILE A 697 39.98 -6.36 -6.92
C ILE A 697 40.38 -4.90 -6.80
N ARG A 698 40.32 -4.33 -5.60
CA ARG A 698 40.58 -2.91 -5.39
C ARG A 698 42.05 -2.60 -5.15
N GLY A 699 42.91 -3.61 -5.05
CA GLY A 699 44.31 -3.36 -4.77
C GLY A 699 44.54 -2.68 -3.43
N TYR A 700 43.63 -2.86 -2.48
CA TYR A 700 43.80 -2.26 -1.17
C TYR A 700 45.05 -2.81 -0.49
N ASN A 701 45.74 -1.94 0.25
CA ASN A 701 46.99 -2.29 0.92
C ASN A 701 46.65 -2.63 2.37
N VAL A 702 46.31 -3.90 2.61
CA VAL A 702 46.02 -4.38 3.95
C VAL A 702 46.07 -5.90 3.94
N LYS A 703 46.59 -6.48 5.02
CA LYS A 703 46.71 -7.92 5.14
C LYS A 703 45.51 -8.48 5.90
N THR A 704 45.16 -9.73 5.58
CA THR A 704 44.09 -10.45 6.26
C THR A 704 44.64 -11.73 6.86
N LYS A 705 44.14 -12.09 8.04
CA LYS A 705 44.51 -13.32 8.71
C LYS A 705 43.26 -13.94 9.31
N TYR A 706 43.32 -15.25 9.54
CA TYR A 706 42.21 -16.01 10.11
C TYR A 706 42.66 -16.59 11.44
N ILE A 707 41.85 -16.39 12.48
CA ILE A 707 42.15 -16.89 13.81
C ILE A 707 40.99 -17.75 14.29
N TYR A 708 41.31 -18.85 14.98
CA TYR A 708 40.32 -19.79 15.46
C TYR A 708 40.02 -19.53 16.93
N GLY A 709 38.75 -19.65 17.30
CA GLY A 709 38.33 -19.40 18.66
C GLY A 709 36.83 -19.26 18.74
N SER A 710 36.35 -19.25 19.99
CA SER A 710 34.92 -19.16 20.24
C SER A 710 34.73 -18.58 21.64
N ARG A 711 33.47 -18.22 21.94
CA ARG A 711 33.14 -17.81 23.30
C ARG A 711 33.57 -18.89 24.30
N LYS A 712 33.32 -20.15 23.97
CA LYS A 712 33.70 -21.26 24.84
C LYS A 712 35.20 -21.24 25.11
N ALA A 713 36.01 -21.22 24.05
CA ALA A 713 37.46 -21.36 24.20
C ALA A 713 38.12 -20.12 24.78
N TRP A 714 37.43 -18.99 24.85
CA TRP A 714 38.05 -17.73 25.25
C TRP A 714 37.53 -17.15 26.55
N ARG A 715 36.26 -17.37 26.90
CA ARG A 715 35.71 -16.76 28.10
C ARG A 715 36.37 -17.33 29.36
N LEU A 716 36.38 -18.66 29.48
CA LEU A 716 36.95 -19.27 30.69
C LEU A 716 38.41 -18.90 30.87
N PRO A 717 39.30 -19.09 29.89
CA PRO A 717 40.70 -18.68 30.09
C PRO A 717 40.86 -17.20 30.43
N SER A 718 39.90 -16.35 30.07
CA SER A 718 40.00 -14.93 30.35
C SER A 718 39.82 -14.60 31.83
N PHE A 719 39.44 -15.57 32.65
CA PHE A 719 39.28 -15.36 34.08
C PHE A 719 40.68 -15.38 34.72
N ILE A 720 41.34 -14.22 34.64
CA ILE A 720 42.71 -14.10 35.14
C ILE A 720 42.73 -14.04 36.66
N THR A 721 42.02 -13.06 37.22
CA THR A 721 42.00 -12.85 38.66
C THR A 721 40.59 -12.85 39.26
N LYS A 722 39.56 -13.03 38.44
CA LYS A 722 38.19 -13.08 38.95
C LYS A 722 37.31 -13.75 37.92
N VAL A 723 36.24 -14.38 38.39
CA VAL A 723 35.20 -14.92 37.52
C VAL A 723 34.15 -13.82 37.35
N ASP A 724 34.01 -13.32 36.12
CA ASP A 724 33.12 -12.20 35.87
C ASP A 724 31.73 -12.46 36.41
N ASP A 725 31.10 -11.40 36.92
CA ASP A 725 29.71 -11.51 37.35
C ASP A 725 28.80 -11.87 36.19
N GLU A 726 29.17 -11.46 34.97
CA GLU A 726 28.40 -11.87 33.80
C GLU A 726 28.21 -13.38 33.76
N THR A 727 29.16 -14.13 34.32
CA THR A 727 29.07 -15.58 34.30
C THR A 727 27.77 -16.07 34.93
N PHE A 728 27.24 -15.33 35.90
CA PHE A 728 26.07 -15.74 36.66
C PHE A 728 24.86 -14.86 36.38
N TRP A 729 24.68 -14.44 35.13
CA TRP A 729 23.54 -13.61 34.76
C TRP A 729 22.98 -14.13 33.43
N GLN A 730 22.13 -13.31 32.81
CA GLN A 730 21.24 -13.80 31.76
C GLN A 730 22.00 -14.15 30.48
N PHE A 731 23.05 -13.40 30.14
CA PHE A 731 23.90 -13.71 29.02
C PHE A 731 25.21 -14.38 29.47
N GLY A 732 25.18 -15.03 30.62
CA GLY A 732 26.35 -15.71 31.16
C GLY A 732 26.43 -17.16 30.73
N ASN A 733 26.89 -18.01 31.65
CA ASN A 733 27.16 -19.40 31.34
C ASN A 733 25.95 -20.31 31.53
N PHE A 734 25.17 -20.07 32.58
CA PHE A 734 24.05 -20.95 32.92
C PHE A 734 22.78 -20.45 32.22
N VAL A 735 22.75 -20.70 30.91
CA VAL A 735 21.71 -20.18 30.03
C VAL A 735 21.36 -21.24 29.00
N GLY A 736 20.09 -21.26 28.59
CA GLY A 736 19.64 -22.14 27.54
C GLY A 736 19.84 -23.61 27.85
N MET A 737 20.12 -23.93 29.11
CA MET A 737 20.38 -25.31 29.51
C MET A 737 19.06 -26.05 29.69
N ASP A 738 18.95 -27.22 29.05
CA ASP A 738 17.69 -27.95 28.95
C ASP A 738 17.76 -29.32 29.60
N SER A 739 18.70 -29.54 30.51
CA SER A 739 18.86 -30.83 31.17
C SER A 739 19.94 -30.71 32.23
N PHE A 740 20.00 -31.72 33.11
CA PHE A 740 20.98 -31.71 34.19
C PHE A 740 22.41 -31.76 33.64
N GLU A 741 22.65 -32.63 32.65
CA GLU A 741 23.98 -32.69 32.06
C GLU A 741 24.35 -31.39 31.37
N ASP A 742 23.35 -30.64 30.89
CA ASP A 742 23.63 -29.30 30.37
C ASP A 742 24.15 -28.39 31.47
N LEU A 743 23.53 -28.45 32.66
CA LEU A 743 24.06 -27.72 33.80
C LEU A 743 25.48 -28.14 34.11
N VAL A 744 25.75 -29.45 34.07
CA VAL A 744 27.10 -29.95 34.32
C VAL A 744 28.08 -29.30 33.35
N LYS A 745 27.77 -29.34 32.06
CA LYS A 745 28.68 -28.79 31.07
C LYS A 745 28.85 -27.28 31.21
N ALA A 746 27.79 -26.58 31.62
CA ALA A 746 27.89 -25.13 31.79
C ALA A 746 28.70 -24.78 33.04
N SER A 747 28.73 -25.65 34.04
CA SER A 747 29.43 -25.37 35.28
C SER A 747 30.94 -25.49 35.15
N TYR A 748 31.45 -26.09 34.06
CA TYR A 748 32.87 -26.36 33.86
C TYR A 748 33.34 -27.54 34.70
N LEU A 749 32.54 -27.94 35.69
CA LEU A 749 32.95 -29.00 36.61
C LEU A 749 32.45 -30.36 36.13
N SER A 750 33.19 -31.40 36.51
CA SER A 750 32.71 -32.75 36.29
C SER A 750 31.43 -32.98 37.09
N GLU A 751 30.69 -34.01 36.70
CA GLU A 751 29.43 -34.31 37.37
C GLU A 751 29.65 -34.54 38.86
N SER A 752 30.61 -35.41 39.20
CA SER A 752 30.85 -35.71 40.61
C SER A 752 31.31 -34.48 41.37
N GLU A 753 32.23 -33.69 40.79
CA GLU A 753 32.67 -32.47 41.47
C GLU A 753 31.51 -31.52 41.69
N LEU A 754 30.64 -31.37 40.69
CA LEU A 754 29.48 -30.49 40.83
C LEU A 754 28.59 -30.93 41.97
N LEU A 755 28.24 -32.23 42.00
CA LEU A 755 27.39 -32.71 43.09
C LEU A 755 28.10 -32.63 44.44
N SER A 756 29.43 -32.66 44.44
CA SER A 756 30.18 -32.57 45.70
C SER A 756 30.18 -31.15 46.24
N LEU A 757 30.27 -30.15 45.36
CA LEU A 757 30.17 -28.77 45.83
C LEU A 757 28.74 -28.41 46.21
N PHE A 758 27.79 -28.73 45.34
CA PHE A 758 26.39 -28.34 45.52
C PHE A 758 25.54 -29.60 45.53
N PRO A 759 25.40 -30.26 46.68
CA PRO A 759 24.57 -31.48 46.72
C PRO A 759 23.11 -31.25 46.37
N GLU A 760 22.58 -30.05 46.62
CA GLU A 760 21.18 -29.78 46.31
C GLU A 760 20.85 -30.07 44.85
N PHE A 761 21.79 -29.82 43.94
CA PHE A 761 21.54 -30.06 42.53
C PHE A 761 21.20 -31.51 42.21
N GLU A 762 21.44 -32.44 43.14
CA GLU A 762 21.01 -33.82 42.92
C GLU A 762 19.50 -33.89 42.70
N SER A 763 18.74 -32.98 43.33
CA SER A 763 17.30 -32.95 43.14
C SER A 763 16.89 -32.46 41.77
N LEU A 764 17.84 -32.03 40.93
CA LEU A 764 17.55 -31.57 39.58
C LEU A 764 17.94 -32.60 38.53
N ARG A 765 18.17 -33.85 38.94
CA ARG A 765 18.66 -34.86 38.01
C ARG A 765 17.69 -35.08 36.87
N HIS A 766 16.44 -35.40 37.18
CA HIS A 766 15.47 -35.83 36.18
C HIS A 766 14.63 -34.68 35.62
N ALA A 767 14.90 -33.45 36.02
CA ALA A 767 14.21 -32.32 35.41
C ALA A 767 14.63 -32.16 33.95
N LYS A 768 13.79 -31.50 33.16
CA LYS A 768 14.08 -31.28 31.75
C LYS A 768 13.76 -29.86 31.31
N HIS A 769 13.63 -28.92 32.25
CA HIS A 769 13.43 -27.50 31.96
C HIS A 769 14.15 -26.70 33.03
N LEU A 770 15.42 -26.38 32.76
CA LEU A 770 16.25 -25.59 33.68
C LEU A 770 16.39 -24.15 33.21
N ARG A 771 15.32 -23.60 32.65
CA ARG A 771 15.27 -22.21 32.21
C ARG A 771 14.34 -21.42 33.11
N GLY A 772 14.46 -20.09 33.04
CA GLY A 772 13.61 -19.21 33.81
C GLY A 772 14.10 -18.97 35.22
N GLU A 773 13.18 -18.87 36.18
CA GLU A 773 13.57 -18.58 37.56
C GLU A 773 14.56 -19.61 38.09
N ILE A 774 14.42 -20.87 37.68
CA ILE A 774 15.34 -21.90 38.16
C ILE A 774 16.77 -21.57 37.77
N ALA A 775 16.96 -21.09 36.54
CA ALA A 775 18.30 -20.72 36.10
C ALA A 775 18.84 -19.57 36.93
N GLU A 776 18.00 -18.58 37.25
CA GLU A 776 18.45 -17.46 38.07
C GLU A 776 18.86 -17.93 39.45
N ASN A 777 18.10 -18.85 40.04
CA ASN A 777 18.45 -19.38 41.36
C ASN A 777 19.77 -20.14 41.29
N ILE A 778 19.96 -20.95 40.24
CA ILE A 778 21.21 -21.70 40.11
C ILE A 778 22.39 -20.75 39.95
N ARG A 779 22.19 -19.65 39.21
CA ARG A 779 23.23 -18.64 39.09
C ARG A 779 23.57 -18.05 40.44
N LYS A 780 22.55 -17.73 41.25
CA LYS A 780 22.80 -17.20 42.58
C LYS A 780 23.54 -18.20 43.45
N ILE A 781 23.27 -19.50 43.27
CA ILE A 781 23.97 -20.52 44.03
C ILE A 781 25.44 -20.56 43.64
N PHE A 782 25.71 -20.67 42.34
CA PHE A 782 27.10 -20.72 41.87
C PHE A 782 27.86 -19.47 42.29
N LYS A 783 27.23 -18.30 42.19
CA LYS A 783 27.94 -17.04 42.43
C LYS A 783 28.41 -16.92 43.87
N ASN A 784 27.60 -17.38 44.83
CA ASN A 784 27.90 -17.24 46.25
C ASN A 784 28.72 -18.41 46.78
N SER A 785 29.51 -19.06 45.94
CA SER A 785 30.37 -20.17 46.35
C SER A 785 31.83 -19.82 46.04
N PRO A 786 32.61 -19.39 47.03
CA PRO A 786 34.03 -19.11 46.76
C PRO A 786 34.79 -20.34 46.26
N ALA A 787 34.43 -21.54 46.72
CA ALA A 787 35.09 -22.73 46.23
C ALA A 787 34.93 -22.86 44.73
N TYR A 788 33.74 -22.55 44.21
CA TYR A 788 33.52 -22.63 42.77
C TYR A 788 34.38 -21.61 42.04
N HIS A 789 34.46 -20.38 42.56
CA HIS A 789 35.32 -19.37 41.95
C HIS A 789 36.76 -19.85 41.90
N GLU A 790 37.25 -20.48 42.98
CA GLU A 790 38.64 -20.92 43.01
C GLU A 790 38.89 -22.05 42.03
N LYS A 791 38.00 -23.05 42.00
CA LYS A 791 38.15 -24.14 41.06
C LYS A 791 38.14 -23.63 39.63
N VAL A 792 37.22 -22.69 39.33
CA VAL A 792 37.13 -22.13 37.99
C VAL A 792 38.39 -21.34 37.65
N LEU A 793 38.92 -20.58 38.60
CA LEU A 793 40.14 -19.83 38.33
C LEU A 793 41.31 -20.77 38.05
N ALA A 794 41.35 -21.91 38.75
CA ALA A 794 42.40 -22.89 38.48
C ALA A 794 42.26 -23.46 37.07
N ILE A 795 41.06 -23.90 36.71
CA ILE A 795 40.83 -24.44 35.37
C ILE A 795 41.21 -23.41 34.32
N ALA A 796 40.85 -22.14 34.56
CA ALA A 796 41.12 -21.09 33.60
C ALA A 796 42.62 -20.84 33.48
N ALA A 797 43.34 -20.84 34.60
CA ALA A 797 44.79 -20.69 34.54
C ALA A 797 45.43 -21.85 33.80
N GLU A 798 44.83 -23.03 33.85
CA GLU A 798 45.39 -24.16 33.12
C GLU A 798 45.17 -23.99 31.61
N LYS A 799 43.95 -23.65 31.20
CA LYS A 799 43.69 -23.46 29.77
C LYS A 799 44.39 -22.24 29.19
N ARG A 800 44.70 -21.25 30.05
CA ARG A 800 45.30 -20.02 29.56
C ARG A 800 46.70 -20.26 29.01
N LYS A 801 47.41 -21.28 29.51
CA LYS A 801 48.72 -21.60 28.94
C LYS A 801 48.60 -21.80 27.43
N MET A 802 47.72 -22.73 27.04
CA MET A 802 47.55 -23.05 25.63
C MET A 802 47.00 -21.86 24.85
N VAL A 803 45.99 -21.17 25.40
CA VAL A 803 45.40 -20.08 24.65
C VAL A 803 46.39 -18.93 24.48
N ARG A 804 47.20 -18.67 25.51
CA ARG A 804 48.21 -17.62 25.44
C ARG A 804 49.26 -17.95 24.40
N GLN A 805 49.74 -19.20 24.39
CA GLN A 805 50.70 -19.58 23.36
C GLN A 805 50.11 -19.41 21.97
N TYR A 806 48.83 -19.77 21.81
CA TYR A 806 48.18 -19.59 20.50
C TYR A 806 48.17 -18.12 20.09
N ILE A 807 47.73 -17.25 21.01
CA ILE A 807 47.69 -15.82 20.71
C ILE A 807 49.07 -15.32 20.30
N GLN A 808 50.08 -15.60 21.14
CA GLN A 808 51.43 -15.15 20.83
C GLN A 808 51.92 -15.70 19.51
N GLN A 809 51.47 -16.90 19.13
CA GLN A 809 51.91 -17.53 17.90
C GLN A 809 51.20 -16.97 16.66
N GLU A 810 50.01 -16.39 16.82
CA GLU A 810 49.20 -16.03 15.66
C GLU A 810 49.02 -14.54 15.45
N ILE A 811 49.35 -13.70 16.42
CA ILE A 811 49.10 -12.26 16.33
C ILE A 811 50.41 -11.53 16.56
N ASN A 812 50.75 -10.64 15.62
CA ASN A 812 51.91 -9.77 15.75
C ASN A 812 51.50 -8.53 16.53
N PRO A 813 51.90 -8.37 17.80
CA PRO A 813 51.46 -7.19 18.56
C PRO A 813 52.08 -5.89 18.09
N LYS A 814 53.14 -5.94 17.27
CA LYS A 814 53.79 -4.72 16.82
C LYS A 814 53.03 -4.03 15.69
N GLU A 815 52.19 -4.77 14.95
CA GLU A 815 51.38 -4.17 13.90
C GLU A 815 50.13 -3.51 14.50
N LYS A 816 49.55 -2.59 13.74
CA LYS A 816 48.27 -1.96 14.10
C LYS A 816 47.16 -2.81 13.50
N PHE A 817 46.58 -3.69 14.32
CA PHE A 817 45.66 -4.72 13.87
C PHE A 817 44.25 -4.45 14.38
N ALA A 818 43.29 -5.13 13.77
CA ALA A 818 41.90 -5.04 14.20
C ALA A 818 41.19 -6.33 13.81
N PHE A 819 40.09 -6.60 14.51
CA PHE A 819 39.33 -7.83 14.31
C PHE A 819 37.97 -7.51 13.69
N VAL A 820 37.48 -8.45 12.88
CA VAL A 820 36.23 -8.29 12.14
C VAL A 820 35.31 -9.43 12.54
N GLU A 821 34.29 -9.12 13.34
CA GLU A 821 33.20 -10.04 13.65
C GLU A 821 31.93 -9.53 12.94
N PHE A 822 30.77 -10.01 13.38
CA PHE A 822 29.51 -9.65 12.76
C PHE A 822 28.52 -9.04 13.75
N TRP A 823 28.17 -9.77 14.82
CA TRP A 823 27.19 -9.25 15.76
C TRP A 823 27.43 -9.87 17.14
N GLY A 824 27.16 -9.07 18.17
CA GLY A 824 27.29 -9.53 19.54
C GLY A 824 27.23 -8.38 20.50
N ARG A 825 27.11 -8.73 21.79
CA ARG A 825 27.15 -7.71 22.84
C ARG A 825 28.47 -6.95 22.80
N GLY A 826 29.58 -7.69 22.76
CA GLY A 826 30.91 -7.14 22.99
C GLY A 826 31.62 -7.72 24.19
N TYR A 827 30.96 -8.60 24.96
CA TYR A 827 31.58 -9.18 26.15
C TYR A 827 32.67 -10.17 25.78
N THR A 828 32.43 -11.00 24.77
CA THR A 828 33.48 -11.89 24.28
C THR A 828 34.71 -11.09 23.85
N GLN A 829 34.50 -9.95 23.21
CA GLN A 829 35.61 -9.08 22.86
C GLN A 829 36.37 -8.62 24.09
N ASP A 830 35.66 -8.38 25.20
CA ASP A 830 36.32 -7.94 26.42
C ASP A 830 37.16 -9.04 27.02
N THR A 831 36.63 -10.27 27.07
CA THR A 831 37.41 -11.39 27.53
C THR A 831 38.65 -11.58 26.65
N PHE A 832 38.48 -11.46 25.33
CA PHE A 832 39.63 -11.63 24.44
C PHE A 832 40.64 -10.51 24.62
N GLY A 833 40.19 -9.30 24.97
CA GLY A 833 41.14 -8.24 25.28
C GLY A 833 41.93 -8.54 26.53
N ARG A 834 41.27 -9.08 27.56
CA ARG A 834 42.02 -9.55 28.72
C ARG A 834 43.07 -10.58 28.33
N LEU A 835 42.68 -11.54 27.48
CA LEU A 835 43.62 -12.57 27.07
C LEU A 835 44.79 -11.98 26.26
N LEU A 836 44.50 -10.99 25.42
CA LEU A 836 45.56 -10.34 24.66
C LEU A 836 46.54 -9.63 25.60
N ASN A 837 46.01 -8.90 26.58
CA ASN A 837 46.87 -8.19 27.51
C ASN A 837 47.73 -9.17 28.30
N ASP A 838 47.15 -10.32 28.69
CA ASP A 838 47.93 -11.33 29.38
C ASP A 838 49.01 -11.91 28.47
N ALA A 839 48.69 -12.12 27.19
CA ALA A 839 49.63 -12.75 26.28
C ALA A 839 50.79 -11.82 25.93
N PHE A 840 50.54 -10.51 25.88
CA PHE A 840 51.56 -9.55 25.48
C PHE A 840 52.11 -8.74 26.66
N GLY A 841 51.64 -8.99 27.87
CA GLY A 841 52.18 -8.30 29.03
C GLY A 841 52.00 -6.80 29.04
N LYS A 842 51.01 -6.29 28.32
CA LYS A 842 50.74 -4.86 28.31
C LYS A 842 49.31 -4.64 27.83
N GLU A 843 48.81 -3.44 28.06
CA GLU A 843 47.45 -3.08 27.64
C GLU A 843 47.45 -2.87 26.13
N VAL A 844 46.92 -3.85 25.41
CA VAL A 844 46.90 -3.85 23.95
C VAL A 844 45.53 -3.41 23.48
N LYS A 845 45.47 -2.33 22.71
CA LYS A 845 44.21 -1.83 22.20
C LYS A 845 43.54 -2.90 21.33
N ASN A 846 42.27 -3.19 21.63
CA ASN A 846 41.52 -4.28 20.99
C ASN A 846 40.34 -3.70 20.22
N PRO A 847 40.52 -3.37 18.95
CA PRO A 847 39.39 -2.91 18.13
C PRO A 847 38.69 -4.03 17.38
N PHE A 848 37.36 -3.98 17.38
CA PHE A 848 36.51 -4.96 16.72
C PHE A 848 35.55 -4.25 15.77
N TYR A 849 35.42 -4.79 14.57
CA TYR A 849 34.43 -4.34 13.61
C TYR A 849 33.22 -5.26 13.68
N TYR A 850 32.04 -4.69 13.95
CA TYR A 850 30.78 -5.40 13.92
C TYR A 850 29.87 -4.76 12.90
N VAL A 851 28.90 -5.54 12.41
CA VAL A 851 27.72 -4.93 11.79
C VAL A 851 27.01 -4.06 12.81
N ARG A 852 26.83 -4.59 14.02
CA ARG A 852 26.30 -3.84 15.14
C ARG A 852 26.64 -4.55 16.43
N SER A 853 26.99 -3.77 17.45
CA SER A 853 27.13 -4.25 18.81
C SER A 853 26.37 -3.30 19.72
N PHE A 854 25.90 -3.83 20.85
CA PHE A 854 25.05 -3.07 21.76
C PHE A 854 25.68 -2.93 23.14
N THR A 855 26.99 -2.66 23.17
CA THR A 855 27.67 -2.22 24.37
C THR A 855 28.70 -1.16 23.97
N ASP A 856 28.87 -0.15 24.82
CA ASP A 856 29.81 0.91 24.52
C ASP A 856 31.25 0.44 24.75
N ASP A 857 32.20 1.26 24.29
CA ASP A 857 33.61 0.94 24.48
C ASP A 857 33.96 0.92 25.96
N MET A 858 34.78 -0.05 26.34
CA MET A 858 35.19 -0.23 27.73
C MET A 858 36.65 -0.65 27.78
N GLY A 859 37.48 0.16 28.41
CA GLY A 859 38.90 -0.20 28.53
C GLY A 859 39.55 -0.28 27.18
N THR A 860 40.23 -1.39 26.92
CA THR A 860 40.90 -1.59 25.64
C THR A 860 39.94 -1.91 24.51
N SER A 861 38.71 -2.32 24.82
CA SER A 861 37.76 -2.69 23.78
C SER A 861 37.27 -1.46 23.03
N VAL A 862 37.46 -1.46 21.71
CA VAL A 862 36.89 -0.45 20.83
C VAL A 862 35.96 -1.17 19.86
N ARG A 863 34.84 -0.54 19.54
CA ARG A 863 33.82 -1.15 18.69
C ARG A 863 33.44 -0.20 17.58
N HIS A 864 33.77 -0.57 16.34
CA HIS A 864 33.30 0.12 15.15
C HIS A 864 32.08 -0.63 14.64
N ASN A 865 30.99 0.11 14.43
CA ASN A 865 29.69 -0.48 14.13
C ASN A 865 29.21 0.02 12.78
N PHE A 866 28.75 -0.91 11.94
CA PHE A 866 28.34 -0.57 10.58
C PHE A 866 27.04 0.23 10.59
N ILE A 867 25.96 -0.38 11.06
CA ILE A 867 24.65 0.27 11.08
C ILE A 867 24.34 0.70 12.50
N LEU A 868 23.74 1.88 12.63
CA LEU A 868 23.40 2.46 13.92
C LEU A 868 21.88 2.49 14.05
N ALA A 869 21.31 1.29 14.21
CA ALA A 869 19.88 1.10 14.37
C ALA A 869 19.67 -0.12 15.27
N PRO A 870 18.56 -0.19 16.00
CA PRO A 870 18.36 -1.25 17.00
C PRO A 870 17.92 -2.58 16.39
N GLN A 871 18.59 -2.99 15.32
CA GLN A 871 18.27 -4.24 14.66
C GLN A 871 19.12 -5.37 15.22
N ASN A 872 18.55 -6.58 15.22
CA ASN A 872 19.18 -7.76 15.79
C ASN A 872 19.66 -8.66 14.66
N PHE A 873 20.95 -9.02 14.70
CA PHE A 873 21.58 -9.78 13.63
C PHE A 873 21.98 -11.18 14.04
N SER A 874 21.44 -11.68 15.16
CA SER A 874 21.43 -13.13 15.36
C SER A 874 20.69 -13.83 14.24
N PHE A 875 19.80 -13.08 13.56
CA PHE A 875 19.03 -13.61 12.44
C PHE A 875 19.90 -14.38 11.46
N PHE A 876 21.14 -13.93 11.23
CA PHE A 876 22.00 -14.48 10.20
C PHE A 876 22.86 -15.64 10.69
N GLU A 877 22.70 -16.09 11.93
CA GLU A 877 23.55 -17.17 12.43
C GLU A 877 23.44 -18.45 11.61
N PRO A 878 22.27 -18.85 11.10
CA PRO A 878 22.22 -20.09 10.29
C PRO A 878 23.21 -20.11 9.14
N ILE A 879 23.31 -19.00 8.41
CA ILE A 879 24.28 -18.92 7.31
C ILE A 879 25.67 -19.26 7.82
N PHE A 880 26.13 -18.53 8.84
CA PHE A 880 27.43 -18.80 9.41
C PHE A 880 27.54 -20.20 9.99
N ALA A 881 26.40 -20.82 10.34
CA ALA A 881 26.43 -22.18 10.85
C ALA A 881 26.74 -23.21 9.78
N GLN A 882 26.73 -22.80 8.50
CA GLN A 882 27.09 -23.71 7.42
C GLN A 882 28.60 -23.85 7.24
N THR A 883 29.38 -23.05 7.96
CA THR A 883 30.83 -23.21 7.96
C THR A 883 31.19 -24.68 8.16
N PRO A 884 32.17 -25.22 7.41
CA PRO A 884 32.38 -26.67 7.42
C PRO A 884 33.08 -27.21 8.66
N TYR A 885 32.93 -26.54 9.80
CA TYR A 885 33.37 -27.11 11.07
C TYR A 885 32.49 -26.57 12.18
N ASP A 886 32.55 -27.23 13.33
CA ASP A 886 31.81 -26.81 14.51
C ASP A 886 32.56 -25.69 15.23
N SER A 887 31.88 -25.08 16.19
CA SER A 887 32.51 -24.05 17.01
C SER A 887 33.71 -24.63 17.73
N ILE A 888 34.85 -23.96 17.62
CA ILE A 888 36.12 -24.43 18.19
C ILE A 888 35.92 -24.66 19.68
N PRO A 889 35.95 -25.92 20.15
CA PRO A 889 35.72 -26.16 21.58
C PRO A 889 36.92 -25.84 22.44
N ASP A 890 38.11 -26.14 21.95
CA ASP A 890 39.35 -25.90 22.69
C ASP A 890 40.51 -26.12 21.73
N TYR A 891 41.72 -25.97 22.26
CA TYR A 891 42.95 -26.17 21.51
C TYR A 891 43.68 -27.41 22.00
N TYR A 892 44.64 -27.87 21.20
CA TYR A 892 45.57 -28.91 21.59
C TYR A 892 46.95 -28.51 21.10
N GLU A 893 47.95 -29.33 21.44
CA GLU A 893 49.33 -29.09 21.05
C GLU A 893 49.84 -30.24 20.21
N GLU A 894 50.49 -29.92 19.10
CA GLU A 894 51.13 -30.94 18.27
C GLU A 894 52.38 -30.31 17.66
N LYS A 895 53.50 -31.04 17.72
CA LYS A 895 54.76 -30.58 17.15
C LYS A 895 55.16 -29.24 17.76
N GLY A 896 54.93 -29.11 19.07
CA GLY A 896 55.26 -27.89 19.77
C GLY A 896 54.44 -26.68 19.37
N ARG A 897 53.37 -26.87 18.60
CA ARG A 897 52.56 -25.76 18.10
C ARG A 897 51.12 -25.94 18.58
N ILE A 898 50.48 -24.82 18.91
CA ILE A 898 49.10 -24.83 19.37
C ILE A 898 48.18 -24.82 18.15
N GLU A 899 47.26 -25.78 18.10
CA GLU A 899 46.29 -25.87 17.03
C GLU A 899 44.89 -25.91 17.60
N PRO A 900 43.89 -25.45 16.84
CA PRO A 900 42.51 -25.55 17.29
C PRO A 900 41.94 -26.94 17.07
N ILE A 901 40.93 -27.27 17.87
CA ILE A 901 40.18 -28.51 17.70
C ILE A 901 39.12 -28.25 16.63
N ILE A 902 39.31 -28.83 15.45
CA ILE A 902 38.42 -28.63 14.32
C ILE A 902 37.68 -29.93 14.06
N ASN A 903 36.35 -29.90 14.24
CA ASN A 903 35.48 -31.04 13.95
C ASN A 903 34.81 -30.76 12.61
N HIS A 904 35.43 -31.22 11.53
CA HIS A 904 34.96 -30.90 10.20
C HIS A 904 33.56 -31.47 9.95
N ARG A 905 32.78 -30.74 9.16
CA ARG A 905 31.48 -31.18 8.67
C ARG A 905 31.46 -30.98 7.16
N ASP A 906 30.34 -31.31 6.53
CA ASP A 906 30.27 -31.33 5.07
C ASP A 906 30.43 -29.91 4.50
N ARG A 907 31.04 -29.85 3.32
CA ARG A 907 31.36 -28.57 2.68
C ARG A 907 30.28 -28.06 1.74
N SER A 908 29.58 -28.95 1.04
CA SER A 908 28.75 -28.57 -0.10
C SER A 908 27.98 -27.27 0.11
N VAL A 909 27.27 -27.16 1.22
CA VAL A 909 26.46 -25.97 1.46
C VAL A 909 27.35 -24.73 1.50
N SER A 910 28.39 -24.74 2.33
CA SER A 910 29.30 -23.61 2.39
C SER A 910 29.99 -23.37 1.06
N ASP A 911 30.25 -24.43 0.29
CA ASP A 911 30.85 -24.25 -1.03
C ASP A 911 29.95 -23.39 -1.91
N LEU A 912 28.68 -23.76 -2.02
CA LEU A 912 27.76 -22.97 -2.84
C LEU A 912 27.61 -21.55 -2.29
N ILE A 913 27.57 -21.42 -0.96
CA ILE A 913 27.45 -20.09 -0.35
C ILE A 913 28.63 -19.21 -0.75
N SER A 914 29.84 -19.77 -0.69
CA SER A 914 31.03 -18.99 -1.06
C SER A 914 31.01 -18.63 -2.53
N GLU A 915 30.59 -19.57 -3.38
CA GLU A 915 30.44 -19.27 -4.81
C GLU A 915 29.57 -18.03 -5.00
N GLY A 916 28.38 -18.04 -4.39
CA GLY A 916 27.48 -16.91 -4.52
C GLY A 916 28.10 -15.61 -4.01
N LEU A 917 28.73 -15.68 -2.83
CA LEU A 917 29.28 -14.47 -2.22
C LEU A 917 30.37 -13.85 -3.08
N LEU A 918 31.24 -14.68 -3.66
CA LEU A 918 32.32 -14.13 -4.47
C LEU A 918 31.80 -13.55 -5.78
N LYS A 919 30.81 -14.21 -6.40
CA LYS A 919 30.19 -13.62 -7.58
C LYS A 919 29.56 -12.27 -7.26
N PHE A 920 28.86 -12.17 -6.12
CA PHE A 920 28.25 -10.90 -5.73
C PHE A 920 29.32 -9.83 -5.50
N THR A 921 30.44 -10.20 -4.88
CA THR A 921 31.51 -9.23 -4.65
C THR A 921 32.01 -8.66 -5.98
N GLU A 922 32.27 -9.53 -6.95
CA GLU A 922 32.71 -9.06 -8.26
C GLU A 922 31.66 -8.16 -8.91
N ASP A 923 30.39 -8.60 -8.89
CA ASP A 923 29.34 -7.83 -9.54
C ASP A 923 29.00 -6.54 -8.80
N TYR A 924 29.36 -6.46 -7.52
CA TYR A 924 29.05 -5.31 -6.68
C TYR A 924 30.12 -4.23 -6.76
N LEU A 925 31.37 -4.62 -6.91
CA LEU A 925 32.43 -3.64 -7.10
C LEU A 925 32.50 -3.13 -8.53
N ALA A 926 31.68 -3.68 -9.43
CA ALA A 926 31.62 -3.25 -10.81
C ALA A 926 30.41 -2.35 -11.09
N LEU A 927 29.69 -1.97 -10.04
CA LEU A 927 28.55 -1.06 -10.18
C LEU A 927 29.05 0.36 -10.35
N ASN A 928 28.40 1.12 -11.22
CA ASN A 928 28.76 2.53 -11.44
C ASN A 928 28.06 3.37 -10.38
N THR A 929 28.77 3.67 -9.31
CA THR A 929 28.25 4.46 -8.20
C THR A 929 28.84 5.87 -8.22
N GLN A 930 28.02 6.83 -7.78
CA GLN A 930 28.53 8.19 -7.59
C GLN A 930 29.28 8.31 -6.27
N ASP A 931 28.81 7.62 -5.23
CA ASP A 931 29.51 7.54 -3.95
C ASP A 931 29.33 6.11 -3.43
N GLU A 932 30.42 5.36 -3.36
CA GLU A 932 30.32 3.94 -2.99
C GLU A 932 29.96 3.77 -1.52
N ASP A 933 30.43 4.66 -0.64
CA ASP A 933 30.06 4.60 0.77
C ASP A 933 28.55 4.68 0.93
N TYR A 934 27.93 5.65 0.26
CA TYR A 934 26.48 5.84 0.40
C TYR A 934 25.71 4.68 -0.20
N PHE A 935 26.23 4.05 -1.26
CA PHE A 935 25.56 2.86 -1.79
C PHE A 935 25.69 1.69 -0.83
N ASP A 936 26.86 1.50 -0.21
CA ASP A 936 26.98 0.49 0.84
C ASP A 936 25.92 0.70 1.89
N ALA A 937 25.81 1.92 2.41
CA ALA A 937 24.86 2.19 3.48
C ALA A 937 23.43 2.03 3.02
N ALA A 938 23.13 2.42 1.76
CA ALA A 938 21.77 2.34 1.25
C ALA A 938 21.33 0.92 1.00
N LEU A 939 22.17 0.11 0.32
CA LEU A 939 21.83 -1.28 0.09
C LEU A 939 21.83 -2.07 1.40
N SER A 940 22.67 -1.69 2.36
CA SER A 940 22.66 -2.37 3.66
C SER A 940 21.38 -2.06 4.42
N GLN A 941 21.01 -0.78 4.51
CA GLN A 941 19.74 -0.41 5.12
C GLN A 941 18.59 -1.15 4.48
N PHE A 942 18.48 -1.07 3.14
CA PHE A 942 17.39 -1.74 2.45
C PHE A 942 17.37 -3.23 2.76
N ASN A 943 18.52 -3.90 2.56
CA ASN A 943 18.56 -5.35 2.66
C ASN A 943 18.25 -5.81 4.08
N TYR A 944 18.82 -5.14 5.08
CA TYR A 944 18.55 -5.53 6.46
C TYR A 944 17.08 -5.34 6.80
N GLN A 945 16.51 -4.17 6.46
CA GLN A 945 15.09 -3.97 6.73
C GLN A 945 14.25 -5.05 6.05
N TYR A 946 14.45 -5.25 4.74
CA TYR A 946 13.64 -6.20 3.99
C TYR A 946 13.76 -7.60 4.58
N GLN A 947 14.99 -8.03 4.89
CA GLN A 947 15.20 -9.40 5.31
C GLN A 947 14.68 -9.64 6.71
N LEU A 948 14.80 -8.64 7.59
CA LEU A 948 14.32 -8.79 8.95
C LEU A 948 12.83 -8.57 9.10
N ASN A 949 12.16 -7.99 8.09
CA ASN A 949 10.74 -7.68 8.20
C ASN A 949 9.90 -8.28 7.09
N THR A 950 10.43 -9.25 6.33
CA THR A 950 9.69 -9.91 5.25
C THR A 950 9.66 -11.41 5.53
N PRO A 951 8.76 -11.86 6.42
CA PRO A 951 8.75 -13.28 6.78
C PRO A 951 8.22 -14.20 5.69
N ASN A 952 7.50 -13.66 4.70
CA ASN A 952 6.89 -14.47 3.64
C ASN A 952 7.63 -14.36 2.31
N ASP A 953 8.88 -13.91 2.33
CA ASP A 953 9.68 -13.89 1.12
C ASP A 953 9.92 -15.32 0.63
N GLN A 954 9.85 -15.51 -0.68
CA GLN A 954 10.04 -16.84 -1.25
C GLN A 954 11.34 -17.47 -0.79
N PHE A 955 12.44 -16.73 -0.90
CA PHE A 955 13.76 -17.32 -0.67
C PHE A 955 14.13 -17.34 0.80
N ILE A 956 13.61 -16.42 1.61
CA ILE A 956 13.79 -16.55 3.05
C ILE A 956 13.03 -17.75 3.57
N CYS A 957 11.96 -18.16 2.89
CA CYS A 957 11.13 -19.27 3.34
C CYS A 957 11.66 -20.62 2.85
N ASN A 958 12.03 -20.71 1.58
CA ASN A 958 12.44 -21.99 1.00
C ASN A 958 13.93 -22.25 1.09
N VAL A 959 14.75 -21.25 1.45
CA VAL A 959 16.19 -21.42 1.50
C VAL A 959 16.72 -21.12 2.89
N PHE A 960 16.67 -19.84 3.28
CA PHE A 960 17.23 -19.43 4.57
C PHE A 960 16.63 -20.24 5.71
N SER A 961 15.30 -20.23 5.83
CA SER A 961 14.64 -20.90 6.93
C SER A 961 14.92 -22.40 6.96
N GLU A 962 15.34 -22.97 5.83
CA GLU A 962 15.63 -24.40 5.74
C GLU A 962 17.10 -24.73 5.97
N LEU A 963 17.95 -23.72 6.14
CA LEU A 963 19.32 -23.98 6.57
C LEU A 963 19.29 -24.74 7.89
N LYS A 964 19.94 -25.91 7.91
CA LYS A 964 19.88 -26.78 9.07
C LYS A 964 20.84 -26.28 10.14
N ASP A 965 20.29 -25.92 11.29
CA ASP A 965 21.04 -25.38 12.42
C ASP A 965 21.09 -26.42 13.54
N ASN A 966 21.85 -26.11 14.59
CA ASN A 966 21.97 -27.02 15.72
C ASN A 966 22.36 -26.19 16.95
N ILE A 967 21.35 -25.82 17.73
CA ILE A 967 21.56 -24.99 18.92
C ILE A 967 21.63 -25.85 20.18
N SER A 968 20.85 -26.93 20.24
CA SER A 968 20.84 -27.78 21.43
C SER A 968 22.16 -28.53 21.57
N SER A 969 22.37 -29.07 22.77
CA SER A 969 23.61 -29.78 23.06
C SER A 969 23.62 -31.13 22.36
N PHE A 970 24.66 -31.39 21.57
CA PHE A 970 24.77 -32.64 20.81
C PHE A 970 23.49 -32.93 20.03
N GLY A 971 22.81 -31.86 19.60
CA GLY A 971 21.51 -31.99 18.98
C GLY A 971 21.58 -32.51 17.57
N VAL A 972 20.42 -32.52 16.92
CA VAL A 972 20.28 -32.94 15.53
C VAL A 972 20.23 -31.69 14.66
N GLU A 973 20.89 -31.76 13.51
CA GLU A 973 20.91 -30.63 12.58
C GLU A 973 19.51 -30.44 11.99
N LYS A 974 18.68 -29.63 12.64
CA LYS A 974 17.30 -29.42 12.23
C LYS A 974 17.12 -28.02 11.63
N PRO A 975 16.20 -27.86 10.67
CA PRO A 975 16.05 -26.56 10.01
C PRO A 975 15.81 -25.41 10.97
N TYR A 976 16.17 -24.19 10.54
CA TYR A 976 16.02 -22.99 11.35
C TYR A 976 14.56 -22.77 11.72
N ALA A 977 13.73 -22.44 10.73
CA ALA A 977 12.31 -22.19 10.93
C ALA A 977 11.51 -23.04 9.95
N PRO A 978 11.16 -24.27 10.33
CA PRO A 978 10.38 -25.12 9.43
C PRO A 978 8.90 -24.77 9.46
N ALA A 979 8.22 -25.15 8.38
CA ALA A 979 6.77 -25.08 8.38
C ALA A 979 6.22 -26.01 9.46
N LEU A 980 5.10 -25.60 10.05
CA LEU A 980 4.53 -26.31 11.19
C LEU A 980 3.29 -27.09 10.77
N THR A 981 2.99 -28.12 11.55
CA THR A 981 1.81 -28.94 11.37
C THR A 981 0.74 -28.54 12.38
N LEU A 982 -0.52 -28.80 12.01
CA LEU A 982 -1.61 -28.51 12.93
C LEU A 982 -1.46 -29.29 14.24
N LYS A 983 -0.98 -30.54 14.15
CA LYS A 983 -0.78 -31.34 15.35
C LYS A 983 0.26 -30.73 16.27
N GLN A 984 1.37 -30.26 15.70
CA GLN A 984 2.40 -29.62 16.51
C GLN A 984 1.82 -28.46 17.32
N LEU A 985 1.06 -27.58 16.66
CA LEU A 985 0.47 -26.45 17.38
C LEU A 985 -0.57 -26.92 18.39
N GLU A 986 -1.33 -27.96 18.05
CA GLU A 986 -2.25 -28.54 19.03
C GLU A 986 -1.49 -29.03 20.26
N SER A 987 -0.22 -29.37 20.10
CA SER A 987 0.58 -29.96 21.18
C SER A 987 1.32 -28.95 22.05
N ILE A 988 1.18 -27.65 21.79
CA ILE A 988 1.90 -26.65 22.56
C ILE A 988 0.93 -25.98 23.53
N THR A 989 1.49 -25.24 24.50
CA THR A 989 0.69 -24.47 25.44
C THR A 989 1.33 -23.14 25.82
N SER A 990 2.53 -22.83 25.33
CA SER A 990 3.25 -21.64 25.75
C SER A 990 4.15 -21.17 24.63
N LYS A 991 4.71 -19.96 24.80
CA LYS A 991 5.69 -19.46 23.84
C LYS A 991 7.00 -20.23 23.95
N GLN A 992 7.36 -20.68 25.15
CA GLN A 992 8.59 -21.44 25.31
C GLN A 992 8.52 -22.75 24.52
N GLU A 993 7.42 -23.48 24.65
CA GLU A 993 7.24 -24.70 23.89
C GLU A 993 7.33 -24.45 22.40
N LEU A 994 6.70 -23.37 21.92
CA LEU A 994 6.70 -23.07 20.49
C LEU A 994 8.10 -22.73 19.99
N ASP A 995 8.85 -21.95 20.77
CA ASP A 995 10.20 -21.57 20.35
C ASP A 995 11.13 -22.75 20.23
N LYS A 996 10.76 -23.92 20.72
CA LYS A 996 11.55 -25.13 20.55
C LYS A 996 11.16 -25.91 19.30
N LEU A 997 10.21 -25.41 18.52
CA LEU A 997 9.90 -25.96 17.21
C LEU A 997 10.52 -25.17 16.07
N THR A 998 10.79 -23.88 16.30
CA THR A 998 11.21 -22.97 15.24
C THR A 998 11.86 -21.75 15.87
N GLN A 999 12.76 -21.13 15.13
CA GLN A 999 13.43 -19.91 15.56
C GLN A 999 12.84 -18.67 14.91
N SER A 1000 11.72 -18.80 14.21
CA SER A 1000 11.06 -17.64 13.59
C SER A 1000 9.60 -18.03 13.37
N ILE A 1001 8.77 -17.77 14.38
CA ILE A 1001 7.33 -18.03 14.26
C ILE A 1001 6.77 -17.43 12.97
N PRO A 1002 7.09 -16.18 12.60
CA PRO A 1002 6.51 -15.63 11.37
C PRO A 1002 6.83 -16.43 10.12
N ILE A 1003 8.09 -16.81 9.93
CA ILE A 1003 8.46 -17.57 8.74
C ILE A 1003 7.78 -18.94 8.76
N SER A 1004 7.81 -19.61 9.91
CA SER A 1004 7.17 -20.91 10.00
C SER A 1004 5.69 -20.84 9.63
N LEU A 1005 4.99 -19.81 10.11
CA LEU A 1005 3.58 -19.66 9.76
C LEU A 1005 3.42 -19.33 8.28
N SER A 1006 4.29 -18.48 7.74
CA SER A 1006 4.23 -18.15 6.31
C SER A 1006 4.51 -19.36 5.43
N LYS A 1007 5.15 -20.40 5.98
CA LYS A 1007 5.41 -21.63 5.25
C LYS A 1007 4.40 -22.73 5.56
N SER A 1008 3.40 -22.45 6.40
CA SER A 1008 2.47 -23.47 6.87
C SER A 1008 1.14 -23.36 6.13
N ASP A 1009 0.30 -24.38 6.33
CA ASP A 1009 -1.02 -24.41 5.73
C ASP A 1009 -1.95 -23.45 6.43
N VAL A 1010 -3.03 -23.09 5.72
CA VAL A 1010 -3.98 -22.10 6.25
C VAL A 1010 -4.60 -22.58 7.56
N LYS A 1011 -4.78 -23.90 7.70
CA LYS A 1011 -5.36 -24.42 8.94
C LYS A 1011 -4.43 -24.16 10.12
N VAL A 1012 -3.13 -24.33 9.90
CA VAL A 1012 -2.16 -24.07 10.97
C VAL A 1012 -2.18 -22.60 11.35
N ILE A 1013 -2.22 -21.71 10.37
CA ILE A 1013 -2.26 -20.28 10.65
C ILE A 1013 -3.52 -19.93 11.43
N ASP A 1014 -4.66 -20.51 11.04
CA ASP A 1014 -5.90 -20.21 11.73
C ASP A 1014 -5.88 -20.71 13.18
N TYR A 1015 -5.37 -21.93 13.40
CA TYR A 1015 -5.27 -22.43 14.77
C TYR A 1015 -4.32 -21.57 15.60
N TYR A 1016 -3.19 -21.16 15.01
CA TYR A 1016 -2.28 -20.26 15.71
C TYR A 1016 -3.01 -18.98 16.12
N ASN A 1017 -3.72 -18.36 15.18
CA ASN A 1017 -4.49 -17.17 15.51
C ASN A 1017 -5.47 -17.45 16.64
N LYS A 1018 -6.07 -18.64 16.64
CA LYS A 1018 -7.01 -19.01 17.69
C LYS A 1018 -6.33 -18.99 19.05
N ILE A 1019 -5.14 -19.58 19.15
CA ILE A 1019 -4.51 -19.78 20.46
C ILE A 1019 -3.58 -18.63 20.81
N GLN A 1020 -3.57 -17.56 20.01
CA GLN A 1020 -2.57 -16.52 20.17
C GLN A 1020 -2.64 -15.89 21.56
N LYS A 1021 -3.78 -15.27 21.90
CA LYS A 1021 -3.88 -14.55 23.16
C LYS A 1021 -3.77 -15.48 24.36
N ASN A 1022 -4.44 -16.64 24.31
CA ASN A 1022 -4.48 -17.53 25.47
C ASN A 1022 -3.08 -17.91 25.92
N TYR A 1023 -2.22 -18.29 24.98
CA TYR A 1023 -0.86 -18.71 25.29
C TYR A 1023 0.14 -17.56 25.22
N ASN A 1024 -0.33 -16.32 25.09
CA ASN A 1024 0.54 -15.14 25.04
C ASN A 1024 1.61 -15.30 23.95
N LEU A 1025 1.15 -15.65 22.76
CA LEU A 1025 2.03 -15.85 21.62
C LEU A 1025 2.07 -14.61 20.74
N PRO A 1026 3.15 -14.43 19.97
CA PRO A 1026 3.21 -13.27 19.06
C PRO A 1026 2.13 -13.34 18.00
N ALA A 1027 1.66 -12.17 17.59
CA ALA A 1027 0.60 -12.08 16.59
C ALA A 1027 1.20 -12.20 15.19
N TYR A 1028 0.56 -13.02 14.35
CA TYR A 1028 1.00 -13.23 12.98
C TYR A 1028 0.38 -12.17 12.09
N ASN A 1029 1.21 -11.26 11.58
CA ASN A 1029 0.76 -10.14 10.76
C ASN A 1029 1.24 -10.25 9.32
N SER A 1030 1.43 -11.48 8.84
CA SER A 1030 1.87 -11.71 7.47
C SER A 1030 0.90 -12.63 6.75
N THR A 1031 1.24 -13.04 5.54
CA THR A 1031 0.42 -13.92 4.72
C THR A 1031 1.25 -15.09 4.22
N PRO A 1032 0.61 -16.16 3.76
CA PRO A 1032 1.37 -17.30 3.25
C PRO A 1032 2.26 -16.91 2.09
N MET A 1033 3.48 -17.43 2.10
CA MET A 1033 4.44 -17.12 1.04
C MET A 1033 3.92 -17.60 -0.30
N ARG A 1034 4.18 -16.80 -1.34
CA ARG A 1034 3.88 -17.16 -2.72
C ARG A 1034 5.16 -17.04 -3.54
N LYS A 1035 5.47 -18.06 -4.33
CA LYS A 1035 6.66 -18.02 -5.16
C LYS A 1035 6.50 -17.01 -6.29
N ALA A 1036 7.58 -16.27 -6.57
CA ALA A 1036 7.57 -15.27 -7.62
C ALA A 1036 8.33 -15.68 -8.87
N TYR A 1037 9.27 -16.62 -8.76
CA TYR A 1037 9.98 -17.14 -9.92
C TYR A 1037 10.20 -18.63 -9.74
N ALA A 1038 10.14 -19.38 -10.84
CA ALA A 1038 10.08 -20.83 -10.80
C ALA A 1038 8.86 -21.27 -10.00
N VAL A 1039 7.71 -20.67 -10.33
CA VAL A 1039 6.50 -20.84 -9.55
C VAL A 1039 5.95 -22.26 -9.58
N ASN A 1040 6.43 -23.11 -10.48
CA ASN A 1040 6.00 -24.50 -10.57
C ASN A 1040 7.22 -25.40 -10.58
N PRO A 1041 7.04 -26.70 -10.30
CA PRO A 1041 8.17 -27.64 -10.35
C PRO A 1041 8.69 -27.76 -11.78
N LEU A 1042 9.97 -27.45 -11.95
CA LEU A 1042 10.54 -27.42 -13.30
C LEU A 1042 10.76 -28.81 -13.88
N GLU A 1043 10.74 -29.85 -13.04
CA GLU A 1043 10.94 -31.21 -13.54
C GLU A 1043 9.79 -31.71 -14.41
N GLN A 1044 8.67 -30.99 -14.44
CA GLN A 1044 7.50 -31.41 -15.20
C GLN A 1044 7.41 -30.73 -16.57
N TYR A 1045 8.45 -30.00 -16.98
CA TYR A 1045 8.41 -29.22 -18.20
C TYR A 1045 9.40 -29.77 -19.22
N VAL A 1046 8.93 -29.96 -20.45
CA VAL A 1046 9.73 -30.48 -21.55
C VAL A 1046 10.19 -29.29 -22.39
N TRP A 1047 11.51 -29.15 -22.53
CA TRP A 1047 12.07 -28.06 -23.33
C TRP A 1047 13.56 -28.33 -23.54
N SER A 1048 14.15 -27.55 -24.44
CA SER A 1048 15.56 -27.69 -24.78
C SER A 1048 16.15 -26.31 -25.06
N THR A 1049 17.41 -26.15 -24.69
CA THR A 1049 18.15 -24.95 -25.06
C THR A 1049 18.52 -24.95 -26.54
N GLN A 1050 18.50 -26.11 -27.19
CA GLN A 1050 18.84 -26.25 -28.59
C GLN A 1050 17.55 -26.30 -29.40
N VAL A 1051 17.28 -25.24 -30.15
CA VAL A 1051 16.10 -25.20 -31.02
C VAL A 1051 16.56 -25.25 -32.46
N PRO A 1052 15.75 -25.79 -33.40
CA PRO A 1052 14.44 -26.38 -33.12
C PRO A 1052 14.56 -27.81 -32.60
N PHE A 1053 13.43 -28.40 -32.17
CA PHE A 1053 13.44 -29.80 -31.76
C PHE A 1053 12.02 -30.35 -31.86
N ARG A 1054 11.91 -31.62 -32.23
CA ARG A 1054 10.60 -32.22 -32.45
C ARG A 1054 9.98 -32.68 -31.14
N VAL A 1055 8.65 -32.57 -31.06
CA VAL A 1055 7.88 -33.05 -29.93
C VAL A 1055 6.65 -33.78 -30.45
N LEU A 1056 6.25 -34.82 -29.72
CA LEU A 1056 5.04 -35.59 -29.96
C LEU A 1056 3.94 -35.10 -29.03
N SER A 1057 2.74 -34.94 -29.58
CA SER A 1057 1.59 -34.48 -28.81
C SER A 1057 0.93 -35.69 -28.16
N LEU A 1058 1.17 -35.86 -26.85
CA LEU A 1058 0.57 -36.98 -26.15
C LEU A 1058 -0.95 -36.88 -26.11
N LYS A 1059 -1.48 -35.73 -25.73
CA LYS A 1059 -2.90 -35.46 -25.71
C LYS A 1059 -3.22 -34.43 -26.80
N GLN A 1060 -4.52 -34.17 -26.98
CA GLN A 1060 -4.94 -33.11 -27.88
C GLN A 1060 -4.49 -31.77 -27.31
N ASN A 1061 -3.55 -31.11 -27.98
CA ASN A 1061 -2.98 -29.86 -27.50
C ASN A 1061 -3.54 -28.69 -28.30
N SER A 1062 -3.83 -27.60 -27.60
CA SER A 1062 -4.32 -26.38 -28.22
C SER A 1062 -3.16 -25.44 -28.55
N PHE A 1063 -3.41 -24.53 -29.50
CA PHE A 1063 -2.45 -23.50 -29.85
C PHE A 1063 -2.89 -22.18 -29.22
N TYR A 1064 -1.93 -21.48 -28.61
CA TYR A 1064 -2.15 -20.17 -28.02
C TYR A 1064 -1.21 -19.17 -28.68
N LEU A 1065 -1.74 -17.99 -28.99
CA LEU A 1065 -0.98 -16.92 -29.61
C LEU A 1065 -0.36 -15.98 -28.57
N ASP A 1066 -0.26 -16.42 -27.32
CA ASP A 1066 0.27 -15.60 -26.25
C ASP A 1066 0.66 -16.53 -25.11
N VAL A 1067 1.88 -16.34 -24.57
CA VAL A 1067 2.40 -17.19 -23.50
C VAL A 1067 1.43 -17.20 -22.34
N SER A 1068 0.61 -16.16 -22.21
CA SER A 1068 -0.37 -16.13 -21.13
C SER A 1068 -1.32 -17.30 -21.19
N PHE A 1069 -1.55 -17.86 -22.38
CA PHE A 1069 -2.53 -18.92 -22.59
C PHE A 1069 -3.92 -18.47 -22.18
N ALA A 1070 -4.20 -17.17 -22.30
CA ALA A 1070 -5.53 -16.66 -22.00
C ALA A 1070 -6.54 -17.19 -23.00
N GLU A 1071 -7.77 -17.37 -22.53
CA GLU A 1071 -8.83 -17.94 -23.38
C GLU A 1071 -8.92 -17.20 -24.71
N THR A 1072 -8.83 -15.87 -24.68
CA THR A 1072 -9.03 -15.07 -25.88
C THR A 1072 -7.90 -15.27 -26.89
N THR A 1073 -6.73 -15.72 -26.44
CA THR A 1073 -5.60 -15.95 -27.34
C THR A 1073 -5.51 -17.39 -27.81
N LYS A 1074 -6.35 -18.29 -27.29
CA LYS A 1074 -6.34 -19.67 -27.74
C LYS A 1074 -6.99 -19.77 -29.12
N ARG A 1075 -6.25 -20.32 -30.08
CA ARG A 1075 -6.83 -20.57 -31.40
C ARG A 1075 -7.95 -21.59 -31.28
N LYS A 1076 -9.04 -21.35 -32.01
CA LYS A 1076 -10.16 -22.28 -32.07
C LYS A 1076 -10.39 -22.80 -33.48
N ASP A 1077 -9.57 -22.42 -34.45
CA ASP A 1077 -9.69 -22.90 -35.81
C ASP A 1077 -8.94 -24.21 -36.05
N ILE A 1078 -7.90 -24.49 -35.26
CA ILE A 1078 -7.10 -25.69 -35.46
C ILE A 1078 -6.37 -25.99 -34.15
N PHE A 1079 -5.96 -27.24 -33.99
CA PHE A 1079 -5.24 -27.70 -32.81
C PHE A 1079 -4.18 -28.71 -33.23
N LEU A 1080 -3.34 -29.11 -32.28
CA LEU A 1080 -2.34 -30.13 -32.50
C LEU A 1080 -2.98 -31.49 -32.21
N LYS A 1081 -3.20 -32.28 -33.25
CA LYS A 1081 -3.89 -33.56 -33.09
C LYS A 1081 -3.08 -34.49 -32.19
N GLU A 1082 -3.79 -35.33 -31.44
CA GLU A 1082 -3.14 -36.33 -30.61
C GLU A 1082 -2.29 -37.26 -31.46
N LEU A 1083 -1.11 -37.59 -30.94
CA LEU A 1083 -0.15 -38.49 -31.56
C LEU A 1083 0.49 -37.91 -32.81
N ASN A 1084 0.35 -36.61 -33.04
CA ASN A 1084 1.08 -35.94 -34.11
C ASN A 1084 2.37 -35.35 -33.57
N GLU A 1085 3.35 -35.19 -34.45
CA GLU A 1085 4.62 -34.57 -34.12
C GLU A 1085 4.68 -33.17 -34.71
N ILE A 1086 5.52 -32.33 -34.10
CA ILE A 1086 5.62 -30.93 -34.52
C ILE A 1086 6.97 -30.39 -34.06
N ASP A 1087 7.54 -29.53 -34.89
CA ASP A 1087 8.80 -28.86 -34.54
C ASP A 1087 8.53 -27.71 -33.58
N VAL A 1088 9.41 -27.56 -32.60
CA VAL A 1088 9.39 -26.44 -31.66
C VAL A 1088 10.57 -25.56 -32.03
N ILE A 1089 10.26 -24.30 -32.37
CA ILE A 1089 11.24 -23.38 -32.94
C ILE A 1089 11.69 -22.33 -31.94
N ALA A 1090 11.11 -22.31 -30.74
CA ALA A 1090 11.53 -21.36 -29.71
C ALA A 1090 10.91 -21.77 -28.39
N VAL A 1091 11.56 -21.35 -27.31
CA VAL A 1091 11.09 -21.59 -25.95
C VAL A 1091 11.01 -20.24 -25.27
N ASP A 1092 9.81 -19.80 -24.95
CA ASP A 1092 9.58 -18.48 -24.34
C ASP A 1092 9.06 -18.65 -22.93
N TRP A 1093 9.64 -17.90 -22.00
CA TRP A 1093 9.39 -18.08 -20.57
C TRP A 1093 8.52 -16.96 -20.02
N LEU A 1094 7.52 -17.33 -19.22
CA LEU A 1094 6.75 -16.35 -18.47
C LEU A 1094 7.66 -15.63 -17.46
N LYS A 1095 7.13 -14.55 -16.89
CA LYS A 1095 7.86 -13.85 -15.84
C LYS A 1095 8.10 -14.75 -14.64
N GLY A 1096 7.20 -15.71 -14.40
CA GLY A 1096 7.30 -16.60 -13.26
C GLY A 1096 8.19 -17.81 -13.44
N GLY A 1097 8.74 -18.01 -14.64
CA GLY A 1097 9.68 -19.10 -14.87
C GLY A 1097 9.01 -20.36 -15.34
N VAL A 1098 8.06 -20.22 -16.28
CA VAL A 1098 7.33 -21.35 -16.85
C VAL A 1098 7.55 -21.32 -18.36
N PRO A 1099 7.98 -22.40 -18.98
CA PRO A 1099 8.27 -22.38 -20.41
C PRO A 1099 7.06 -22.69 -21.28
N ARG A 1100 7.06 -22.08 -22.48
CA ARG A 1100 6.07 -22.32 -23.51
C ARG A 1100 6.82 -22.65 -24.80
N LEU A 1101 6.33 -23.66 -25.52
CA LEU A 1101 7.00 -24.18 -26.71
C LEU A 1101 6.32 -23.59 -27.94
N LEU A 1102 7.03 -22.74 -28.67
CA LEU A 1102 6.46 -22.09 -29.84
C LEU A 1102 6.58 -22.98 -31.06
N THR A 1103 5.51 -23.05 -31.84
CA THR A 1103 5.46 -23.75 -33.11
C THR A 1103 4.99 -22.77 -34.18
N GLU A 1104 5.13 -23.17 -35.44
CA GLU A 1104 4.71 -22.30 -36.54
C GLU A 1104 3.24 -21.91 -36.45
N HIS A 1105 2.45 -22.58 -35.61
CA HIS A 1105 1.04 -22.27 -35.46
C HIS A 1105 0.71 -21.54 -34.16
N GLY A 1106 1.64 -21.45 -33.23
CA GLY A 1106 1.42 -20.78 -31.97
C GLY A 1106 2.08 -21.53 -30.83
N TYR A 1107 1.82 -21.08 -29.61
CA TYR A 1107 2.42 -21.72 -28.45
C TYR A 1107 1.66 -22.98 -28.06
N ILE A 1108 2.39 -23.94 -27.51
CA ILE A 1108 1.81 -25.11 -26.86
C ILE A 1108 2.48 -25.25 -25.49
N THR A 1109 1.83 -26.03 -24.64
CA THR A 1109 2.35 -26.29 -23.31
C THR A 1109 3.66 -27.07 -23.37
N ALA A 1110 4.42 -26.97 -22.28
CA ALA A 1110 5.61 -27.78 -22.08
C ALA A 1110 5.40 -28.87 -21.04
N HIS A 1111 4.22 -28.93 -20.43
CA HIS A 1111 3.98 -29.91 -19.38
C HIS A 1111 4.14 -31.33 -19.92
N LYS A 1112 4.87 -32.15 -19.17
CA LYS A 1112 5.28 -33.46 -19.67
C LYS A 1112 4.11 -34.40 -19.92
N ASP A 1113 2.95 -34.12 -19.32
CA ASP A 1113 1.77 -34.94 -19.58
C ASP A 1113 1.12 -34.65 -20.92
N TRP A 1114 1.53 -33.59 -21.62
CA TRP A 1114 0.88 -33.16 -22.85
C TRP A 1114 1.81 -33.19 -24.06
N VAL A 1115 3.12 -33.06 -23.87
CA VAL A 1115 4.09 -33.12 -24.96
C VAL A 1115 5.23 -34.04 -24.53
N LYS A 1116 5.96 -34.53 -25.53
CA LYS A 1116 7.05 -35.46 -25.25
C LYS A 1116 8.15 -35.28 -26.29
N LYS A 1117 9.38 -35.05 -25.83
CA LYS A 1117 10.50 -34.97 -26.76
C LYS A 1117 10.59 -36.25 -27.58
N SER A 1118 10.79 -36.10 -28.88
CA SER A 1118 10.95 -37.26 -29.76
C SER A 1118 12.37 -37.83 -29.66
N VAL B 3 -27.41 -3.36 70.04
CA VAL B 3 -25.97 -3.15 69.66
C VAL B 3 -25.75 -1.68 69.31
N ASP B 4 -24.54 -1.19 69.61
CA ASP B 4 -24.20 0.21 69.43
C ASP B 4 -23.16 0.43 68.34
N LYS B 5 -22.06 -0.32 68.38
CA LYS B 5 -20.96 -0.14 67.45
C LYS B 5 -20.97 -1.22 66.37
N THR B 6 -20.32 -0.90 65.25
CA THR B 6 -20.23 -1.81 64.11
C THR B 6 -18.77 -1.96 63.72
N TRP B 7 -18.28 -3.20 63.75
CA TRP B 7 -16.89 -3.50 63.42
C TRP B 7 -16.84 -4.51 62.28
N LEU B 8 -16.28 -4.09 61.15
CA LEU B 8 -15.96 -4.97 60.05
C LEU B 8 -14.50 -5.37 60.18
N PHE B 9 -14.21 -6.64 59.89
CA PHE B 9 -12.85 -7.15 59.84
C PHE B 9 -12.59 -7.64 58.43
N GLY B 10 -11.32 -7.66 58.03
CA GLY B 10 -11.02 -8.10 56.68
C GLY B 10 -9.56 -8.06 56.30
N SER B 11 -9.11 -9.13 55.63
CA SER B 11 -7.79 -9.21 55.03
C SER B 11 -7.95 -9.93 53.69
N TYR B 12 -6.83 -10.30 53.08
CA TYR B 12 -6.87 -11.12 51.88
C TYR B 12 -7.03 -12.61 52.20
N ALA B 13 -7.01 -12.98 53.48
CA ALA B 13 -7.17 -14.37 53.87
C ALA B 13 -7.71 -14.44 55.29
N TRP B 14 -8.16 -15.64 55.67
CA TRP B 14 -8.65 -15.93 57.02
C TRP B 14 -7.43 -16.10 57.92
N GLN B 15 -6.87 -14.98 58.36
CA GLN B 15 -5.52 -14.96 58.89
C GLN B 15 -5.35 -13.86 59.93
N GLY B 16 -4.37 -14.06 60.80
CA GLY B 16 -3.75 -13.02 61.61
C GLY B 16 -4.65 -12.30 62.60
N ASN B 17 -4.18 -11.09 62.95
CA ASN B 17 -4.84 -10.32 64.00
C ASN B 17 -6.29 -9.99 63.69
N PRO B 18 -6.67 -9.63 62.46
CA PRO B 18 -8.11 -9.41 62.20
C PRO B 18 -8.95 -10.62 62.58
N LYS B 19 -8.56 -11.81 62.15
CA LYS B 19 -9.29 -13.01 62.50
C LYS B 19 -9.30 -13.23 64.01
N ALA B 20 -8.14 -13.08 64.65
CA ALA B 20 -8.06 -13.31 66.09
C ALA B 20 -9.02 -12.41 66.85
N LEU B 21 -8.92 -11.10 66.62
CA LEU B 21 -9.79 -10.16 67.31
C LEU B 21 -11.25 -10.36 66.92
N PHE B 22 -11.51 -10.76 65.67
CA PHE B 22 -12.88 -11.01 65.24
C PHE B 22 -13.51 -12.13 66.04
N LEU B 23 -12.77 -13.24 66.19
CA LEU B 23 -13.28 -14.35 67.01
C LEU B 23 -13.45 -13.93 68.46
N TYR B 24 -12.44 -13.24 69.00
CA TYR B 24 -12.51 -12.82 70.40
C TYR B 24 -13.73 -11.95 70.65
N MET B 25 -14.06 -11.06 69.72
CA MET B 25 -15.18 -10.16 69.91
C MET B 25 -16.51 -10.84 69.61
N LEU B 26 -16.53 -11.81 68.69
CA LEU B 26 -17.72 -12.63 68.52
C LEU B 26 -18.07 -13.35 69.81
N VAL B 27 -17.05 -13.81 70.54
CA VAL B 27 -17.33 -14.58 71.76
C VAL B 27 -17.62 -13.66 72.94
N ASN B 28 -16.86 -12.57 73.09
CA ASN B 28 -16.89 -11.77 74.30
C ASN B 28 -17.49 -10.38 74.11
N CYS B 29 -17.97 -10.03 72.91
CA CYS B 29 -18.46 -8.68 72.64
C CYS B 29 -19.70 -8.73 71.77
N LYS B 30 -20.62 -9.64 72.07
CA LYS B 30 -21.85 -9.75 71.29
C LYS B 30 -22.86 -8.67 71.66
N GLU B 31 -22.85 -8.21 72.90
CA GLU B 31 -23.81 -7.20 73.35
C GLU B 31 -23.35 -5.77 73.14
N THR B 32 -22.09 -5.56 72.77
CA THR B 32 -21.55 -4.22 72.57
C THR B 32 -21.32 -3.88 71.11
N HIS B 33 -20.76 -4.79 70.32
CA HIS B 33 -20.44 -4.55 68.93
C HIS B 33 -21.09 -5.60 68.04
N GLU B 34 -21.50 -5.18 66.85
CA GLU B 34 -21.88 -6.10 65.78
C GLU B 34 -20.66 -6.30 64.88
N CYS B 35 -20.16 -7.53 64.83
CA CYS B 35 -18.91 -7.85 64.15
C CYS B 35 -19.20 -8.65 62.89
N TRP B 36 -18.56 -8.27 61.79
CA TRP B 36 -18.74 -8.97 60.52
C TRP B 36 -17.41 -9.07 59.79
N TRP B 37 -17.10 -10.27 59.28
CA TRP B 37 -15.87 -10.52 58.53
C TRP B 37 -16.19 -10.44 57.04
N VAL B 38 -15.48 -9.55 56.34
CA VAL B 38 -15.75 -9.28 54.93
C VAL B 38 -14.60 -9.82 54.08
N ALA B 39 -14.73 -11.06 53.61
CA ALA B 39 -13.78 -11.61 52.67
C ALA B 39 -13.75 -10.78 51.39
N ASP B 40 -12.72 -11.03 50.57
CA ASP B 40 -12.60 -10.28 49.33
C ASP B 40 -13.55 -10.80 48.26
N ASN B 41 -13.70 -12.12 48.15
CA ASN B 41 -14.59 -12.74 47.19
C ASN B 41 -15.68 -13.53 47.92
N GLU B 42 -16.54 -14.18 47.14
CA GLU B 42 -17.65 -14.96 47.67
C GLU B 42 -17.24 -16.38 48.04
N GLU B 43 -16.30 -16.96 47.29
CA GLU B 43 -15.88 -18.33 47.59
C GLU B 43 -15.19 -18.41 48.94
N SER B 44 -14.42 -17.38 49.30
CA SER B 44 -13.82 -17.34 50.64
C SER B 44 -14.89 -17.21 51.72
N MET B 45 -15.90 -16.38 51.48
CA MET B 45 -17.02 -16.28 52.40
C MET B 45 -17.64 -17.65 52.64
N LYS B 46 -17.92 -18.38 51.56
CA LYS B 46 -18.53 -19.70 51.71
C LYS B 46 -17.60 -20.67 52.41
N SER B 47 -16.31 -20.66 52.06
CA SER B 47 -15.35 -21.55 52.70
C SER B 47 -15.30 -21.32 54.20
N ILE B 48 -15.29 -20.05 54.63
CA ILE B 48 -15.28 -19.74 56.05
C ILE B 48 -16.59 -20.20 56.70
N LYS B 49 -17.72 -19.80 56.12
CA LYS B 49 -19.02 -20.21 56.65
C LYS B 49 -19.08 -21.71 56.87
N LYS B 50 -18.48 -22.49 55.97
CA LYS B 50 -18.60 -23.94 56.05
C LYS B 50 -17.58 -24.54 57.02
N SER B 51 -16.31 -24.14 56.92
CA SER B 51 -15.28 -24.74 57.74
C SER B 51 -15.44 -24.37 59.21
N THR B 52 -15.79 -23.11 59.49
CA THR B 52 -15.99 -22.66 60.86
C THR B 52 -17.44 -22.72 61.31
N GLY B 53 -18.38 -22.90 60.38
CA GLY B 53 -19.78 -22.91 60.75
C GLY B 53 -20.23 -21.62 61.39
N LEU B 54 -19.69 -20.50 60.92
CA LEU B 54 -19.96 -19.19 61.51
C LEU B 54 -20.92 -18.40 60.63
N LYS B 55 -21.83 -17.67 61.28
CA LYS B 55 -22.63 -16.65 60.61
C LYS B 55 -21.84 -15.35 60.66
N ASN B 56 -22.49 -14.23 60.33
CA ASN B 56 -21.85 -12.92 60.37
C ASN B 56 -20.63 -12.85 59.46
N ILE B 57 -20.65 -13.62 58.37
CA ILE B 57 -19.60 -13.58 57.36
C ILE B 57 -20.21 -13.05 56.07
N THR B 58 -19.42 -12.28 55.32
CA THR B 58 -19.87 -11.74 54.05
C THR B 58 -18.65 -11.48 53.17
N PHE B 59 -18.87 -10.90 51.99
CA PHE B 59 -17.81 -10.65 51.04
C PHE B 59 -17.91 -9.22 50.52
N THR B 60 -16.90 -8.81 49.76
CA THR B 60 -16.84 -7.45 49.26
C THR B 60 -17.95 -7.18 48.26
N ASP B 61 -18.51 -5.98 48.31
CA ASP B 61 -19.58 -5.52 47.42
C ASP B 61 -20.84 -6.36 47.56
N SER B 62 -20.97 -7.13 48.64
CA SER B 62 -22.23 -7.77 48.94
C SER B 62 -23.24 -6.75 49.45
N GLU B 63 -24.51 -7.12 49.43
CA GLU B 63 -25.53 -6.22 49.95
C GLU B 63 -25.33 -5.96 51.44
N LYS B 64 -24.90 -6.99 52.19
CA LYS B 64 -24.62 -6.78 53.61
C LYS B 64 -23.41 -5.89 53.79
N ALA B 65 -22.40 -6.02 52.93
CA ALA B 65 -21.26 -5.12 52.98
C ALA B 65 -21.66 -3.70 52.61
N LYS B 66 -22.42 -3.56 51.51
CA LYS B 66 -22.91 -2.25 51.12
C LYS B 66 -23.85 -1.65 52.15
N GLU B 67 -24.35 -2.46 53.08
CA GLU B 67 -25.19 -1.98 54.18
C GLU B 67 -24.37 -1.56 55.39
N LEU B 68 -23.34 -2.34 55.73
CA LEU B 68 -22.59 -2.09 56.96
C LEU B 68 -21.51 -1.02 56.76
N PHE B 69 -20.81 -1.05 55.63
CA PHE B 69 -19.73 -0.09 55.42
C PHE B 69 -20.19 1.36 55.44
N PRO B 70 -21.30 1.75 54.81
CA PRO B 70 -21.65 3.18 54.75
C PRO B 70 -21.83 3.84 56.11
N HIS B 71 -22.05 3.07 57.18
CA HIS B 71 -22.23 3.65 58.51
C HIS B 71 -21.50 2.83 59.57
N ALA B 72 -20.44 2.12 59.17
CA ALA B 72 -19.67 1.33 60.12
C ALA B 72 -18.94 2.24 61.11
N ASP B 73 -18.38 1.62 62.14
CA ASP B 73 -17.61 2.32 63.16
C ASP B 73 -16.12 1.99 63.13
N VAL B 74 -15.76 0.75 62.81
CA VAL B 74 -14.34 0.37 62.73
C VAL B 74 -14.15 -0.64 61.62
N TYR B 75 -12.99 -0.55 60.96
CA TYR B 75 -12.58 -1.48 59.91
C TYR B 75 -11.20 -2.01 60.29
N VAL B 76 -11.12 -3.31 60.58
CA VAL B 76 -9.91 -3.92 61.10
C VAL B 76 -9.15 -4.54 59.95
N THR B 77 -7.89 -4.13 59.78
CA THR B 77 -7.04 -4.61 58.70
C THR B 77 -5.66 -4.95 59.27
N GLU B 78 -4.92 -5.77 58.51
CA GLU B 78 -3.54 -6.06 58.83
C GLU B 78 -2.55 -5.46 57.83
N ASN B 79 -3.04 -4.92 56.72
CA ASN B 79 -2.20 -4.23 55.75
C ASN B 79 -2.83 -2.88 55.42
N PHE B 80 -2.04 -2.01 54.80
CA PHE B 80 -2.56 -0.83 54.12
C PHE B 80 -3.11 -1.32 52.80
N ARG B 81 -4.41 -1.60 52.79
CA ARG B 81 -5.02 -2.33 51.68
C ARG B 81 -4.93 -1.53 50.39
N GLU B 82 -4.81 -2.27 49.27
CA GLU B 82 -4.78 -1.63 47.96
C GLU B 82 -6.07 -0.85 47.72
N SER B 83 -7.22 -1.49 47.90
CA SER B 83 -8.51 -0.89 47.64
C SER B 83 -9.35 -0.89 48.90
N TYR B 84 -10.09 0.20 49.12
CA TYR B 84 -11.09 0.29 50.17
C TYR B 84 -12.45 0.58 49.54
N PRO B 85 -13.53 0.03 50.10
CA PRO B 85 -14.85 0.28 49.52
C PRO B 85 -15.12 1.77 49.32
N VAL B 86 -15.52 2.14 48.11
CA VAL B 86 -15.83 3.53 47.81
C VAL B 86 -16.90 4.05 48.76
N TYR B 87 -17.89 3.22 49.08
CA TYR B 87 -18.99 3.62 49.94
C TYR B 87 -18.64 3.57 51.43
N MET B 88 -17.40 3.27 51.77
CA MET B 88 -16.98 3.30 53.16
C MET B 88 -17.19 4.70 53.74
N ASN B 89 -17.75 4.76 54.94
CA ASN B 89 -18.10 6.06 55.51
C ASN B 89 -16.83 6.90 55.71
N GLU B 90 -17.00 8.21 55.67
CA GLU B 90 -15.89 9.15 55.76
C GLU B 90 -15.38 9.34 57.18
N ASN B 91 -15.91 8.60 58.15
CA ASN B 91 -15.45 8.69 59.54
C ASN B 91 -15.12 7.34 60.14
N ILE B 92 -15.01 6.29 59.33
CA ILE B 92 -14.63 4.98 59.85
C ILE B 92 -13.21 5.05 60.40
N LYS B 93 -12.95 4.26 61.43
CA LYS B 93 -11.63 4.15 62.03
C LYS B 93 -10.99 2.85 61.51
N VAL B 94 -9.94 2.99 60.71
CA VAL B 94 -9.26 1.83 60.13
C VAL B 94 -8.21 1.39 61.13
N PHE B 95 -8.56 0.40 61.94
CA PHE B 95 -7.65 -0.18 62.91
C PHE B 95 -6.71 -1.13 62.17
N ASN B 96 -5.50 -0.64 61.86
CA ASN B 96 -4.51 -1.45 61.16
C ASN B 96 -3.70 -2.21 62.20
N THR B 97 -4.02 -3.49 62.38
CA THR B 97 -3.25 -4.36 63.26
C THR B 97 -2.20 -5.06 62.42
N TRP B 98 -1.02 -4.44 62.36
CA TRP B 98 0.04 -4.89 61.46
C TRP B 98 0.25 -6.39 61.54
N HIS B 99 0.89 -6.96 60.52
CA HIS B 99 1.00 -8.41 60.38
C HIS B 99 2.37 -8.94 60.78
N GLY B 100 3.11 -8.21 61.61
CA GLY B 100 4.38 -8.73 62.08
C GLY B 100 5.26 -7.66 62.68
N VAL B 101 6.18 -8.12 63.52
CA VAL B 101 7.19 -7.27 64.13
C VAL B 101 8.56 -7.89 63.87
N GLY B 102 9.53 -7.04 63.56
CA GLY B 102 10.86 -7.53 63.27
C GLY B 102 11.83 -6.45 62.84
N LEU B 103 12.78 -6.82 61.98
CA LEU B 103 13.86 -5.92 61.57
C LEU B 103 13.75 -5.48 60.11
N LYS B 104 12.73 -5.96 59.39
CA LYS B 104 12.63 -5.69 57.96
C LYS B 104 12.03 -4.31 57.72
N HIS B 105 12.63 -3.56 56.81
CA HIS B 105 12.00 -2.33 56.33
C HIS B 105 10.71 -2.68 55.59
N ILE B 106 9.79 -1.72 55.54
CA ILE B 106 8.45 -1.95 54.98
C ILE B 106 7.88 -0.65 54.45
N GLU B 107 6.88 -0.79 53.59
CA GLU B 107 6.05 0.33 53.12
C GLU B 107 6.96 1.38 52.49
N LEU B 108 6.80 2.66 52.81
CA LEU B 108 7.51 3.71 52.09
C LEU B 108 9.03 3.59 52.22
N ALA B 109 9.52 2.89 53.24
CA ALA B 109 10.95 2.74 53.40
C ALA B 109 11.55 1.78 52.38
N LEU B 110 10.74 0.91 51.78
CA LEU B 110 11.28 -0.03 50.80
C LEU B 110 11.94 0.68 49.63
N GLY B 111 11.41 1.84 49.25
CA GLY B 111 12.03 2.66 48.24
C GLY B 111 11.65 2.26 46.83
N MET B 112 12.11 3.08 45.88
CA MET B 112 11.82 2.84 44.47
C MET B 112 12.49 1.59 43.93
N ASN B 113 13.51 1.09 44.62
CA ASN B 113 14.27 -0.06 44.17
C ASN B 113 13.69 -1.38 44.69
N SER B 114 12.48 -1.37 45.23
CA SER B 114 11.83 -2.57 45.69
C SER B 114 10.93 -3.15 44.60
N VAL B 115 10.81 -4.47 44.59
CA VAL B 115 10.01 -5.16 43.58
C VAL B 115 8.53 -4.95 43.87
N LEU B 116 8.22 -4.28 44.99
CA LEU B 116 6.85 -3.90 45.33
C LEU B 116 6.62 -2.40 45.13
N ALA B 117 7.46 -1.74 44.33
CA ALA B 117 7.39 -0.29 44.22
C ALA B 117 6.03 0.18 43.70
N GLU B 118 5.56 -0.42 42.60
CA GLU B 118 4.30 0.03 42.02
C GLU B 118 3.14 -0.16 42.99
N SER B 119 3.11 -1.29 43.70
CA SER B 119 2.02 -1.54 44.64
C SER B 119 2.00 -0.48 45.74
N ILE B 120 3.16 -0.19 46.32
CA ILE B 120 3.26 0.86 47.33
C ILE B 120 2.76 2.18 46.77
N VAL B 121 3.26 2.56 45.59
CA VAL B 121 2.95 3.88 45.05
C VAL B 121 1.45 4.00 44.78
N ARG B 122 0.85 2.97 44.20
CA ARG B 122 -0.58 3.07 43.88
C ARG B 122 -1.42 3.02 45.14
N LYS B 123 -1.08 2.13 46.09
CA LYS B 123 -1.73 2.15 47.39
C LYS B 123 -1.80 3.57 47.94
N TYR B 124 -0.65 4.23 48.04
CA TYR B 124 -0.61 5.52 48.71
C TYR B 124 -1.27 6.61 47.88
N VAL B 125 -0.96 6.67 46.58
CA VAL B 125 -1.61 7.65 45.71
C VAL B 125 -3.13 7.53 45.80
N ARG B 126 -3.64 6.32 45.96
CA ARG B 126 -5.09 6.15 46.04
C ARG B 126 -5.63 6.53 47.41
N ASN B 127 -4.97 6.13 48.50
CA ASN B 127 -5.59 6.12 49.81
C ASN B 127 -4.77 6.86 50.85
N TYR B 128 -3.99 7.88 50.46
CA TYR B 128 -3.19 8.59 51.44
C TYR B 128 -4.08 9.36 52.42
N ASP B 129 -5.19 9.90 51.94
CA ASP B 129 -6.12 10.58 52.85
C ASP B 129 -6.57 9.64 53.94
N ILE B 130 -7.04 8.44 53.56
CA ILE B 130 -7.46 7.44 54.54
C ILE B 130 -6.30 7.10 55.47
N TYR B 131 -5.11 6.88 54.89
CA TYR B 131 -3.97 6.44 55.70
C TYR B 131 -3.61 7.49 56.75
N LYS B 132 -3.64 8.77 56.40
CA LYS B 132 -3.17 9.82 57.30
C LYS B 132 -4.27 10.36 58.20
N ASN B 133 -5.55 10.08 57.92
CA ASN B 133 -6.63 10.64 58.73
C ASN B 133 -7.50 9.61 59.44
N ASN B 134 -7.41 8.32 59.09
CA ASN B 134 -8.35 7.34 59.62
C ASN B 134 -7.72 6.02 60.02
N VAL B 135 -6.39 5.92 60.04
CA VAL B 135 -5.72 4.65 60.29
C VAL B 135 -5.19 4.65 61.72
N LEU B 136 -5.77 3.81 62.56
CA LEU B 136 -5.27 3.56 63.90
C LEU B 136 -4.29 2.38 63.81
N PHE B 137 -2.99 2.69 63.92
CA PHE B 137 -1.96 1.69 63.75
C PHE B 137 -1.58 1.10 65.10
N LEU B 138 -1.44 -0.23 65.15
CA LEU B 138 -1.20 -0.97 66.38
C LEU B 138 0.29 -1.20 66.54
N THR B 139 0.92 -0.43 67.42
CA THR B 139 2.29 -0.67 67.82
C THR B 139 2.33 -1.51 69.09
N THR B 140 3.45 -2.20 69.30
CA THR B 140 3.58 -3.12 70.42
C THR B 140 4.74 -2.79 71.35
N SER B 141 5.68 -1.94 70.94
CA SER B 141 6.77 -1.53 71.81
C SER B 141 7.30 -0.19 71.31
N GLN B 142 8.11 0.45 72.15
CA GLN B 142 8.67 1.75 71.78
C GLN B 142 9.58 1.63 70.56
N ALA B 143 10.42 0.60 70.53
CA ALA B 143 11.29 0.39 69.37
C ALA B 143 10.46 0.17 68.12
N MET B 144 9.45 -0.70 68.19
CA MET B 144 8.61 -0.95 67.03
C MET B 144 7.80 0.29 66.66
N GLU B 145 7.37 1.07 67.64
CA GLU B 145 6.64 2.29 67.33
C GLU B 145 7.51 3.27 66.56
N ASP B 146 8.75 3.46 67.02
CA ASP B 146 9.66 4.36 66.30
C ASP B 146 9.96 3.82 64.90
N HIS B 147 10.18 2.52 64.78
CA HIS B 147 10.43 1.91 63.48
C HIS B 147 9.27 2.16 62.51
N PHE B 148 8.04 1.87 62.96
CA PHE B 148 6.89 2.01 62.08
C PHE B 148 6.58 3.48 61.81
N LEU B 149 6.91 4.38 62.74
CA LEU B 149 6.79 5.80 62.44
C LEU B 149 7.79 6.21 61.36
N GLU B 150 9.00 5.67 61.41
CA GLU B 150 9.99 5.93 60.38
C GLU B 150 9.49 5.46 59.02
N ASP B 151 8.99 4.22 58.94
CA ASP B 151 8.73 3.58 57.66
C ASP B 151 7.32 3.79 57.13
N MET B 152 6.45 4.49 57.87
CA MET B 152 5.05 4.61 57.47
C MET B 152 4.59 6.06 57.54
N ALA B 153 3.46 6.32 56.89
CA ALA B 153 2.84 7.64 56.89
C ALA B 153 1.59 7.63 57.77
N ILE B 154 1.77 7.28 59.04
CA ILE B 154 0.67 7.23 59.98
C ILE B 154 0.72 8.47 60.88
N SER B 155 -0.34 8.68 61.64
CA SER B 155 -0.41 9.77 62.60
C SER B 155 -0.03 9.24 63.98
N LYS B 156 0.99 9.85 64.59
CA LYS B 156 1.41 9.42 65.91
C LYS B 156 0.27 9.51 66.92
N GLU B 157 -0.64 10.46 66.73
CA GLU B 157 -1.77 10.64 67.63
C GLU B 157 -2.90 9.65 67.36
N LEU B 158 -2.73 8.75 66.41
CA LEU B 158 -3.69 7.67 66.14
C LEU B 158 -3.12 6.29 66.50
N ILE B 159 -1.95 6.25 67.14
CA ILE B 159 -1.30 4.99 67.45
C ILE B 159 -2.01 4.32 68.62
N ILE B 160 -2.21 3.01 68.52
CA ILE B 160 -2.75 2.20 69.60
C ILE B 160 -1.65 1.29 70.09
N ARG B 161 -1.43 1.26 71.40
CA ARG B 161 -0.40 0.46 72.04
C ARG B 161 -1.05 -0.71 72.77
N GLY B 162 -0.62 -1.93 72.46
CA GLY B 162 -1.16 -3.11 73.08
C GLY B 162 -0.52 -4.38 72.60
N LYS B 163 -1.27 -5.48 72.62
CA LYS B 163 -0.80 -6.78 72.18
C LYS B 163 -1.36 -7.10 70.80
N TYR B 164 -0.62 -7.88 70.03
CA TYR B 164 -1.14 -8.48 68.81
C TYR B 164 -2.22 -9.49 69.19
N PRO B 165 -3.48 -9.30 68.77
CA PRO B 165 -4.51 -10.30 69.11
C PRO B 165 -4.13 -11.73 68.72
N ARG B 166 -3.45 -11.91 67.60
CA ARG B 166 -3.08 -13.25 67.16
C ARG B 166 -2.02 -13.89 68.06
N ASN B 167 -1.55 -13.19 69.09
CA ASN B 167 -0.56 -13.72 70.03
C ASN B 167 -1.13 -13.92 71.42
N ALA B 168 -2.42 -13.62 71.65
CA ALA B 168 -2.97 -13.66 73.00
C ALA B 168 -4.46 -13.98 72.94
N VAL B 169 -4.86 -14.91 72.07
CA VAL B 169 -6.26 -15.27 71.93
C VAL B 169 -6.42 -16.77 71.78
N TYR B 170 -5.49 -17.40 71.04
CA TYR B 170 -5.54 -18.84 70.81
C TYR B 170 -4.76 -19.64 71.84
N GLY B 171 -4.70 -19.17 73.08
CA GLY B 171 -3.94 -19.84 74.10
C GLY B 171 -4.42 -21.24 74.37
N PRO B 172 -3.80 -21.93 75.34
CA PRO B 172 -4.28 -23.26 75.73
C PRO B 172 -5.78 -23.28 76.02
N ASN B 173 -6.25 -22.42 76.93
CA ASN B 173 -7.66 -22.30 77.23
C ASN B 173 -8.33 -21.18 76.44
N GLY B 174 -7.66 -20.65 75.42
CA GLY B 174 -8.21 -19.60 74.59
C GLY B 174 -9.20 -20.13 73.58
N ILE B 175 -9.21 -19.49 72.41
CA ILE B 175 -10.10 -19.87 71.32
C ILE B 175 -9.40 -20.90 70.45
N HIS B 176 -10.18 -21.86 69.93
CA HIS B 176 -9.63 -22.88 69.03
C HIS B 176 -10.75 -23.28 68.07
N THR B 177 -10.65 -22.84 66.82
CA THR B 177 -11.65 -23.16 65.82
C THR B 177 -11.46 -24.55 65.20
N TYR B 178 -10.41 -25.26 65.59
CA TYR B 178 -10.17 -26.60 65.06
C TYR B 178 -9.32 -27.37 66.06
N ASP B 179 -9.44 -28.70 66.00
CA ASP B 179 -8.66 -29.59 66.85
C ASP B 179 -7.36 -29.95 66.14
N ILE B 180 -6.24 -29.78 66.85
CA ILE B 180 -4.94 -30.01 66.25
C ILE B 180 -4.82 -31.44 65.75
N ASN B 181 -5.46 -32.39 66.43
CA ASN B 181 -5.26 -33.80 66.14
C ASN B 181 -5.88 -34.20 64.80
N THR B 182 -6.81 -33.43 64.25
CA THR B 182 -7.38 -33.74 62.96
C THR B 182 -6.46 -33.38 61.80
N LEU B 183 -5.30 -32.77 62.07
CA LEU B 183 -4.36 -32.40 61.04
C LEU B 183 -3.04 -33.17 61.11
N LEU B 184 -2.72 -33.78 62.26
CA LEU B 184 -1.47 -34.51 62.42
C LEU B 184 -1.64 -35.96 61.97
N PRO B 185 -0.59 -36.58 61.43
CA PRO B 185 -0.71 -37.99 61.05
C PRO B 185 -0.96 -38.91 62.23
N LYS B 186 -0.37 -38.60 63.39
CA LYS B 186 -0.61 -39.33 64.62
C LYS B 186 -0.98 -38.35 65.72
N ASN B 187 -1.52 -38.88 66.81
CA ASN B 187 -1.76 -38.04 67.97
C ASN B 187 -0.46 -37.39 68.42
N LYS B 188 -0.55 -36.17 68.91
CA LYS B 188 0.65 -35.43 69.27
C LYS B 188 1.48 -36.17 70.32
N SER B 189 0.83 -37.00 71.14
CA SER B 189 1.56 -37.71 72.19
C SER B 189 2.63 -38.63 71.61
N GLN B 190 2.42 -39.15 70.41
CA GLN B 190 3.36 -40.08 69.81
C GLN B 190 4.56 -39.40 69.16
N TYR B 191 4.80 -38.13 69.45
CA TYR B 191 5.92 -37.38 68.89
C TYR B 191 6.76 -36.81 70.02
N SER B 192 8.04 -37.16 70.05
CA SER B 192 8.94 -36.59 71.04
C SER B 192 8.96 -35.07 70.95
N GLN B 193 9.09 -34.54 69.74
CA GLN B 193 9.12 -33.10 69.52
C GLN B 193 8.34 -32.73 68.27
N THR B 194 7.54 -31.68 68.39
CA THR B 194 6.88 -31.05 67.25
C THR B 194 7.76 -29.89 66.79
N ILE B 195 8.25 -29.98 65.55
CA ILE B 195 9.16 -28.99 64.98
C ILE B 195 8.40 -28.22 63.91
N LEU B 196 8.51 -26.90 63.93
CA LEU B 196 7.85 -26.02 62.97
C LEU B 196 8.90 -25.29 62.17
N PHE B 197 9.07 -25.68 60.90
CA PHE B 197 10.01 -25.02 59.99
C PHE B 197 9.24 -23.95 59.23
N CYS B 198 9.50 -22.68 59.53
CA CYS B 198 8.74 -21.55 59.01
C CYS B 198 9.68 -20.51 58.42
N PRO B 199 10.19 -20.74 57.21
CA PRO B 199 11.09 -19.79 56.58
C PRO B 199 10.34 -18.63 55.95
N THR B 200 11.10 -17.60 55.57
CA THR B 200 10.59 -16.45 54.84
C THR B 200 10.91 -16.61 53.35
N TYR B 201 10.27 -15.77 52.55
CA TYR B 201 10.57 -15.71 51.13
C TYR B 201 11.83 -14.88 50.89
N ARG B 202 12.71 -15.39 50.03
CA ARG B 202 13.92 -14.66 49.66
C ARG B 202 13.62 -13.73 48.49
N ILE B 203 14.11 -12.50 48.59
CA ILE B 203 13.82 -11.49 47.57
C ILE B 203 14.45 -11.91 46.25
N GLY B 204 13.65 -11.90 45.19
CA GLY B 204 14.13 -12.15 43.85
C GLY B 204 14.24 -13.61 43.46
N ALA B 205 13.88 -14.55 44.33
CA ALA B 205 13.96 -15.96 44.02
C ALA B 205 12.80 -16.69 44.65
N ILE B 206 12.30 -17.72 43.97
CA ILE B 206 11.23 -18.56 44.48
C ILE B 206 11.49 -20.00 44.10
N GLN B 207 11.71 -20.26 42.81
CA GLN B 207 11.94 -21.62 42.32
C GLN B 207 13.33 -22.08 42.74
N GLY B 208 13.38 -23.05 43.65
CA GLY B 208 14.62 -23.65 44.09
C GLY B 208 15.05 -23.25 45.49
N VAL B 209 14.42 -22.26 46.10
CA VAL B 209 14.78 -21.86 47.46
C VAL B 209 14.58 -23.04 48.42
N LEU B 210 13.37 -23.59 48.44
CA LEU B 210 13.07 -24.71 49.33
C LEU B 210 14.04 -25.86 49.11
N ASN B 211 14.37 -26.16 47.86
CA ASN B 211 15.28 -27.27 47.58
C ASN B 211 16.66 -27.01 48.16
N SER B 212 17.17 -25.78 48.06
CA SER B 212 18.45 -25.47 48.65
C SER B 212 18.38 -25.43 50.17
N LEU B 213 17.20 -25.18 50.74
CA LEU B 213 17.05 -25.24 52.19
C LEU B 213 16.85 -26.66 52.68
N LEU B 214 16.05 -27.46 51.98
CA LEU B 214 15.77 -28.84 52.35
C LEU B 214 15.97 -29.72 51.11
N PRO B 215 17.21 -29.98 50.73
CA PRO B 215 17.45 -30.70 49.47
C PRO B 215 16.99 -32.16 49.52
N ASP B 216 17.25 -32.86 50.61
CA ASP B 216 17.00 -34.29 50.71
C ASP B 216 15.90 -34.52 51.74
N PHE B 217 14.65 -34.52 51.29
CA PHE B 217 13.53 -34.77 52.18
C PHE B 217 13.49 -36.21 52.66
N ALA B 218 14.06 -37.14 51.91
CA ALA B 218 14.09 -38.53 52.34
C ALA B 218 14.90 -38.69 53.62
N LYS B 219 16.11 -38.12 53.66
CA LYS B 219 16.94 -38.23 54.85
C LYS B 219 16.33 -37.46 56.02
N LEU B 220 15.70 -36.32 55.73
CA LEU B 220 14.99 -35.59 56.78
C LEU B 220 13.90 -36.46 57.40
N GLU B 221 13.13 -37.15 56.55
CA GLU B 221 12.10 -38.05 57.06
C GLU B 221 12.72 -39.17 57.88
N GLU B 222 13.81 -39.77 57.39
CA GLU B 222 14.48 -40.83 58.14
C GLU B 222 14.88 -40.34 59.53
N VAL B 223 15.55 -39.20 59.59
CA VAL B 223 16.03 -38.68 60.87
C VAL B 223 14.86 -38.39 61.79
N CYS B 224 13.83 -37.73 61.27
CA CYS B 224 12.69 -37.39 62.13
C CYS B 224 11.96 -38.64 62.61
N ARG B 225 11.92 -39.70 61.79
CA ARG B 225 11.33 -40.96 62.23
C ARG B 225 12.13 -41.55 63.37
N HIS B 226 13.43 -41.77 63.14
CA HIS B 226 14.28 -42.35 64.17
C HIS B 226 14.18 -41.59 65.48
N LYS B 227 13.81 -40.31 65.44
CA LYS B 227 13.70 -39.47 66.62
C LYS B 227 12.27 -39.25 67.07
N ASN B 228 11.29 -39.82 66.37
CA ASN B 228 9.88 -39.60 66.67
C ASN B 228 9.55 -38.11 66.70
N GLN B 229 10.11 -37.37 65.74
CA GLN B 229 9.86 -35.95 65.59
C GLN B 229 8.87 -35.71 64.46
N LEU B 230 7.99 -34.73 64.65
CA LEU B 230 7.05 -34.33 63.61
C LEU B 230 7.54 -33.02 63.00
N PHE B 231 8.03 -33.08 61.76
CA PHE B 231 8.56 -31.93 61.06
C PHE B 231 7.46 -31.29 60.23
N ILE B 232 7.10 -30.05 60.57
CA ILE B 232 5.97 -29.34 60.00
C ILE B 232 6.51 -28.28 59.07
N VAL B 233 6.33 -28.49 57.76
CA VAL B 233 6.73 -27.52 56.74
C VAL B 233 5.63 -26.48 56.63
N LYS B 234 5.92 -25.25 57.09
CA LYS B 234 4.99 -24.12 57.01
C LYS B 234 5.76 -22.97 56.35
N VAL B 235 5.85 -23.02 55.02
CA VAL B 235 6.60 -22.00 54.29
C VAL B 235 5.74 -20.75 54.15
N HIS B 236 6.41 -19.64 53.85
CA HIS B 236 5.70 -18.40 53.58
C HIS B 236 4.79 -18.59 52.38
N PRO B 237 3.57 -18.03 52.40
CA PRO B 237 2.64 -18.25 51.27
C PRO B 237 3.28 -18.04 49.90
N PHE B 238 4.04 -16.96 49.72
CA PHE B 238 4.67 -16.69 48.43
C PHE B 238 5.49 -17.88 47.95
N MET B 239 6.02 -18.68 48.88
CA MET B 239 6.89 -19.79 48.52
C MET B 239 6.15 -21.03 48.08
N LYS B 240 4.83 -21.09 48.27
CA LYS B 240 4.08 -22.29 47.90
C LYS B 240 4.10 -22.56 46.40
N LYS B 241 4.54 -21.61 45.58
CA LYS B 241 4.54 -21.79 44.14
C LYS B 241 5.81 -22.43 43.62
N ASP B 242 6.83 -22.60 44.46
CA ASP B 242 8.02 -23.34 44.05
C ASP B 242 7.63 -24.75 43.64
N ASN B 243 7.91 -25.10 42.39
CA ASN B 243 7.54 -26.43 41.90
C ASN B 243 8.06 -27.52 42.83
N TYR B 244 9.26 -27.33 43.38
CA TYR B 244 9.79 -28.30 44.34
C TYR B 244 8.86 -28.42 45.54
N PHE B 245 8.26 -27.32 45.98
CA PHE B 245 7.33 -27.38 47.10
C PHE B 245 6.16 -28.30 46.79
N ALA B 246 5.53 -28.12 45.63
CA ALA B 246 4.39 -28.96 45.27
C ALA B 246 4.82 -30.41 45.11
N GLU B 247 5.98 -30.64 44.51
CA GLU B 247 6.48 -32.00 44.34
C GLU B 247 6.60 -32.70 45.70
N MET B 248 7.27 -32.04 46.66
CA MET B 248 7.46 -32.67 47.97
C MET B 248 6.16 -32.75 48.75
N SER B 249 5.26 -31.78 48.57
CA SER B 249 3.98 -31.81 49.27
C SER B 249 3.13 -32.98 48.81
N GLU B 250 3.18 -33.30 47.52
CA GLU B 250 2.49 -34.50 47.04
C GLU B 250 3.23 -35.76 47.46
N LYS B 251 4.57 -35.71 47.49
CA LYS B 251 5.35 -36.90 47.79
C LYS B 251 5.18 -37.32 49.25
N TYR B 252 4.92 -36.38 50.15
CA TYR B 252 4.80 -36.65 51.57
C TYR B 252 3.44 -36.21 52.12
N LYS B 253 2.40 -36.30 51.28
CA LYS B 253 1.05 -35.95 51.74
C LYS B 253 0.56 -36.91 52.81
N ASP B 254 1.00 -38.17 52.75
CA ASP B 254 0.61 -39.20 53.72
C ASP B 254 1.78 -39.61 54.61
N SER B 255 2.80 -38.77 54.73
CA SER B 255 3.97 -39.11 55.53
C SER B 255 3.63 -39.06 57.02
N GLU B 256 4.20 -39.99 57.78
CA GLU B 256 3.95 -40.08 59.20
C GLU B 256 4.78 -39.09 60.02
N TYR B 257 5.84 -38.54 59.44
CA TYR B 257 6.76 -37.68 60.17
C TYR B 257 7.08 -36.36 59.48
N ILE B 258 6.64 -36.15 58.25
CA ILE B 258 6.80 -34.88 57.55
C ILE B 258 5.42 -34.42 57.12
N LEU B 259 5.01 -33.24 57.60
CA LEU B 259 3.66 -32.74 57.38
C LEU B 259 3.74 -31.34 56.78
N PHE B 260 3.23 -31.20 55.56
CA PHE B 260 3.10 -29.87 54.96
C PHE B 260 1.80 -29.24 55.46
N TRP B 261 1.93 -28.14 56.19
CA TRP B 261 0.78 -27.55 56.85
C TRP B 261 -0.30 -27.15 55.85
N ASN B 262 -1.56 -27.34 56.26
CA ASN B 262 -2.71 -26.94 55.45
C ASN B 262 -3.06 -25.50 55.80
N ASP B 263 -2.86 -24.60 54.84
CA ASP B 263 -3.11 -23.18 55.08
C ASP B 263 -4.57 -22.87 55.33
N ASP B 264 -5.49 -23.80 55.04
CA ASP B 264 -6.89 -23.57 55.39
C ASP B 264 -7.07 -23.35 56.89
N TYR B 265 -6.13 -23.83 57.69
CA TYR B 265 -6.17 -23.66 59.15
C TYR B 265 -5.05 -22.72 59.58
N ASP B 266 -5.37 -21.83 60.51
CA ASP B 266 -4.42 -20.83 60.99
C ASP B 266 -3.40 -21.50 61.90
N ILE B 267 -2.15 -21.55 61.46
CA ILE B 267 -1.09 -22.18 62.24
C ILE B 267 -1.00 -21.57 63.64
N TYR B 268 -1.33 -20.29 63.77
CA TYR B 268 -1.20 -19.63 65.07
C TYR B 268 -1.98 -20.36 66.16
N GLU B 269 -3.19 -20.84 65.83
CA GLU B 269 -4.00 -21.54 66.83
C GLU B 269 -3.24 -22.70 67.47
N ALA B 270 -2.23 -23.23 66.81
CA ALA B 270 -1.52 -24.42 67.28
C ALA B 270 -0.13 -24.09 67.84
N PHE B 271 0.17 -22.82 68.08
CA PHE B 271 1.48 -22.50 68.65
C PHE B 271 1.71 -23.21 69.97
N ASN B 272 0.66 -23.42 70.76
CA ASN B 272 0.79 -24.10 72.05
C ASN B 272 1.19 -25.56 71.89
N SER B 273 1.33 -26.08 70.68
CA SER B 273 1.74 -27.45 70.43
C SER B 273 3.12 -27.56 69.79
N ILE B 274 3.77 -26.43 69.51
CA ILE B 274 5.07 -26.43 68.85
C ILE B 274 6.16 -26.51 69.90
N ASP B 275 6.99 -27.55 69.83
CA ASP B 275 8.08 -27.73 70.77
C ASP B 275 9.33 -26.97 70.32
N LEU B 276 9.70 -27.09 69.06
CA LEU B 276 10.89 -26.44 68.51
C LEU B 276 10.52 -25.68 67.24
N ALA B 277 11.14 -24.51 67.04
CA ALA B 277 10.90 -23.69 65.87
C ALA B 277 12.19 -23.47 65.11
N ILE B 278 12.16 -23.70 63.80
CA ILE B 278 13.28 -23.45 62.91
C ILE B 278 12.94 -22.21 62.09
N ILE B 279 13.79 -21.19 62.20
CA ILE B 279 13.48 -19.86 61.72
C ILE B 279 14.62 -19.35 60.85
N ASP B 280 14.37 -18.22 60.18
CA ASP B 280 15.43 -17.49 59.50
C ASP B 280 15.23 -16.00 59.69
N TYR B 281 14.33 -15.38 58.91
CA TYR B 281 14.19 -13.93 58.91
C TYR B 281 12.74 -13.48 58.98
N SER B 282 11.82 -14.38 59.35
CA SER B 282 10.42 -14.00 59.45
C SER B 282 10.15 -13.33 60.80
N SER B 283 9.09 -12.52 60.83
CA SER B 283 8.61 -11.95 62.08
C SER B 283 7.88 -12.97 62.94
N ILE B 284 7.40 -14.06 62.32
CA ILE B 284 6.67 -15.08 63.06
C ILE B 284 7.45 -15.51 64.30
N PHE B 285 8.77 -15.58 64.18
CA PHE B 285 9.60 -15.97 65.31
C PHE B 285 9.19 -15.23 66.59
N TYR B 286 9.08 -13.91 66.50
CA TYR B 286 8.74 -13.14 67.69
C TYR B 286 7.39 -13.57 68.23
N ASP B 287 6.39 -13.69 67.37
CA ASP B 287 5.10 -14.23 67.80
C ASP B 287 5.28 -15.58 68.49
N LEU B 288 6.09 -16.45 67.90
CA LEU B 288 6.37 -17.74 68.54
C LEU B 288 6.88 -17.52 69.96
N LEU B 289 7.86 -16.63 70.11
CA LEU B 289 8.37 -16.35 71.46
C LEU B 289 7.25 -15.87 72.36
N ASP B 290 6.34 -15.05 71.83
CA ASP B 290 5.24 -14.56 72.64
C ASP B 290 4.27 -15.67 73.01
N ALA B 291 4.18 -16.71 72.17
CA ALA B 291 3.25 -17.81 72.41
C ALA B 291 3.79 -18.86 73.36
N GLY B 292 5.03 -18.71 73.84
CA GLY B 292 5.60 -19.64 74.77
C GLY B 292 6.58 -20.63 74.20
N VAL B 293 6.90 -20.54 72.90
CA VAL B 293 7.91 -21.42 72.32
C VAL B 293 9.27 -21.02 72.86
N GLU B 294 10.11 -22.02 73.16
CA GLU B 294 11.36 -21.79 73.86
C GLU B 294 12.57 -22.48 73.23
N LYS B 295 12.38 -23.39 72.30
CA LYS B 295 13.49 -24.04 71.60
C LYS B 295 13.55 -23.51 70.18
N PHE B 296 14.71 -22.96 69.80
CA PHE B 296 14.84 -22.27 68.52
C PHE B 296 16.14 -22.65 67.82
N ILE B 297 16.01 -22.99 66.54
CA ILE B 297 17.15 -23.13 65.63
C ILE B 297 17.03 -22.06 64.56
N ARG B 298 18.12 -21.35 64.32
CA ARG B 298 18.17 -20.33 63.27
C ARG B 298 18.91 -20.94 62.09
N TYR B 299 18.13 -21.44 61.13
CA TYR B 299 18.67 -22.08 59.92
C TYR B 299 18.85 -20.98 58.89
N VAL B 300 20.03 -20.34 58.91
CA VAL B 300 20.31 -19.20 58.05
C VAL B 300 21.54 -19.50 57.19
N PRO B 301 21.47 -20.47 56.28
CA PRO B 301 22.63 -20.75 55.43
C PRO B 301 22.99 -19.61 54.49
N ASP B 302 22.04 -18.71 54.19
CA ASP B 302 22.29 -17.55 53.35
C ASP B 302 22.22 -16.26 54.17
N LEU B 303 22.70 -16.31 55.41
CA LEU B 303 22.64 -15.15 56.29
C LEU B 303 23.32 -13.94 55.66
N ASP B 304 24.58 -14.11 55.26
CA ASP B 304 25.32 -13.00 54.68
C ASP B 304 24.62 -12.45 53.44
N GLU B 305 24.14 -13.35 52.57
CA GLU B 305 23.45 -12.91 51.36
C GLU B 305 22.19 -12.12 51.71
N TYR B 306 21.35 -12.65 52.60
CA TYR B 306 20.11 -11.98 52.92
C TYR B 306 20.35 -10.64 53.61
N GLN B 307 21.41 -10.53 54.39
CA GLN B 307 21.68 -9.26 55.07
C GLN B 307 22.28 -8.23 54.12
N ASN B 308 23.12 -8.66 53.17
CA ASN B 308 23.71 -7.72 52.23
C ASN B 308 22.71 -7.31 51.14
N ASP B 309 21.75 -8.16 50.82
CA ASP B 309 20.73 -7.79 49.84
C ASP B 309 19.78 -6.74 50.42
N LEU B 310 19.36 -6.93 51.67
CA LEU B 310 18.42 -6.02 52.33
C LEU B 310 19.04 -5.56 53.64
N GLU B 311 19.15 -4.24 53.81
CA GLU B 311 19.68 -3.67 55.04
C GLU B 311 18.62 -3.74 56.13
N LEU B 312 18.90 -4.51 57.19
CA LEU B 312 17.98 -4.61 58.30
C LEU B 312 18.18 -3.44 59.27
N ILE B 313 17.14 -3.18 60.08
CA ILE B 313 17.18 -2.05 61.00
C ILE B 313 17.97 -2.33 62.26
N GLY B 314 18.33 -3.60 62.52
CA GLY B 314 19.07 -3.95 63.71
C GLY B 314 19.99 -5.12 63.43
N ASP B 315 20.66 -5.59 64.49
CA ASP B 315 21.59 -6.71 64.40
C ASP B 315 20.79 -8.01 64.52
N TYR B 316 20.72 -8.77 63.42
CA TYR B 316 19.94 -9.99 63.43
C TYR B 316 20.38 -10.93 64.55
N ALA B 317 21.69 -11.09 64.74
CA ALA B 317 22.19 -12.04 65.73
C ALA B 317 21.67 -11.73 67.13
N ASP B 318 21.49 -10.45 67.45
CA ASP B 318 21.10 -10.06 68.81
C ASP B 318 19.59 -10.01 68.98
N LEU B 319 18.84 -9.68 67.94
CA LEU B 319 17.39 -9.56 68.02
C LEU B 319 16.67 -10.84 67.64
N THR B 320 17.37 -11.97 67.59
CA THR B 320 16.75 -13.28 67.39
C THR B 320 17.46 -14.27 68.30
N GLU B 321 16.87 -15.46 68.41
CA GLU B 321 17.35 -16.50 69.29
C GLU B 321 17.41 -17.82 68.55
N GLY B 322 18.28 -18.71 69.02
CA GLY B 322 18.34 -20.07 68.52
C GLY B 322 19.70 -20.47 68.02
N ARG B 323 20.04 -21.75 68.11
CA ARG B 323 21.34 -22.21 67.65
C ARG B 323 21.47 -21.93 66.15
N ILE B 324 22.55 -21.25 65.78
CA ILE B 324 22.76 -20.85 64.39
C ILE B 324 23.31 -22.04 63.61
N VAL B 325 22.60 -22.42 62.54
CA VAL B 325 22.97 -23.54 61.69
C VAL B 325 23.01 -23.03 60.25
N LYS B 326 24.13 -23.26 59.57
CA LYS B 326 24.34 -22.71 58.23
C LYS B 326 24.47 -23.78 57.15
N SER B 327 24.21 -25.04 57.48
CA SER B 327 24.20 -26.11 56.49
C SER B 327 23.06 -27.07 56.80
N PHE B 328 22.58 -27.75 55.76
CA PHE B 328 21.48 -28.70 55.93
C PHE B 328 21.93 -29.94 56.69
N GLN B 329 23.16 -30.39 56.44
CA GLN B 329 23.68 -31.53 57.19
C GLN B 329 23.83 -31.20 58.67
N GLN B 330 24.23 -29.96 58.98
CA GLN B 330 24.31 -29.56 60.38
C GLN B 330 22.92 -29.45 61.00
N LEU B 331 21.92 -29.05 60.22
CA LEU B 331 20.55 -29.06 60.73
C LEU B 331 20.12 -30.50 61.04
N LEU B 332 20.45 -31.44 60.16
CA LEU B 332 20.14 -32.83 60.45
C LEU B 332 20.89 -33.33 61.68
N ASN B 333 22.12 -32.84 61.89
CA ASN B 333 22.84 -33.19 63.11
C ASN B 333 22.13 -32.66 64.35
N CYS B 334 21.65 -31.42 64.29
CA CYS B 334 20.88 -30.87 65.39
C CYS B 334 19.64 -31.71 65.67
N LEU B 335 18.94 -32.12 64.61
CA LEU B 335 17.72 -32.89 64.80
C LEU B 335 18.01 -34.30 65.31
N ASP B 336 19.12 -34.90 64.88
CA ASP B 336 19.47 -36.24 65.34
C ASP B 336 19.82 -36.24 66.82
N ASN B 337 20.44 -35.17 67.29
CA ASN B 337 20.57 -34.92 68.72
C ASN B 337 19.28 -34.26 69.20
N ALA B 338 19.27 -33.79 70.44
CA ALA B 338 18.13 -33.06 70.98
C ALA B 338 18.61 -32.10 72.05
N ASN B 339 19.69 -31.40 71.77
CA ASN B 339 20.35 -30.54 72.73
C ASN B 339 19.93 -29.08 72.62
N ILE B 340 18.85 -28.79 71.90
CA ILE B 340 18.39 -27.42 71.76
C ILE B 340 17.88 -26.96 73.13
N LYS B 341 18.64 -26.07 73.78
CA LYS B 341 18.32 -25.68 75.14
C LYS B 341 17.21 -24.64 75.15
N ILE B 342 16.44 -24.64 76.25
CA ILE B 342 15.40 -23.64 76.43
C ILE B 342 16.06 -22.26 76.52
N ILE B 343 15.52 -21.30 75.78
CA ILE B 343 16.04 -19.93 75.83
C ILE B 343 16.12 -19.49 77.28
N SER B 344 17.19 -18.77 77.62
CA SER B 344 17.38 -18.33 78.98
C SER B 344 16.33 -17.29 79.36
N THR B 345 16.11 -17.15 80.67
CA THR B 345 15.12 -16.21 81.16
C THR B 345 15.52 -14.77 80.82
N LYS B 346 16.78 -14.41 81.07
CA LYS B 346 17.24 -13.06 80.79
C LYS B 346 17.07 -12.73 79.30
N ARG B 347 17.34 -13.70 78.43
CA ARG B 347 17.31 -13.43 76.99
C ARG B 347 15.88 -13.25 76.49
N LYS B 348 14.98 -14.14 76.89
CA LYS B 348 13.57 -13.96 76.55
C LYS B 348 13.04 -12.65 77.09
N GLN B 349 13.42 -12.31 78.33
CA GLN B 349 13.03 -11.03 78.90
C GLN B 349 13.49 -9.88 78.00
N TYR B 350 14.75 -9.90 77.60
CA TYR B 350 15.31 -8.82 76.78
C TYR B 350 14.57 -8.69 75.45
N LEU B 351 14.38 -9.80 74.74
CA LEU B 351 13.72 -9.75 73.44
C LEU B 351 12.26 -9.32 73.59
N MET B 352 11.54 -9.93 74.53
CA MET B 352 10.15 -9.56 74.74
C MET B 352 10.03 -8.09 75.11
N ASP B 353 10.93 -7.57 75.94
CA ASP B 353 10.95 -6.15 76.21
C ASP B 353 11.07 -5.37 74.90
N TYR B 354 12.20 -5.56 74.20
CA TYR B 354 12.47 -4.78 72.99
C TYR B 354 11.29 -4.78 72.04
N PHE B 355 10.60 -5.91 71.89
CA PHE B 355 9.62 -6.05 70.82
C PHE B 355 8.16 -5.95 71.27
N PHE B 356 7.88 -5.92 72.59
CA PHE B 356 6.50 -5.85 73.05
C PHE B 356 6.41 -5.19 74.43
N GLY B 357 7.30 -4.24 74.74
CA GLY B 357 7.27 -3.63 76.06
C GLY B 357 5.91 -3.11 76.46
N PHE B 358 5.07 -2.76 75.49
CA PHE B 358 3.75 -2.22 75.80
C PHE B 358 2.80 -3.25 76.38
N LYS B 359 3.20 -4.52 76.48
CA LYS B 359 2.37 -5.50 77.18
C LYS B 359 2.57 -5.45 78.68
N LYS B 360 3.69 -4.88 79.15
CA LYS B 360 3.92 -4.76 80.58
C LYS B 360 2.84 -3.94 81.27
N GLU B 361 2.12 -3.09 80.54
CA GLU B 361 1.00 -2.33 81.07
C GLU B 361 -0.24 -3.18 81.29
N ASN B 362 -0.14 -4.50 81.19
CA ASN B 362 -1.29 -5.40 81.37
C ASN B 362 -2.40 -5.09 80.37
N LYS B 363 -2.03 -4.52 79.23
CA LYS B 363 -3.00 -4.18 78.19
C LYS B 363 -3.75 -5.42 77.73
N SER B 364 -5.04 -5.49 78.02
CA SER B 364 -5.87 -6.62 77.62
C SER B 364 -6.52 -6.35 76.27
N MET B 365 -7.11 -7.40 75.70
CA MET B 365 -7.88 -7.21 74.47
C MET B 365 -8.99 -6.19 74.67
N GLU B 366 -9.67 -6.24 75.82
CA GLU B 366 -10.69 -5.25 76.12
C GLU B 366 -10.11 -3.85 76.12
N SER B 367 -8.88 -3.70 76.62
CA SER B 367 -8.21 -2.41 76.56
C SER B 367 -8.02 -1.96 75.11
N LEU B 368 -7.68 -2.90 74.23
CA LEU B 368 -7.55 -2.58 72.80
C LEU B 368 -8.86 -2.09 72.23
N ILE B 369 -9.95 -2.83 72.48
CA ILE B 369 -11.26 -2.44 71.96
C ILE B 369 -11.65 -1.06 72.49
N ALA B 370 -11.37 -0.79 73.76
CA ALA B 370 -11.74 0.49 74.35
C ALA B 370 -10.92 1.63 73.75
N ASP B 371 -9.60 1.44 73.66
CA ASP B 371 -8.76 2.46 73.05
C ASP B 371 -9.21 2.78 71.63
N VAL B 372 -9.60 1.75 70.87
CA VAL B 372 -10.09 2.01 69.52
C VAL B 372 -11.41 2.77 69.56
N ASP B 373 -12.33 2.35 70.43
CA ASP B 373 -13.66 2.98 70.48
C ASP B 373 -13.61 4.42 70.97
N ASN B 374 -12.53 4.83 71.64
CA ASN B 374 -12.43 6.16 72.23
C ASN B 374 -11.48 7.08 71.49
N CYS B 375 -11.08 6.74 70.28
CA CYS B 375 -10.13 7.54 69.53
C CYS B 375 -10.84 8.66 68.77
N GLN B 376 -10.26 9.86 68.85
CA GLN B 376 -10.85 11.05 68.24
C GLN B 376 -10.09 11.35 66.94
N LEU B 377 -10.77 11.19 65.81
CA LEU B 377 -10.15 11.48 64.53
C LEU B 377 -9.92 12.99 64.40
N GLN B 378 -8.69 13.36 64.04
CA GLN B 378 -8.32 14.76 63.84
C GLN B 378 -8.00 14.96 62.37
N PRO B 379 -8.97 14.82 61.47
CA PRO B 379 -8.66 14.86 60.04
C PRO B 379 -7.97 16.14 59.63
N LYS B 380 -7.12 16.04 58.62
CA LYS B 380 -6.33 17.14 58.11
C LYS B 380 -6.79 17.49 56.70
N SER B 381 -6.46 18.72 56.28
CA SER B 381 -6.67 19.15 54.91
C SER B 381 -5.40 18.93 54.11
N LEU B 382 -5.52 18.25 52.96
CA LEU B 382 -4.37 17.84 52.17
C LEU B 382 -4.30 18.63 50.87
N LYS B 383 -3.07 18.98 50.48
CA LYS B 383 -2.84 19.60 49.19
C LYS B 383 -3.15 18.64 48.06
N GLU B 384 -3.34 19.19 46.87
CA GLU B 384 -3.48 18.42 45.65
C GLU B 384 -2.25 18.61 44.78
N LEU B 385 -1.83 17.54 44.10
CA LEU B 385 -0.70 17.59 43.18
C LEU B 385 -1.21 17.51 41.75
N HIS B 386 -0.62 18.32 40.87
CA HIS B 386 -0.97 18.34 39.46
C HIS B 386 0.32 18.38 38.65
N THR B 387 0.54 17.37 37.83
CA THR B 387 1.73 17.30 36.99
C THR B 387 1.35 17.51 35.53
N PHE B 388 2.25 18.16 34.79
CA PHE B 388 1.99 18.55 33.41
C PHE B 388 3.11 18.03 32.51
N ASP B 389 2.74 17.22 31.54
CA ASP B 389 3.64 16.96 30.42
C ASP B 389 4.02 18.29 29.77
N ILE B 390 5.14 18.28 29.06
CA ILE B 390 5.64 19.51 28.44
C ILE B 390 5.33 19.51 26.95
N PHE B 391 5.99 18.63 26.21
CA PHE B 391 5.89 18.65 24.76
C PHE B 391 4.50 18.26 24.31
N ASP B 392 3.85 19.13 23.53
CA ASP B 392 2.49 18.96 23.05
C ASP B 392 1.47 19.01 24.18
N THR B 393 1.84 19.61 25.31
CA THR B 393 0.91 19.84 26.42
C THR B 393 0.99 21.30 26.84
N LEU B 394 2.15 21.73 27.29
CA LEU B 394 2.39 23.14 27.61
C LEU B 394 3.01 23.89 26.43
N ILE B 395 3.87 23.22 25.66
CA ILE B 395 4.52 23.82 24.51
C ILE B 395 4.27 22.94 23.30
N ARG B 396 4.49 23.52 22.13
CA ARG B 396 4.39 22.81 20.85
C ARG B 396 5.45 23.36 19.93
N ARG B 397 5.53 22.81 18.73
CA ARG B 397 6.50 23.23 17.73
C ARG B 397 5.82 24.07 16.67
N SER B 398 6.51 25.12 16.20
CA SER B 398 5.97 25.91 15.10
C SER B 398 5.63 25.02 13.91
N THR B 399 6.34 23.92 13.76
CA THR B 399 5.93 22.80 12.94
C THR B 399 5.19 21.78 13.81
N LEU B 400 4.47 20.87 13.17
CA LEU B 400 3.75 19.87 13.96
C LEU B 400 4.69 18.76 14.42
N ARG B 401 5.30 18.06 13.48
CA ARG B 401 6.03 16.83 13.77
C ARG B 401 7.47 17.13 14.20
N PRO B 402 8.03 16.31 15.10
CA PRO B 402 9.43 16.54 15.50
C PRO B 402 10.42 16.30 14.38
N PHE B 403 10.17 15.34 13.48
CA PHE B 403 11.11 15.06 12.40
C PHE B 403 11.38 16.30 11.56
N SER B 404 10.42 17.24 11.48
CA SER B 404 10.65 18.47 10.75
C SER B 404 11.93 19.15 11.23
N ILE B 405 12.15 19.19 12.54
CA ILE B 405 13.39 19.75 13.08
C ILE B 405 14.59 19.16 12.34
N PHE B 406 14.65 17.83 12.28
CA PHE B 406 15.76 17.18 11.60
C PHE B 406 15.92 17.72 10.19
N ASP B 407 14.83 17.78 9.42
CA ASP B 407 14.88 18.41 8.10
C ASP B 407 15.62 19.73 8.17
N TYR B 408 15.11 20.66 8.97
CA TYR B 408 15.77 21.94 9.19
C TYR B 408 17.27 21.72 9.36
N VAL B 409 17.66 20.93 10.36
CA VAL B 409 19.08 20.71 10.62
C VAL B 409 19.78 20.23 9.36
N ARG B 410 19.26 19.16 8.76
CA ARG B 410 19.87 18.64 7.54
C ARG B 410 20.08 19.76 6.53
N ASP B 411 19.04 20.57 6.31
CA ASP B 411 19.16 21.67 5.36
C ASP B 411 20.29 22.61 5.76
N LYS B 412 20.30 23.04 7.03
CA LYS B 412 21.36 23.93 7.49
C LYS B 412 22.73 23.28 7.34
N ALA B 413 22.81 21.95 7.28
CA ALA B 413 24.09 21.29 7.11
C ALA B 413 24.56 21.34 5.66
N LYS B 414 23.64 21.35 4.70
CA LYS B 414 24.05 21.44 3.30
C LYS B 414 24.47 22.84 2.90
N ALA B 415 24.02 23.86 3.64
CA ALA B 415 24.36 25.24 3.37
C ALA B 415 25.41 25.78 4.34
N SER B 416 26.09 24.90 5.08
CA SER B 416 27.06 25.32 6.07
C SER B 416 28.45 25.53 5.50
N GLY B 417 28.73 24.98 4.32
CA GLY B 417 30.08 24.97 3.79
C GLY B 417 30.95 23.86 4.33
N ILE B 418 30.52 23.18 5.38
CA ILE B 418 31.27 22.06 5.94
C ILE B 418 31.00 20.80 5.13
N LYS B 419 32.04 20.02 4.88
CA LYS B 419 31.89 18.76 4.18
C LYS B 419 31.33 17.71 5.14
N PHE B 420 30.21 17.11 4.76
CA PHE B 420 29.61 16.02 5.52
C PHE B 420 29.50 14.79 4.63
N PRO B 421 29.61 13.59 5.20
CA PRO B 421 29.36 12.38 4.40
C PRO B 421 28.01 12.46 3.73
N LEU B 422 27.95 12.01 2.47
CA LEU B 422 26.71 12.07 1.72
C LEU B 422 25.62 11.25 2.40
N ALA B 423 25.98 10.06 2.89
CA ALA B 423 25.04 9.21 3.61
C ALA B 423 24.43 9.93 4.82
N LEU B 424 25.08 10.97 5.31
CA LEU B 424 24.58 11.71 6.47
C LEU B 424 23.71 12.88 6.06
N THR B 425 24.08 13.60 5.01
CA THR B 425 23.30 14.77 4.59
C THR B 425 22.03 14.38 3.85
N GLU B 426 22.05 13.27 3.11
CA GLU B 426 20.86 12.91 2.34
C GLU B 426 19.85 12.11 3.15
N ASN B 427 20.30 11.29 4.10
CA ASN B 427 19.44 10.43 4.89
C ASN B 427 19.46 10.81 6.36
N TRP B 428 19.52 12.11 6.64
CA TRP B 428 19.75 12.57 8.02
C TRP B 428 18.61 12.14 8.94
N ILE B 429 17.37 12.21 8.47
CA ILE B 429 16.23 11.87 9.31
C ILE B 429 16.38 10.45 9.85
N ASN B 430 16.47 9.48 8.93
CA ASN B 430 16.62 8.09 9.35
C ASN B 430 17.87 7.89 10.18
N VAL B 431 19.00 8.45 9.73
CA VAL B 431 20.25 8.27 10.46
C VAL B 431 20.08 8.67 11.92
N ARG B 432 19.59 9.89 12.17
CA ARG B 432 19.55 10.40 13.53
C ARG B 432 18.49 9.68 14.36
N ASN B 433 17.31 9.41 13.78
CA ASN B 433 16.28 8.73 14.55
C ASN B 433 16.71 7.31 14.90
N ARG B 434 17.26 6.57 13.93
CA ARG B 434 17.74 5.22 14.18
C ARG B 434 18.88 5.23 15.19
N ALA B 435 19.74 6.26 15.17
CA ALA B 435 20.82 6.33 16.15
C ALA B 435 20.27 6.56 17.55
N GLU B 436 19.26 7.43 17.67
CA GLU B 436 18.60 7.61 18.96
C GLU B 436 18.05 6.28 19.47
N HIS B 437 17.34 5.56 18.61
CA HIS B 437 16.76 4.28 19.03
C HIS B 437 17.84 3.25 19.35
N ASP B 438 18.97 3.30 18.65
CA ASP B 438 20.08 2.39 18.92
C ASP B 438 20.68 2.66 20.30
N VAL B 439 20.88 3.94 20.62
CA VAL B 439 21.36 4.29 21.95
C VAL B 439 20.35 3.87 23.01
N ARG B 440 19.05 4.02 22.72
CA ARG B 440 18.03 3.58 23.67
C ARG B 440 18.11 2.09 23.91
N ASP B 441 18.28 1.31 22.84
CA ASP B 441 18.40 -0.14 23.01
C ASP B 441 19.67 -0.51 23.77
N ILE B 442 20.77 0.18 23.50
CA ILE B 442 22.01 -0.08 24.23
C ILE B 442 21.80 0.16 25.72
N MET B 443 21.20 1.29 26.08
CA MET B 443 20.88 1.54 27.48
C MET B 443 19.99 0.44 28.05
N ARG B 444 18.97 0.04 27.30
CA ARG B 444 18.03 -0.95 27.78
C ARG B 444 18.71 -2.30 28.02
N LYS B 445 19.78 -2.59 27.29
CA LYS B 445 20.42 -3.90 27.35
C LYS B 445 21.67 -3.92 28.22
N THR B 446 22.04 -2.80 28.84
CA THR B 446 23.27 -2.72 29.63
C THR B 446 22.99 -2.34 31.07
N THR B 447 21.82 -2.72 31.59
CA THR B 447 21.50 -2.42 32.99
C THR B 447 22.40 -3.21 33.95
N PHE B 448 22.77 -4.42 33.57
CA PHE B 448 23.67 -5.21 34.43
C PHE B 448 25.08 -4.64 34.42
N GLU B 449 25.58 -4.28 33.24
CA GLU B 449 26.91 -3.68 33.18
C GLU B 449 26.97 -2.36 33.91
N ARG B 450 25.86 -1.62 33.94
CA ARG B 450 25.81 -0.30 34.56
C ARG B 450 25.30 -0.32 35.99
N GLN B 451 24.73 -1.45 36.44
CA GLN B 451 24.20 -1.57 37.80
C GLN B 451 23.19 -0.46 38.10
N SER B 452 22.30 -0.20 37.15
CA SER B 452 21.27 0.82 37.32
C SER B 452 20.11 0.50 36.39
N ASP B 453 18.89 0.65 36.89
CA ASP B 453 17.70 0.48 36.09
C ASP B 453 17.34 1.73 35.29
N LYS B 454 18.11 2.81 35.43
CA LYS B 454 17.93 3.98 34.58
C LYS B 454 18.31 3.62 33.15
N ILE B 455 17.50 4.09 32.19
CA ILE B 455 17.71 3.73 30.79
C ILE B 455 17.47 4.92 29.87
N GLU B 456 17.32 6.11 30.45
CA GLU B 456 17.11 7.29 29.63
C GLU B 456 18.43 7.75 29.02
N ILE B 457 18.34 8.30 27.81
CA ILE B 457 19.52 8.70 27.05
C ILE B 457 19.67 10.22 27.09
N THR B 458 20.76 10.71 26.51
CA THR B 458 20.99 12.13 26.34
C THR B 458 21.35 12.41 24.89
N LEU B 459 21.17 13.68 24.50
CA LEU B 459 21.62 14.11 23.17
C LEU B 459 23.09 13.78 22.97
N ASP B 460 23.89 13.95 24.01
CA ASP B 460 25.32 13.64 23.92
C ASP B 460 25.54 12.17 23.59
N ASP B 461 24.71 11.28 24.12
CA ASP B 461 24.87 9.86 23.82
C ASP B 461 24.60 9.58 22.34
N ILE B 462 23.54 10.16 21.79
CA ILE B 462 23.22 9.96 20.38
C ILE B 462 24.36 10.45 19.51
N TYR B 463 24.82 11.68 19.75
CA TYR B 463 25.85 12.23 18.89
C TYR B 463 27.21 11.58 19.14
N THR B 464 27.43 10.99 20.32
CA THR B 464 28.64 10.20 20.53
C THR B 464 28.60 8.93 19.69
N ARG B 465 27.49 8.19 19.76
CA ARG B 465 27.31 7.04 18.86
C ARG B 465 27.65 7.43 17.43
N LEU B 466 27.01 8.50 16.95
CA LEU B 466 27.19 8.91 15.56
C LEU B 466 28.65 9.25 15.26
N GLN B 467 29.25 10.14 16.07
CA GLN B 467 30.60 10.60 15.77
C GLN B 467 31.60 9.47 15.84
N LYS B 468 31.43 8.55 16.80
CA LYS B 468 32.42 7.49 16.98
C LYS B 468 32.30 6.41 15.93
N ASN B 469 31.10 6.11 15.45
CA ASN B 469 30.95 5.03 14.49
C ASN B 469 30.96 5.50 13.04
N LEU B 470 30.69 6.78 12.78
CA LEU B 470 30.77 7.33 11.43
C LEU B 470 32.07 8.11 11.20
N LEU B 471 32.90 8.24 12.24
CA LEU B 471 34.22 8.87 12.09
C LEU B 471 34.09 10.34 11.72
N LEU B 472 33.30 11.07 12.49
CA LEU B 472 33.04 12.48 12.24
C LEU B 472 33.99 13.34 13.06
N THR B 473 34.35 14.50 12.49
CA THR B 473 35.17 15.45 13.20
C THR B 473 34.35 16.17 14.28
N ASP B 474 35.05 16.71 15.27
CA ASP B 474 34.38 17.52 16.28
C ASP B 474 33.57 18.63 15.63
N GLU B 475 34.09 19.21 14.54
CA GLU B 475 33.36 20.26 13.84
C GLU B 475 32.00 19.77 13.36
N GLN B 476 31.99 18.66 12.63
CA GLN B 476 30.73 18.12 12.10
C GLN B 476 29.74 17.85 13.22
N THR B 477 30.17 17.10 14.24
CA THR B 477 29.26 16.69 15.30
C THR B 477 28.71 17.89 16.05
N ASP B 478 29.60 18.82 16.43
CA ASP B 478 29.14 20.00 17.16
C ASP B 478 28.22 20.85 16.30
N PHE B 479 28.51 20.99 15.01
CA PHE B 479 27.62 21.75 14.16
C PHE B 479 26.22 21.14 14.15
N LEU B 480 26.14 19.84 13.89
CA LEU B 480 24.83 19.19 13.84
C LEU B 480 24.09 19.33 15.18
N LYS B 481 24.80 19.11 16.29
CA LYS B 481 24.14 19.12 17.59
C LYS B 481 23.65 20.52 17.94
N GLN B 482 24.51 21.53 17.78
CA GLN B 482 24.09 22.89 18.09
C GLN B 482 23.00 23.36 17.14
N ALA B 483 23.03 22.93 15.88
CA ALA B 483 21.96 23.25 14.95
C ALA B 483 20.63 22.68 15.45
N GLU B 484 20.64 21.42 15.88
CA GLU B 484 19.41 20.82 16.39
C GLU B 484 18.93 21.54 17.63
N ILE B 485 19.84 21.91 18.54
CA ILE B 485 19.43 22.59 19.77
C ILE B 485 18.81 23.94 19.45
N GLU B 486 19.49 24.75 18.63
CA GLU B 486 18.97 26.06 18.29
C GLU B 486 17.67 25.96 17.51
N ALA B 487 17.51 24.93 16.68
CA ALA B 487 16.25 24.74 15.96
C ALA B 487 15.12 24.41 16.93
N GLU B 488 15.38 23.51 17.88
CA GLU B 488 14.36 23.18 18.87
C GLU B 488 13.94 24.43 19.64
N ILE B 489 14.91 25.25 20.04
CA ILE B 489 14.58 26.47 20.78
C ILE B 489 13.79 27.42 19.89
N ALA B 490 14.17 27.54 18.62
CA ALA B 490 13.55 28.53 17.74
C ALA B 490 12.16 28.13 17.29
N HIS B 491 11.83 26.84 17.30
CA HIS B 491 10.52 26.36 16.86
C HIS B 491 9.52 26.22 18.00
N VAL B 492 9.85 26.72 19.19
CA VAL B 492 8.95 26.59 20.33
C VAL B 492 7.80 27.56 20.20
N GLU B 493 6.61 27.12 20.59
CA GLU B 493 5.41 27.93 20.69
C GLU B 493 4.67 27.53 21.97
N PRO B 494 3.96 28.46 22.60
CA PRO B 494 3.24 28.09 23.83
C PRO B 494 1.82 27.64 23.58
N ILE B 495 1.42 26.60 24.31
CA ILE B 495 0.01 26.19 24.38
C ILE B 495 -0.56 26.93 25.58
N GLN B 496 -0.92 28.20 25.36
CA GLN B 496 -1.19 29.10 26.45
C GLN B 496 -2.39 28.69 27.29
N LYS B 497 -3.31 27.89 26.74
CA LYS B 497 -4.49 27.50 27.51
C LYS B 497 -4.08 26.67 28.72
N ARG B 498 -3.24 25.66 28.51
CA ARG B 498 -2.81 24.83 29.63
C ARG B 498 -1.73 25.50 30.48
N ILE B 499 -0.95 26.44 29.93
CA ILE B 499 -0.01 27.18 30.76
C ILE B 499 -0.76 28.06 31.76
N ASN B 500 -1.75 28.81 31.27
CA ASN B 500 -2.55 29.64 32.16
C ASN B 500 -3.33 28.80 33.17
N TYR B 501 -3.84 27.64 32.74
CA TYR B 501 -4.54 26.77 33.69
C TYR B 501 -3.58 26.27 34.77
N LEU B 502 -2.37 25.87 34.39
CA LEU B 502 -1.37 25.44 35.37
C LEU B 502 -1.09 26.54 36.38
N PHE B 503 -0.88 27.77 35.89
CA PHE B 503 -0.54 28.84 36.82
C PHE B 503 -1.74 29.26 37.66
N SER B 504 -2.96 29.06 37.16
CA SER B 504 -4.13 29.27 38.00
C SER B 504 -4.17 28.24 39.14
N LEU B 505 -3.95 26.97 38.81
CA LEU B 505 -3.80 25.95 39.84
C LEU B 505 -2.77 26.38 40.88
N LYS B 506 -1.62 26.86 40.41
CA LYS B 506 -0.61 27.36 41.33
C LYS B 506 -1.17 28.47 42.22
N ALA B 507 -1.94 29.39 41.63
CA ALA B 507 -2.41 30.56 42.36
C ALA B 507 -3.38 30.20 43.47
N LYS B 508 -4.05 29.05 43.40
CA LYS B 508 -4.99 28.62 44.44
C LYS B 508 -4.39 27.55 45.33
N GLY B 509 -3.09 27.63 45.59
CA GLY B 509 -2.44 26.81 46.59
C GLY B 509 -1.96 25.45 46.11
N HIS B 510 -2.63 24.87 45.11
CA HIS B 510 -2.27 23.53 44.65
C HIS B 510 -0.83 23.50 44.17
N ASP B 511 -0.14 22.40 44.42
CA ASP B 511 1.23 22.21 44.00
C ASP B 511 1.26 21.63 42.59
N VAL B 512 2.10 22.21 41.73
CA VAL B 512 2.23 21.78 40.34
C VAL B 512 3.69 21.53 40.03
N ALA B 513 3.93 20.67 39.05
CA ALA B 513 5.28 20.40 38.56
C ALA B 513 5.17 19.84 37.15
N MET B 514 6.30 19.82 36.46
CA MET B 514 6.40 19.31 35.10
C MET B 514 7.09 17.96 35.09
N ALA B 515 6.70 17.12 34.13
CA ALA B 515 7.28 15.78 33.98
C ALA B 515 7.38 15.48 32.49
N SER B 516 8.61 15.35 31.99
CA SER B 516 8.85 15.20 30.55
C SER B 516 9.82 14.06 30.28
N ASP B 517 9.53 13.29 29.23
CA ASP B 517 10.45 12.29 28.70
C ASP B 517 11.14 12.91 27.50
N MET B 518 12.34 13.44 27.69
CA MET B 518 13.06 14.10 26.62
C MET B 518 14.55 14.00 26.89
N TYR B 519 15.31 13.78 25.80
CA TYR B 519 16.75 13.57 25.88
C TYR B 519 17.55 14.86 25.93
N LEU B 520 16.93 16.01 25.69
CA LEU B 520 17.65 17.26 25.70
C LEU B 520 18.11 17.60 27.12
N PRO B 521 19.24 18.33 27.25
CA PRO B 521 19.68 18.72 28.59
C PRO B 521 18.69 19.67 29.25
N GLU B 522 18.75 19.75 30.58
CA GLU B 522 17.77 20.53 31.31
C GLU B 522 17.88 22.02 31.00
N ASP B 523 19.09 22.52 30.76
CA ASP B 523 19.24 23.94 30.44
C ASP B 523 18.56 24.27 29.13
N VAL B 524 18.63 23.38 28.14
CA VAL B 524 17.94 23.61 26.88
C VAL B 524 16.43 23.56 27.06
N ILE B 525 15.96 22.64 27.91
CA ILE B 525 14.52 22.56 28.18
C ILE B 525 14.04 23.85 28.84
N TYR B 526 14.85 24.40 29.75
CA TYR B 526 14.48 25.67 30.39
C TYR B 526 14.50 26.82 29.39
N LYS B 527 15.48 26.83 28.49
CA LYS B 527 15.49 27.84 27.43
C LYS B 527 14.22 27.75 26.59
N MET B 528 13.79 26.53 26.27
CA MET B 528 12.57 26.37 25.48
C MET B 528 11.34 26.84 26.24
N LEU B 529 11.25 26.49 27.53
CA LEU B 529 10.13 26.96 28.34
C LEU B 529 10.12 28.48 28.43
N ASP B 530 11.29 29.11 28.51
CA ASP B 530 11.37 30.56 28.47
C ASP B 530 10.83 31.09 27.14
N ARG B 531 11.28 30.48 26.03
CA ARG B 531 10.76 30.85 24.73
C ARG B 531 9.24 30.77 24.69
N ALA B 532 8.66 29.81 25.41
CA ALA B 532 7.21 29.64 25.42
C ALA B 532 6.51 30.54 26.44
N ASP B 533 7.05 30.64 27.65
CA ASP B 533 6.48 31.50 28.68
C ASP B 533 7.54 31.69 29.76
N THR B 534 7.88 32.96 30.05
CA THR B 534 9.04 33.23 30.87
C THR B 534 8.88 32.71 32.30
N ARG B 535 7.65 32.63 32.79
CA ARG B 535 7.44 32.25 34.18
C ARG B 535 7.40 30.74 34.41
N LEU B 536 7.33 29.94 33.34
CA LEU B 536 7.35 28.49 33.51
C LEU B 536 8.61 27.99 34.21
N ARG B 537 9.70 28.77 34.15
CA ARG B 537 10.93 28.35 34.85
C ARG B 537 10.68 28.22 36.35
N GLU B 538 9.70 28.95 36.89
CA GLU B 538 9.41 28.86 38.31
C GLU B 538 9.00 27.45 38.74
N ILE B 539 8.50 26.65 37.81
CA ILE B 539 7.86 25.38 38.16
C ILE B 539 8.91 24.29 38.33
N PRO B 540 8.76 23.38 39.29
CA PRO B 540 9.69 22.25 39.38
C PRO B 540 9.63 21.41 38.12
N LEU B 541 10.80 20.96 37.67
CA LEU B 541 10.93 20.17 36.45
C LEU B 541 11.50 18.80 36.79
N TYR B 542 10.79 17.76 36.38
CA TYR B 542 11.27 16.38 36.46
C TYR B 542 11.52 15.91 35.04
N LEU B 543 12.79 15.96 34.63
CA LEU B 543 13.20 15.66 33.27
C LEU B 543 13.90 14.31 33.23
N SER B 544 13.47 13.45 32.30
CA SER B 544 14.00 12.08 32.26
C SER B 544 15.50 12.09 32.00
N SER B 545 15.99 13.01 31.16
CA SER B 545 17.40 12.97 30.78
C SER B 545 18.32 13.20 31.99
N THR B 546 17.85 13.94 32.99
CA THR B 546 18.66 14.18 34.18
C THR B 546 18.41 13.13 35.26
N ILE B 547 17.18 12.63 35.38
CA ILE B 547 16.88 11.67 36.43
C ILE B 547 17.30 10.27 36.03
N GLY B 548 16.99 9.86 34.79
CA GLY B 548 17.29 8.55 34.29
C GLY B 548 16.08 7.65 34.16
N TYR B 549 14.99 7.97 34.83
CA TYR B 549 13.75 7.22 34.73
C TYR B 549 12.74 7.97 33.86
N GLN B 550 11.85 7.21 33.23
CA GLN B 550 10.92 7.74 32.24
C GLN B 550 9.48 7.54 32.70
N LYS B 551 8.57 8.18 31.97
CA LYS B 551 7.14 7.98 32.23
C LYS B 551 6.62 6.74 31.53
N SER B 552 7.12 6.45 30.32
CA SER B 552 6.67 5.27 29.58
C SER B 552 6.80 4.01 30.43
N THR B 553 7.82 3.95 31.28
CA THR B 553 8.00 2.83 32.19
C THR B 553 7.31 3.04 33.53
N GLY B 554 6.86 4.27 33.82
CA GLY B 554 6.27 4.59 35.09
C GLY B 554 7.26 4.86 36.20
N LYS B 555 8.56 4.66 35.97
CA LYS B 555 9.54 4.84 37.03
C LYS B 555 9.77 6.30 37.35
N LEU B 556 9.55 7.20 36.39
CA LEU B 556 9.64 8.62 36.71
C LEU B 556 8.57 9.04 37.70
N TYR B 557 7.37 8.45 37.60
CA TYR B 557 6.33 8.74 38.57
C TYR B 557 6.71 8.22 39.96
N GLN B 558 7.28 7.02 40.02
CA GLN B 558 7.79 6.51 41.30
C GLN B 558 8.84 7.43 41.88
N HIS B 559 9.75 7.91 41.03
CA HIS B 559 10.80 8.82 41.48
C HIS B 559 10.19 10.10 42.04
N ILE B 560 9.22 10.67 41.32
CA ILE B 560 8.56 11.88 41.81
C ILE B 560 7.93 11.61 43.17
N PHE B 561 7.21 10.50 43.29
CA PHE B 561 6.56 10.17 44.55
C PHE B 561 7.57 10.11 45.69
N PHE B 562 8.66 9.36 45.52
CA PHE B 562 9.57 9.12 46.63
C PHE B 562 10.43 10.36 46.93
N ASP B 563 10.82 11.10 45.89
CA ASP B 563 11.60 12.32 46.10
C ASP B 563 10.77 13.41 46.74
N LEU B 564 9.45 13.38 46.53
CA LEU B 564 8.55 14.35 47.15
C LEU B 564 8.18 13.92 48.56
N ASP B 565 7.77 14.89 49.37
CA ASP B 565 7.14 14.63 50.66
C ASP B 565 5.64 14.49 50.40
N TYR B 566 5.26 13.30 49.92
CA TYR B 566 3.92 13.09 49.39
C TYR B 566 2.90 13.17 50.52
N GLN B 567 2.21 14.30 50.61
CA GLN B 567 1.15 14.54 51.58
C GLN B 567 -0.11 14.99 50.88
N TYR B 568 -0.45 14.33 49.77
CA TYR B 568 -1.45 14.84 48.83
C TYR B 568 -2.72 14.01 48.86
N SER B 569 -3.86 14.70 48.68
CA SER B 569 -5.15 14.02 48.62
C SER B 569 -5.30 13.26 47.31
N ARG B 570 -4.92 13.86 46.19
CA ARG B 570 -4.98 13.21 44.90
C ARG B 570 -3.83 13.70 44.03
N TRP B 571 -3.57 12.96 42.96
CA TRP B 571 -2.52 13.28 42.01
C TRP B 571 -3.14 13.29 40.61
N THR B 572 -3.06 14.44 39.94
CA THR B 572 -3.56 14.60 38.58
C THR B 572 -2.39 14.86 37.64
N HIS B 573 -2.44 14.25 36.46
CA HIS B 573 -1.41 14.40 35.45
C HIS B 573 -2.06 14.73 34.11
N TYR B 574 -1.62 15.82 33.49
CA TYR B 574 -2.13 16.27 32.21
C TYR B 574 -1.10 15.96 31.13
N GLY B 575 -1.52 15.23 30.11
CA GLY B 575 -0.58 14.82 29.08
C GLY B 575 -1.24 14.56 27.75
N ASP B 576 -0.40 14.18 26.79
CA ASP B 576 -0.84 13.85 25.44
C ASP B 576 -0.70 12.38 25.09
N ASN B 577 0.31 11.71 25.62
CA ASN B 577 0.54 10.31 25.28
C ASN B 577 -0.49 9.42 25.96
N LYS B 578 -1.17 8.61 25.16
CA LYS B 578 -2.21 7.74 25.71
C LYS B 578 -1.63 6.71 26.67
N HIS B 579 -0.38 6.32 26.46
CA HIS B 579 0.29 5.32 27.31
C HIS B 579 1.18 5.98 28.36
N ALA B 580 2.19 6.73 27.93
CA ALA B 580 3.14 7.31 28.88
C ALA B 580 2.46 8.28 29.83
N ASP B 581 1.44 8.99 29.38
CA ASP B 581 0.72 9.96 30.20
C ASP B 581 -0.68 9.51 30.54
N GLY B 582 -1.01 8.23 30.34
CA GLY B 582 -2.34 7.74 30.62
C GLY B 582 -2.37 6.40 31.32
N SER B 583 -2.27 5.31 30.56
CA SER B 583 -2.38 3.98 31.15
C SER B 583 -1.33 3.75 32.22
N VAL B 584 -0.09 4.14 31.95
CA VAL B 584 1.02 3.91 32.88
C VAL B 584 0.76 4.66 34.18
N PRO B 585 0.59 5.97 34.17
CA PRO B 585 0.30 6.68 35.43
C PRO B 585 -0.96 6.19 36.11
N ARG B 586 -1.95 5.73 35.34
CA ARG B 586 -3.19 5.26 35.96
C ARG B 586 -2.98 3.96 36.70
N ARG B 587 -2.13 3.06 36.18
CA ARG B 587 -1.86 1.84 36.95
C ARG B 587 -1.05 2.13 38.21
N LEU B 588 -0.62 3.37 38.42
CA LEU B 588 -0.07 3.81 39.69
C LEU B 588 -1.08 4.61 40.52
N GLY B 589 -2.37 4.57 40.14
CA GLY B 589 -3.40 5.25 40.87
C GLY B 589 -3.57 6.73 40.54
N ILE B 590 -2.78 7.26 39.62
CA ILE B 590 -2.86 8.69 39.30
C ILE B 590 -4.07 8.93 38.41
N GLN B 591 -4.77 10.03 38.68
CA GLN B 591 -5.84 10.49 37.79
C GLN B 591 -5.22 11.25 36.62
N THR B 592 -5.74 11.02 35.42
CA THR B 592 -5.13 11.55 34.21
C THR B 592 -6.12 12.33 33.38
N ALA B 593 -5.63 13.42 32.77
CA ALA B 593 -6.30 14.15 31.70
C ALA B 593 -5.37 14.03 30.49
N VAL B 594 -5.59 13.00 29.69
CA VAL B 594 -4.81 12.78 28.48
C VAL B 594 -5.66 13.21 27.29
N HIS B 595 -5.07 14.03 26.42
CA HIS B 595 -5.77 14.64 25.30
C HIS B 595 -5.10 14.21 23.99
N ASP B 596 -5.65 14.69 22.88
CA ASP B 596 -5.16 14.35 21.55
C ASP B 596 -4.05 15.31 21.13
N ILE B 597 -3.00 14.74 20.53
CA ILE B 597 -1.88 15.53 20.05
C ILE B 597 -2.27 16.21 18.75
N ASP B 598 -1.63 17.35 18.47
CA ASP B 598 -1.81 18.00 17.18
C ASP B 598 -1.36 17.06 16.06
N ASP B 599 -2.14 17.00 15.00
CA ASP B 599 -1.84 16.11 13.89
C ASP B 599 -2.45 16.65 12.61
N PHE B 600 -1.91 16.20 11.48
CA PHE B 600 -2.39 16.64 10.18
C PHE B 600 -3.65 15.89 9.79
N ILE B 601 -4.19 16.22 8.62
CA ILE B 601 -5.33 15.52 8.04
C ILE B 601 -4.92 15.12 6.61
N PRO B 602 -5.73 14.32 5.90
CA PRO B 602 -5.21 13.71 4.65
C PRO B 602 -4.48 14.66 3.71
N PHE B 603 -5.07 15.80 3.35
CA PHE B 603 -4.44 16.68 2.36
C PHE B 603 -3.08 17.17 2.85
N GLU B 604 -3.00 17.59 4.11
CA GLU B 604 -1.73 18.12 4.63
C GLU B 604 -0.67 17.03 4.73
N ASN B 605 -1.06 15.87 5.26
CA ASN B 605 -0.11 14.76 5.35
C ASN B 605 0.40 14.35 3.97
N ALA B 606 -0.49 14.31 2.98
CA ALA B 606 -0.07 13.95 1.63
C ALA B 606 0.86 15.01 1.05
N MET B 607 0.56 16.29 1.29
CA MET B 607 1.44 17.35 0.84
C MET B 607 2.85 17.16 1.40
N VAL B 608 2.95 16.83 2.68
CA VAL B 608 4.27 16.66 3.29
C VAL B 608 4.95 15.41 2.76
N ASN B 609 4.22 14.30 2.64
CA ASN B 609 4.80 13.04 2.22
C ASN B 609 5.32 13.08 0.79
N ALA B 610 4.84 14.01 -0.03
CA ALA B 610 5.19 14.06 -1.44
C ALA B 610 6.48 14.82 -1.73
N MET B 611 7.08 15.46 -0.72
CA MET B 611 8.23 16.31 -0.92
C MET B 611 9.53 15.56 -0.65
N ASP B 612 10.58 15.97 -1.36
CA ASP B 612 11.93 15.46 -1.11
C ASP B 612 12.64 16.40 -0.15
N ASN B 613 13.93 16.18 0.08
CA ASN B 613 14.67 16.97 1.07
C ASN B 613 14.60 18.45 0.76
N TYR B 614 14.49 18.83 -0.51
CA TYR B 614 14.51 20.24 -0.87
C TYR B 614 13.23 20.96 -0.44
N ASN B 615 12.09 20.27 -0.43
CA ASN B 615 10.80 20.91 -0.22
C ASN B 615 10.08 20.43 1.03
N ARG B 616 10.68 19.57 1.85
CA ARG B 616 9.93 18.98 2.95
C ARG B 616 9.68 19.98 4.06
N TYR B 617 10.66 20.81 4.40
CA TYR B 617 10.48 21.75 5.51
C TYR B 617 9.46 22.83 5.19
N PRO B 618 9.52 23.52 4.04
CA PRO B 618 8.45 24.47 3.72
C PRO B 618 7.09 23.82 3.62
N ALA B 619 7.03 22.56 3.20
CA ALA B 619 5.75 21.85 3.21
C ALA B 619 5.26 21.64 4.64
N TYR B 620 6.16 21.29 5.55
CA TYR B 620 5.80 21.25 6.96
C TYR B 620 5.23 22.58 7.42
N GLN B 621 5.92 23.68 7.05
CA GLN B 621 5.47 25.01 7.45
C GLN B 621 4.06 25.30 6.94
N LEU B 622 3.82 25.02 5.66
CA LEU B 622 2.52 25.32 5.05
C LEU B 622 1.43 24.42 5.62
N ALA B 623 1.75 23.13 5.85
CA ALA B 623 0.79 22.22 6.44
C ALA B 623 0.43 22.64 7.85
N THR B 624 1.42 23.11 8.62
CA THR B 624 1.13 23.58 9.97
C THR B 624 0.28 24.85 9.92
N LYS B 625 0.53 25.72 8.94
CA LYS B 625 -0.34 26.90 8.81
C LYS B 625 -1.77 26.49 8.50
N MET B 626 -1.95 25.48 7.65
CA MET B 626 -3.31 24.97 7.39
C MET B 626 -3.95 24.43 8.66
N HIS B 627 -3.18 23.64 9.42
CA HIS B 627 -3.70 23.07 10.67
C HIS B 627 -4.10 24.17 11.64
N ARG B 628 -3.24 25.18 11.80
CA ARG B 628 -3.56 26.30 12.68
C ARG B 628 -4.80 27.04 12.20
N TYR B 629 -4.95 27.19 10.89
CA TYR B 629 -6.12 27.90 10.38
C TYR B 629 -7.40 27.16 10.72
N ARG B 630 -7.44 25.85 10.44
CA ARG B 630 -8.66 25.11 10.73
C ARG B 630 -8.92 25.02 12.23
N THR B 631 -7.86 24.88 13.02
CA THR B 631 -8.00 24.88 14.48
C THR B 631 -8.61 26.18 14.96
N GLN B 632 -8.11 27.32 14.47
CA GLN B 632 -8.68 28.61 14.83
C GLN B 632 -10.15 28.69 14.40
N LEU B 633 -10.45 28.23 13.19
CA LEU B 633 -11.80 28.34 12.67
C LEU B 633 -12.80 27.58 13.54
N VAL B 634 -12.47 26.34 13.90
CA VAL B 634 -13.45 25.51 14.60
C VAL B 634 -13.41 25.69 16.12
N GLN B 635 -12.23 25.92 16.70
CA GLN B 635 -12.06 25.91 18.14
C GLN B 635 -11.93 27.30 18.75
N GLU B 636 -11.40 28.27 18.03
CA GLU B 636 -11.32 29.65 18.51
C GLU B 636 -12.51 30.46 18.01
N ASN B 637 -12.69 30.53 16.69
CA ASN B 637 -13.93 31.05 16.14
C ASN B 637 -15.03 30.02 16.29
N GLY B 638 -16.25 30.50 16.48
CA GLY B 638 -17.38 29.61 16.73
C GLY B 638 -18.04 29.12 15.45
N PHE B 639 -17.25 28.87 14.41
CA PHE B 639 -17.80 28.55 13.11
C PHE B 639 -18.37 27.12 13.10
N GLY B 640 -19.40 26.93 12.29
CA GLY B 640 -20.01 25.62 12.10
C GLY B 640 -19.32 24.84 10.99
N ASN B 641 -19.93 23.71 10.65
CA ASN B 641 -19.31 22.79 9.70
C ASN B 641 -19.20 23.41 8.31
N THR B 642 -20.33 23.89 7.77
CA THR B 642 -20.33 24.39 6.40
C THR B 642 -19.37 25.55 6.23
N LEU B 643 -19.43 26.52 7.14
CA LEU B 643 -18.58 27.71 7.00
C LEU B 643 -17.10 27.35 7.18
N PHE B 644 -16.80 26.54 8.20
CA PHE B 644 -15.41 26.10 8.38
C PHE B 644 -14.89 25.42 7.14
N GLU B 645 -15.66 24.48 6.59
CA GLU B 645 -15.20 23.74 5.42
C GLU B 645 -14.99 24.67 4.24
N THR B 646 -15.92 25.60 4.03
CA THR B 646 -15.76 26.57 2.94
C THR B 646 -14.47 27.35 3.09
N LYS B 647 -14.21 27.88 4.30
CA LYS B 647 -13.03 28.71 4.49
C LYS B 647 -11.75 27.89 4.33
N TYR B 648 -11.72 26.69 4.92
CA TYR B 648 -10.53 25.87 4.85
C TYR B 648 -10.25 25.43 3.42
N TYR B 649 -11.29 25.09 2.66
CA TYR B 649 -11.11 24.73 1.26
C TYR B 649 -10.60 25.92 0.47
N ASN B 650 -11.35 27.03 0.45
CA ASN B 650 -10.92 28.25 -0.22
C ASN B 650 -9.45 28.56 0.07
N TYR B 651 -9.04 28.42 1.32
CA TYR B 651 -7.65 28.62 1.69
C TYR B 651 -6.78 27.53 1.06
N ALA B 652 -6.69 26.37 1.73
CA ALA B 652 -5.68 25.38 1.36
C ALA B 652 -5.83 24.93 -0.10
N TYR B 653 -6.99 24.38 -0.45
CA TYR B 653 -7.12 23.70 -1.74
C TYR B 653 -6.99 24.68 -2.90
N VAL B 654 -7.81 25.73 -2.88
CA VAL B 654 -7.81 26.67 -4.01
C VAL B 654 -6.51 27.46 -4.05
N GLY B 655 -5.89 27.73 -2.90
CA GLY B 655 -4.59 28.38 -2.92
C GLY B 655 -3.54 27.52 -3.57
N ALA B 656 -3.41 26.27 -3.11
CA ALA B 656 -2.48 25.36 -3.77
C ALA B 656 -2.76 25.28 -5.26
N SER B 657 -4.03 25.38 -5.65
CA SER B 657 -4.36 25.23 -7.07
C SER B 657 -3.99 26.46 -7.90
N PHE B 658 -4.14 27.67 -7.33
CA PHE B 658 -4.00 28.90 -8.11
C PHE B 658 -2.73 29.69 -7.82
N VAL B 659 -2.33 29.84 -6.56
CA VAL B 659 -1.28 30.78 -6.16
C VAL B 659 0.08 30.33 -6.67
N PRO B 660 0.49 29.07 -6.46
CA PRO B 660 1.77 28.63 -7.05
C PRO B 660 1.88 28.89 -8.55
N TYR B 661 0.77 28.66 -9.28
CA TYR B 661 0.78 28.88 -10.73
C TYR B 661 1.04 30.34 -11.07
N ILE B 662 0.36 31.25 -10.38
CA ILE B 662 0.52 32.67 -10.70
C ILE B 662 1.90 33.17 -10.27
N ASN B 663 2.48 32.57 -9.22
CA ASN B 663 3.85 32.91 -8.86
C ASN B 663 4.82 32.48 -9.96
N TRP B 664 4.67 31.24 -10.44
CA TRP B 664 5.48 30.79 -11.58
C TRP B 664 5.32 31.72 -12.77
N ALA B 665 4.07 32.07 -13.10
CA ALA B 665 3.82 32.86 -14.30
C ALA B 665 4.41 34.26 -14.19
N ILE B 666 4.26 34.90 -13.02
CA ILE B 666 4.83 36.23 -12.85
C ILE B 666 6.34 36.19 -12.98
N LYS B 667 6.99 35.22 -12.34
CA LYS B 667 8.45 35.15 -12.45
C LYS B 667 8.88 34.85 -13.89
N ASP B 668 8.16 33.97 -14.58
CA ASP B 668 8.50 33.65 -15.95
C ASP B 668 8.30 34.86 -16.87
N ALA B 669 7.30 35.69 -16.59
CA ALA B 669 7.07 36.87 -17.40
C ALA B 669 8.15 37.91 -17.16
N ILE B 670 8.51 38.14 -15.89
CA ILE B 670 9.63 39.03 -15.58
C ILE B 670 10.88 38.53 -16.28
N LYS B 671 11.05 37.22 -16.36
CA LYS B 671 12.22 36.64 -17.03
C LYS B 671 12.17 36.90 -18.53
N ARG B 672 11.00 36.70 -19.15
CA ARG B 672 10.86 36.90 -20.58
C ARG B 672 10.80 38.36 -21.00
N GLY B 673 10.77 39.28 -20.05
CA GLY B 673 10.79 40.70 -20.35
C GLY B 673 9.43 41.34 -20.56
N TYR B 674 8.36 40.71 -20.09
CA TYR B 674 7.02 41.27 -20.26
C TYR B 674 6.80 42.42 -19.29
N GLU B 675 6.30 43.55 -19.81
CA GLU B 675 6.02 44.73 -19.01
C GLU B 675 4.62 44.71 -18.41
N THR B 676 3.65 44.14 -19.13
CA THR B 676 2.27 44.12 -18.69
C THR B 676 1.70 42.72 -18.80
N ILE B 677 0.86 42.36 -17.84
CA ILE B 677 0.17 41.08 -17.80
C ILE B 677 -1.33 41.38 -17.77
N TYR B 678 -2.05 40.86 -18.75
CA TYR B 678 -3.50 41.05 -18.84
C TYR B 678 -4.20 39.77 -18.38
N PHE B 679 -5.19 39.94 -17.52
CA PHE B 679 -6.02 38.84 -17.04
C PHE B 679 -7.41 38.94 -17.67
N ILE B 680 -7.85 37.86 -18.29
CA ILE B 680 -9.07 37.88 -19.10
C ILE B 680 -10.26 37.52 -18.22
N SER B 681 -11.46 37.84 -18.72
CA SER B 681 -12.67 37.85 -17.91
C SER B 681 -12.93 36.49 -17.23
N ARG B 682 -13.69 36.55 -16.14
CA ARG B 682 -14.03 35.41 -15.31
C ARG B 682 -12.77 34.74 -14.75
N ASP B 683 -12.05 33.97 -15.56
CA ASP B 683 -10.89 33.25 -15.03
C ASP B 683 -9.84 34.19 -14.44
N GLY B 684 -9.82 35.45 -14.86
CA GLY B 684 -8.80 36.39 -14.44
C GLY B 684 -9.12 37.22 -13.23
N HIS B 685 -10.32 37.13 -12.68
CA HIS B 685 -10.69 37.87 -11.47
C HIS B 685 -9.83 37.42 -10.29
N PHE B 686 -10.03 36.17 -9.85
CA PHE B 686 -9.26 35.61 -8.75
C PHE B 686 -7.77 35.64 -9.07
N LEU B 687 -7.41 35.34 -10.31
CA LEU B 687 -6.00 35.22 -10.67
C LEU B 687 -5.32 36.59 -10.63
N LYS B 688 -6.02 37.65 -11.06
CA LYS B 688 -5.43 38.98 -10.99
C LYS B 688 -5.34 39.47 -9.55
N GLN B 689 -6.32 39.14 -8.71
CA GLN B 689 -6.18 39.45 -7.29
C GLN B 689 -4.92 38.81 -6.72
N ILE B 690 -4.73 37.52 -7.00
CA ILE B 690 -3.53 36.82 -6.53
C ILE B 690 -2.27 37.50 -7.03
N ALA B 691 -2.22 37.78 -8.34
CA ALA B 691 -1.02 38.37 -8.93
C ALA B 691 -0.72 39.74 -8.34
N ASP B 692 -1.76 40.54 -8.11
CA ASP B 692 -1.55 41.84 -7.49
C ASP B 692 -0.96 41.69 -6.09
N LYS B 693 -1.48 40.73 -5.33
CA LYS B 693 -0.93 40.52 -3.98
C LYS B 693 0.53 40.10 -4.06
N ILE B 694 0.86 39.19 -4.99
CA ILE B 694 2.24 38.72 -5.12
C ILE B 694 3.16 39.87 -5.50
N ILE B 695 2.72 40.72 -6.43
CA ILE B 695 3.55 41.83 -6.88
C ILE B 695 3.72 42.84 -5.76
N GLU B 696 2.67 43.08 -4.98
CA GLU B 696 2.78 43.97 -3.83
C GLU B 696 3.83 43.47 -2.85
N ILE B 697 3.72 42.21 -2.45
CA ILE B 697 4.62 41.66 -1.44
C ILE B 697 6.05 41.60 -1.96
N ARG B 698 6.25 40.92 -3.10
CA ARG B 698 7.59 40.73 -3.64
C ARG B 698 8.17 41.98 -4.26
N GLY B 699 7.37 43.01 -4.49
CA GLY B 699 7.88 44.23 -5.10
C GLY B 699 8.40 44.03 -6.51
N TYR B 700 7.69 43.24 -7.32
CA TYR B 700 8.11 42.99 -8.69
C TYR B 700 7.80 44.20 -9.57
N ASN B 701 8.58 44.34 -10.64
CA ASN B 701 8.41 45.43 -11.61
C ASN B 701 7.62 44.89 -12.79
N VAL B 702 6.30 44.97 -12.69
CA VAL B 702 5.41 44.49 -13.76
C VAL B 702 4.00 44.99 -13.49
N LYS B 703 3.34 45.49 -14.52
CA LYS B 703 1.98 45.99 -14.41
C LYS B 703 0.97 44.89 -14.69
N THR B 704 -0.21 45.00 -14.08
CA THR B 704 -1.30 44.07 -14.32
C THR B 704 -2.54 44.86 -14.74
N LYS B 705 -3.21 44.37 -15.77
CA LYS B 705 -4.46 44.95 -16.24
C LYS B 705 -5.49 43.84 -16.41
N TYR B 706 -6.75 44.25 -16.45
CA TYR B 706 -7.86 43.33 -16.57
C TYR B 706 -8.63 43.61 -17.84
N ILE B 707 -8.97 42.55 -18.58
CA ILE B 707 -9.60 42.65 -19.88
C ILE B 707 -10.85 41.78 -19.88
N TYR B 708 -11.96 42.34 -20.34
CA TYR B 708 -13.22 41.63 -20.39
C TYR B 708 -13.43 41.02 -21.76
N GLY B 709 -13.89 39.78 -21.79
CA GLY B 709 -14.08 39.07 -23.04
C GLY B 709 -14.53 37.65 -22.77
N SER B 710 -14.61 36.87 -23.85
CA SER B 710 -15.07 35.48 -23.75
C SER B 710 -15.06 34.89 -25.15
N ARG B 711 -15.31 33.58 -25.21
CA ARG B 711 -15.41 32.90 -26.49
C ARG B 711 -16.54 33.47 -27.33
N LYS B 712 -17.70 33.65 -26.72
CA LYS B 712 -18.87 34.14 -27.46
C LYS B 712 -18.63 35.55 -27.99
N ALA B 713 -18.05 36.42 -27.17
CA ALA B 713 -17.83 37.80 -27.54
C ALA B 713 -16.67 37.98 -28.52
N TRP B 714 -15.87 36.94 -28.76
CA TRP B 714 -14.66 37.06 -29.57
C TRP B 714 -14.62 36.15 -30.78
N ARG B 715 -15.37 35.05 -30.80
CA ARG B 715 -15.25 34.11 -31.92
C ARG B 715 -15.83 34.70 -33.19
N LEU B 716 -17.11 35.08 -33.17
CA LEU B 716 -17.74 35.60 -34.38
C LEU B 716 -16.98 36.79 -34.96
N PRO B 717 -16.65 37.83 -34.18
CA PRO B 717 -15.92 38.97 -34.77
C PRO B 717 -14.55 38.60 -35.32
N SER B 718 -13.94 37.52 -34.84
CA SER B 718 -12.59 37.15 -35.28
C SER B 718 -12.56 36.64 -36.71
N PHE B 719 -13.71 36.38 -37.34
CA PHE B 719 -13.76 35.92 -38.72
C PHE B 719 -13.51 37.12 -39.63
N ILE B 720 -12.22 37.41 -39.85
CA ILE B 720 -11.84 38.59 -40.63
C ILE B 720 -12.11 38.35 -42.12
N THR B 721 -11.41 37.37 -42.69
CA THR B 721 -11.54 37.06 -44.11
C THR B 721 -12.07 35.65 -44.37
N LYS B 722 -12.35 34.87 -43.32
CA LYS B 722 -12.83 33.51 -43.51
C LYS B 722 -13.50 33.04 -42.22
N VAL B 723 -14.44 32.13 -42.38
CA VAL B 723 -15.06 31.45 -41.25
C VAL B 723 -14.23 30.22 -40.93
N ASP B 724 -13.83 30.08 -39.68
CA ASP B 724 -12.94 28.99 -39.28
C ASP B 724 -13.59 27.64 -39.55
N ASP B 725 -12.81 26.73 -40.14
CA ASP B 725 -13.29 25.37 -40.32
C ASP B 725 -13.53 24.68 -38.98
N GLU B 726 -12.85 25.13 -37.92
CA GLU B 726 -13.13 24.60 -36.59
C GLU B 726 -14.60 24.75 -36.22
N THR B 727 -15.27 25.76 -36.77
CA THR B 727 -16.68 25.95 -36.49
C THR B 727 -17.49 24.71 -36.88
N PHE B 728 -17.02 23.97 -37.88
CA PHE B 728 -17.71 22.79 -38.37
C PHE B 728 -17.02 21.49 -37.96
N TRP B 729 -16.16 21.54 -36.94
CA TRP B 729 -15.44 20.39 -36.45
C TRP B 729 -16.11 19.83 -35.20
N GLN B 730 -15.47 18.81 -34.61
CA GLN B 730 -16.04 18.17 -33.42
C GLN B 730 -16.12 19.11 -32.23
N PHE B 731 -15.35 20.22 -32.25
CA PHE B 731 -15.36 21.19 -31.16
C PHE B 731 -15.75 22.58 -31.67
N GLY B 732 -16.59 22.64 -32.69
CA GLY B 732 -17.04 23.89 -33.26
C GLY B 732 -18.23 24.48 -32.54
N ASN B 733 -19.01 25.26 -33.28
CA ASN B 733 -20.20 25.90 -32.70
C ASN B 733 -21.41 24.98 -32.71
N PHE B 734 -21.46 24.00 -33.60
CA PHE B 734 -22.58 23.06 -33.68
C PHE B 734 -22.37 21.81 -32.85
N VAL B 735 -21.68 21.92 -31.72
CA VAL B 735 -21.43 20.81 -30.81
C VAL B 735 -22.19 21.07 -29.52
N GLY B 736 -23.06 20.13 -29.16
CA GLY B 736 -23.90 20.27 -27.98
C GLY B 736 -25.33 20.67 -28.25
N MET B 737 -25.72 20.78 -29.51
CA MET B 737 -27.09 21.15 -29.84
C MET B 737 -28.07 20.11 -29.32
N ASP B 738 -29.12 20.58 -28.65
CA ASP B 738 -30.18 19.74 -28.14
C ASP B 738 -31.55 20.03 -28.74
N SER B 739 -31.78 21.27 -29.20
CA SER B 739 -33.05 21.66 -29.78
C SER B 739 -32.79 22.54 -31.00
N PHE B 740 -33.87 22.99 -31.63
CA PHE B 740 -33.74 23.83 -32.83
C PHE B 740 -33.21 25.21 -32.46
N GLU B 741 -33.63 25.74 -31.30
CA GLU B 741 -33.07 26.99 -30.82
C GLU B 741 -31.55 26.91 -30.72
N ASP B 742 -31.04 25.78 -30.22
CA ASP B 742 -29.59 25.61 -30.13
C ASP B 742 -28.95 25.69 -31.51
N LEU B 743 -29.56 25.06 -32.51
CA LEU B 743 -29.00 25.07 -33.86
C LEU B 743 -28.97 26.49 -34.43
N VAL B 744 -30.09 27.20 -34.33
CA VAL B 744 -30.13 28.56 -34.87
C VAL B 744 -29.14 29.47 -34.14
N LYS B 745 -29.00 29.28 -32.83
CA LYS B 745 -28.04 30.09 -32.07
C LYS B 745 -26.61 29.79 -32.51
N ALA B 746 -26.26 28.51 -32.61
CA ALA B 746 -24.93 28.13 -33.05
C ALA B 746 -24.67 28.51 -34.51
N SER B 747 -25.71 28.78 -35.28
CA SER B 747 -25.53 29.18 -36.67
C SER B 747 -25.17 30.65 -36.82
N TYR B 748 -25.38 31.47 -35.80
CA TYR B 748 -25.18 32.92 -35.78
C TYR B 748 -26.27 33.66 -36.54
N LEU B 749 -27.21 32.96 -37.18
CA LEU B 749 -28.25 33.57 -37.97
C LEU B 749 -29.59 33.50 -37.24
N SER B 750 -30.52 34.35 -37.67
CA SER B 750 -31.87 34.31 -37.15
C SER B 750 -32.61 33.08 -37.65
N GLU B 751 -33.69 32.72 -36.96
CA GLU B 751 -34.45 31.54 -37.34
C GLU B 751 -34.94 31.64 -38.78
N SER B 752 -35.62 32.76 -39.11
CA SER B 752 -36.05 32.96 -40.49
C SER B 752 -34.86 33.20 -41.40
N GLU B 753 -33.87 33.98 -40.95
CA GLU B 753 -32.67 34.19 -41.73
C GLU B 753 -31.95 32.87 -42.01
N LEU B 754 -32.08 31.90 -41.10
CA LEU B 754 -31.50 30.58 -41.31
C LEU B 754 -32.32 29.76 -42.30
N LEU B 755 -33.63 29.64 -42.06
CA LEU B 755 -34.47 28.82 -42.92
C LEU B 755 -34.55 29.37 -44.33
N SER B 756 -34.21 30.65 -44.54
CA SER B 756 -34.08 31.16 -45.89
C SER B 756 -32.89 30.51 -46.60
N LEU B 757 -31.76 30.37 -45.90
CA LEU B 757 -30.60 29.72 -46.49
C LEU B 757 -30.84 28.23 -46.69
N PHE B 758 -31.44 27.57 -45.70
CA PHE B 758 -31.63 26.12 -45.71
C PHE B 758 -33.09 25.80 -45.45
N PRO B 759 -33.94 25.92 -46.47
CA PRO B 759 -35.32 25.43 -46.32
C PRO B 759 -35.37 23.98 -45.86
N GLU B 760 -34.39 23.17 -46.29
CA GLU B 760 -34.25 21.82 -45.77
C GLU B 760 -34.22 21.78 -44.25
N PHE B 761 -33.77 22.87 -43.61
CA PHE B 761 -33.68 22.91 -42.16
C PHE B 761 -35.04 23.08 -41.48
N GLU B 762 -36.07 23.49 -42.23
CA GLU B 762 -37.38 23.68 -41.64
C GLU B 762 -37.92 22.42 -40.99
N SER B 763 -37.38 21.25 -41.33
CA SER B 763 -37.81 19.98 -40.78
C SER B 763 -37.09 19.63 -39.47
N LEU B 764 -36.30 20.55 -38.92
CA LEU B 764 -35.49 20.29 -37.74
C LEU B 764 -36.17 20.77 -36.45
N ARG B 765 -37.42 21.21 -36.51
CA ARG B 765 -38.11 21.66 -35.31
C ARG B 765 -38.37 20.49 -34.38
N HIS B 766 -38.15 20.72 -33.08
CA HIS B 766 -38.34 19.68 -32.07
C HIS B 766 -37.53 18.43 -32.42
N ALA B 767 -36.22 18.49 -32.20
CA ALA B 767 -35.31 17.41 -32.58
C ALA B 767 -34.95 16.48 -31.42
N LYS B 768 -35.36 16.82 -30.20
CA LYS B 768 -34.98 16.02 -29.03
C LYS B 768 -33.50 16.21 -28.72
N HIS B 769 -32.64 15.62 -29.55
CA HIS B 769 -31.20 15.78 -29.42
C HIS B 769 -30.62 15.99 -30.81
N LEU B 770 -29.88 17.08 -30.98
CA LEU B 770 -29.25 17.40 -32.27
C LEU B 770 -27.75 17.09 -32.21
N ARG B 771 -27.45 15.83 -31.88
CA ARG B 771 -26.09 15.33 -31.75
C ARG B 771 -25.90 14.12 -32.66
N GLY B 772 -24.63 13.76 -32.86
CA GLY B 772 -24.29 12.58 -33.63
C GLY B 772 -24.07 12.85 -35.11
N GLU B 773 -24.29 11.81 -35.93
CA GLU B 773 -24.12 11.96 -37.37
C GLU B 773 -25.08 12.99 -37.94
N ILE B 774 -26.22 13.21 -37.29
CA ILE B 774 -27.11 14.29 -37.69
C ILE B 774 -26.37 15.62 -37.61
N ALA B 775 -25.69 15.86 -36.47
CA ALA B 775 -24.90 17.08 -36.34
C ALA B 775 -23.72 17.09 -37.28
N GLU B 776 -23.15 15.93 -37.60
CA GLU B 776 -22.07 15.89 -38.59
C GLU B 776 -22.56 16.40 -39.94
N ASN B 777 -23.71 15.89 -40.40
CA ASN B 777 -24.27 16.35 -41.66
C ASN B 777 -24.66 17.82 -41.61
N ILE B 778 -25.16 18.28 -40.45
CA ILE B 778 -25.49 19.69 -40.30
C ILE B 778 -24.24 20.55 -40.45
N ARG B 779 -23.16 20.16 -39.77
CA ARG B 779 -21.91 20.89 -39.90
C ARG B 779 -21.42 20.90 -41.35
N LYS B 780 -21.55 19.77 -42.04
CA LYS B 780 -21.14 19.72 -43.44
C LYS B 780 -21.94 20.70 -44.28
N ILE B 781 -23.27 20.64 -44.21
CA ILE B 781 -24.10 21.52 -45.04
C ILE B 781 -23.82 22.98 -44.70
N PHE B 782 -23.53 23.28 -43.43
CA PHE B 782 -23.13 24.64 -43.09
C PHE B 782 -21.81 25.02 -43.78
N LYS B 783 -20.85 24.10 -43.79
CA LYS B 783 -19.56 24.36 -44.42
C LYS B 783 -19.68 24.52 -45.93
N ASN B 784 -20.73 23.95 -46.54
CA ASN B 784 -20.84 23.90 -47.99
C ASN B 784 -21.51 25.13 -48.62
N SER B 785 -21.91 26.12 -47.82
CA SER B 785 -22.71 27.24 -48.34
C SER B 785 -21.87 28.51 -48.40
N PRO B 786 -21.44 28.96 -49.58
CA PRO B 786 -20.73 30.25 -49.64
C PRO B 786 -21.60 31.43 -49.22
N ALA B 787 -22.90 31.39 -49.51
CA ALA B 787 -23.78 32.45 -49.03
C ALA B 787 -23.75 32.55 -47.51
N TYR B 788 -23.81 31.40 -46.83
CA TYR B 788 -23.66 31.40 -45.38
C TYR B 788 -22.34 32.03 -44.96
N HIS B 789 -21.25 31.69 -45.66
CA HIS B 789 -19.95 32.24 -45.33
C HIS B 789 -19.96 33.75 -45.41
N GLU B 790 -20.48 34.31 -46.51
CA GLU B 790 -20.44 35.75 -46.66
C GLU B 790 -21.39 36.46 -45.69
N LYS B 791 -22.54 35.86 -45.38
CA LYS B 791 -23.44 36.48 -44.42
C LYS B 791 -22.83 36.50 -43.02
N VAL B 792 -22.26 35.36 -42.61
CA VAL B 792 -21.54 35.32 -41.34
C VAL B 792 -20.41 36.34 -41.33
N LEU B 793 -19.72 36.50 -42.46
CA LEU B 793 -18.62 37.45 -42.53
C LEU B 793 -19.12 38.87 -42.36
N ALA B 794 -20.27 39.20 -42.95
CA ALA B 794 -20.84 40.53 -42.78
C ALA B 794 -21.21 40.79 -41.32
N ILE B 795 -21.93 39.83 -40.71
CA ILE B 795 -22.30 39.98 -39.30
C ILE B 795 -21.05 40.13 -38.44
N ALA B 796 -19.99 39.39 -38.77
CA ALA B 796 -18.77 39.44 -37.97
C ALA B 796 -18.08 40.78 -38.13
N ALA B 797 -17.98 41.28 -39.36
CA ALA B 797 -17.36 42.59 -39.58
C ALA B 797 -18.14 43.69 -38.88
N GLU B 798 -19.46 43.53 -38.76
CA GLU B 798 -20.24 44.54 -38.05
C GLU B 798 -20.02 44.46 -36.54
N LYS B 799 -20.04 43.24 -35.97
CA LYS B 799 -19.81 43.10 -34.54
C LYS B 799 -18.37 43.38 -34.15
N ARG B 800 -17.44 43.35 -35.11
CA ARG B 800 -16.03 43.54 -34.81
C ARG B 800 -15.69 45.00 -34.51
N LYS B 801 -16.56 45.95 -34.86
CA LYS B 801 -16.26 47.35 -34.63
C LYS B 801 -16.04 47.62 -33.15
N MET B 802 -17.00 47.24 -32.31
CA MET B 802 -16.90 47.51 -30.88
C MET B 802 -15.74 46.75 -30.25
N VAL B 803 -15.48 45.53 -30.72
CA VAL B 803 -14.39 44.74 -30.14
C VAL B 803 -13.04 45.36 -30.50
N ARG B 804 -12.89 45.79 -31.75
CA ARG B 804 -11.66 46.47 -32.16
C ARG B 804 -11.46 47.75 -31.36
N GLN B 805 -12.53 48.51 -31.16
CA GLN B 805 -12.40 49.75 -30.38
C GLN B 805 -12.04 49.45 -28.93
N TYR B 806 -12.64 48.41 -28.35
CA TYR B 806 -12.30 48.00 -26.99
C TYR B 806 -10.82 47.65 -26.89
N ILE B 807 -10.34 46.85 -27.84
CA ILE B 807 -8.92 46.49 -27.84
C ILE B 807 -8.06 47.74 -27.95
N GLN B 808 -8.38 48.61 -28.91
CA GLN B 808 -7.57 49.82 -29.12
C GLN B 808 -7.55 50.71 -27.89
N GLN B 809 -8.62 50.71 -27.11
CA GLN B 809 -8.70 51.57 -25.95
C GLN B 809 -8.13 50.95 -24.68
N GLU B 810 -8.08 49.61 -24.60
CA GLU B 810 -7.68 48.93 -23.38
C GLU B 810 -6.25 48.40 -23.41
N ILE B 811 -5.71 48.11 -24.59
CA ILE B 811 -4.42 47.42 -24.71
C ILE B 811 -3.42 48.37 -25.36
N ASN B 812 -2.30 48.60 -24.67
CA ASN B 812 -1.21 49.42 -25.18
C ASN B 812 -0.30 48.55 -26.04
N PRO B 813 -0.32 48.71 -27.37
CA PRO B 813 0.45 47.78 -28.21
C PRO B 813 1.95 48.04 -28.21
N LYS B 814 2.37 49.25 -27.86
CA LYS B 814 3.80 49.59 -27.88
C LYS B 814 4.56 48.99 -26.71
N GLU B 815 3.88 48.30 -25.80
CA GLU B 815 4.54 47.63 -24.68
C GLU B 815 4.87 46.19 -25.06
N LYS B 816 5.54 45.49 -24.14
CA LYS B 816 5.86 44.07 -24.28
C LYS B 816 4.97 43.35 -23.27
N PHE B 817 3.87 42.77 -23.75
CA PHE B 817 2.78 42.32 -22.90
C PHE B 817 2.54 40.82 -23.06
N ALA B 818 1.77 40.28 -22.12
CA ALA B 818 1.36 38.89 -22.15
C ALA B 818 -0.02 38.76 -21.53
N PHE B 819 -0.64 37.60 -21.70
CA PHE B 819 -1.96 37.30 -21.17
C PHE B 819 -1.90 36.04 -20.31
N VAL B 820 -2.72 36.02 -19.25
CA VAL B 820 -2.71 34.94 -18.27
C VAL B 820 -4.09 34.31 -18.21
N GLU B 821 -4.19 33.06 -18.67
CA GLU B 821 -5.38 32.23 -18.54
C GLU B 821 -5.06 31.02 -17.64
N PHE B 822 -5.90 30.00 -17.67
CA PHE B 822 -5.70 28.83 -16.81
C PHE B 822 -5.69 27.54 -17.61
N TRP B 823 -6.69 27.32 -18.48
CA TRP B 823 -6.75 26.08 -19.24
C TRP B 823 -7.53 26.30 -20.51
N GLY B 824 -7.13 25.61 -21.57
CA GLY B 824 -7.84 25.68 -22.83
C GLY B 824 -7.06 25.01 -23.94
N ARG B 825 -7.77 24.78 -25.05
CA ARG B 825 -7.14 24.24 -26.24
C ARG B 825 -6.15 25.24 -26.83
N GLY B 826 -6.51 26.53 -26.84
CA GLY B 826 -5.73 27.56 -27.49
C GLY B 826 -6.41 28.21 -28.68
N TYR B 827 -7.63 27.79 -29.01
CA TYR B 827 -8.34 28.33 -30.16
C TYR B 827 -8.89 29.72 -29.87
N THR B 828 -9.42 29.92 -28.66
CA THR B 828 -9.83 31.26 -28.24
C THR B 828 -8.69 32.24 -28.37
N GLN B 829 -7.48 31.83 -27.94
CA GLN B 829 -6.32 32.69 -28.09
C GLN B 829 -6.05 32.99 -29.56
N ASP B 830 -6.28 32.02 -30.44
CA ASP B 830 -6.04 32.24 -31.86
C ASP B 830 -7.00 33.29 -32.42
N THR B 831 -8.28 33.17 -32.08
CA THR B 831 -9.25 34.17 -32.53
C THR B 831 -8.91 35.54 -31.96
N PHE B 832 -8.50 35.59 -30.69
CA PHE B 832 -8.12 36.86 -30.10
C PHE B 832 -6.88 37.45 -30.75
N GLY B 833 -5.95 36.60 -31.20
CA GLY B 833 -4.79 37.11 -31.91
C GLY B 833 -5.16 37.66 -33.27
N ARG B 834 -6.12 37.02 -33.95
CA ARG B 834 -6.65 37.62 -35.18
C ARG B 834 -7.26 38.99 -34.90
N LEU B 835 -8.02 39.11 -33.82
CA LEU B 835 -8.61 40.40 -33.48
C LEU B 835 -7.52 41.43 -33.16
N LEU B 836 -6.46 41.01 -32.47
CA LEU B 836 -5.34 41.89 -32.18
C LEU B 836 -4.71 42.40 -33.47
N ASN B 837 -4.42 41.49 -34.39
CA ASN B 837 -3.83 41.88 -35.67
C ASN B 837 -4.74 42.86 -36.41
N ASP B 838 -6.04 42.60 -36.42
CA ASP B 838 -6.96 43.50 -37.11
C ASP B 838 -7.05 44.85 -36.43
N ALA B 839 -6.91 44.90 -35.10
CA ALA B 839 -7.07 46.15 -34.37
C ALA B 839 -5.83 47.02 -34.44
N PHE B 840 -4.64 46.42 -34.46
CA PHE B 840 -3.40 47.17 -34.54
C PHE B 840 -2.76 47.08 -35.93
N GLY B 841 -3.34 46.32 -36.85
CA GLY B 841 -2.88 46.33 -38.22
C GLY B 841 -1.47 45.83 -38.44
N LYS B 842 -1.03 44.85 -37.65
CA LYS B 842 0.31 44.28 -37.79
C LYS B 842 0.32 42.92 -37.12
N GLU B 843 1.42 42.21 -37.30
CA GLU B 843 1.61 40.88 -36.69
C GLU B 843 1.95 41.08 -35.23
N VAL B 844 0.93 41.01 -34.37
CA VAL B 844 1.08 41.27 -32.95
C VAL B 844 1.28 39.93 -32.24
N LYS B 845 2.47 39.73 -31.69
CA LYS B 845 2.73 38.54 -30.89
C LYS B 845 1.90 38.59 -29.62
N ASN B 846 1.00 37.62 -29.45
CA ASN B 846 0.26 37.49 -28.20
C ASN B 846 0.69 36.21 -27.50
N PRO B 847 1.40 36.30 -26.38
CA PRO B 847 1.67 35.11 -25.56
C PRO B 847 0.63 34.94 -24.47
N PHE B 848 0.10 33.73 -24.34
CA PHE B 848 -0.83 33.38 -23.28
C PHE B 848 -0.13 32.47 -22.28
N TYR B 849 -0.31 32.76 -21.00
CA TYR B 849 0.09 31.86 -19.93
C TYR B 849 -1.08 30.95 -19.57
N TYR B 850 -0.85 29.64 -19.63
CA TYR B 850 -1.82 28.67 -19.17
C TYR B 850 -1.21 27.84 -18.04
N VAL B 851 -2.08 27.14 -17.31
CA VAL B 851 -1.62 25.99 -16.56
C VAL B 851 -1.29 24.86 -17.52
N ARG B 852 -2.05 24.74 -18.60
CA ARG B 852 -1.77 23.80 -19.67
C ARG B 852 -2.69 24.08 -20.85
N SER B 853 -2.18 23.82 -22.05
CA SER B 853 -2.97 23.88 -23.28
C SER B 853 -2.51 22.75 -24.20
N PHE B 854 -3.41 22.31 -25.09
CA PHE B 854 -3.10 21.14 -25.90
C PHE B 854 -2.41 21.50 -27.21
N THR B 855 -2.73 22.64 -27.81
CA THR B 855 -2.21 22.95 -29.15
C THR B 855 -0.88 23.69 -29.05
N ASP B 856 -0.05 23.48 -30.07
CA ASP B 856 1.25 24.13 -30.14
C ASP B 856 1.10 25.59 -30.57
N ASP B 857 2.20 26.32 -30.49
CA ASP B 857 2.23 27.69 -30.96
C ASP B 857 1.90 27.73 -32.45
N MET B 858 0.95 28.59 -32.82
CA MET B 858 0.48 28.70 -34.19
C MET B 858 0.39 30.17 -34.56
N GLY B 859 1.15 30.57 -35.58
CA GLY B 859 1.11 31.97 -36.00
C GLY B 859 1.72 32.87 -34.94
N THR B 860 0.99 33.92 -34.57
CA THR B 860 1.45 34.85 -33.55
C THR B 860 1.11 34.37 -32.14
N SER B 861 0.30 33.33 -32.00
CA SER B 861 -0.06 32.83 -30.67
C SER B 861 1.12 32.09 -30.07
N VAL B 862 1.57 32.53 -28.90
CA VAL B 862 2.59 31.83 -28.14
C VAL B 862 1.92 31.30 -26.88
N ARG B 863 2.41 30.16 -26.37
CA ARG B 863 1.75 29.47 -25.27
C ARG B 863 2.81 29.04 -24.24
N HIS B 864 2.76 29.65 -23.06
CA HIS B 864 3.64 29.30 -21.95
C HIS B 864 2.84 28.47 -20.96
N ASN B 865 3.25 27.21 -20.77
CA ASN B 865 2.50 26.24 -19.97
C ASN B 865 3.23 25.95 -18.68
N PHE B 866 2.48 25.96 -17.57
CA PHE B 866 3.07 25.70 -16.26
C PHE B 866 3.43 24.23 -16.11
N ILE B 867 2.46 23.34 -16.30
CA ILE B 867 2.62 21.92 -16.07
C ILE B 867 2.64 21.21 -17.42
N LEU B 868 3.66 20.38 -17.63
CA LEU B 868 3.86 19.64 -18.88
C LEU B 868 3.48 18.19 -18.63
N ALA B 869 2.17 17.94 -18.56
CA ALA B 869 1.64 16.61 -18.32
C ALA B 869 0.22 16.57 -18.85
N PRO B 870 -0.28 15.39 -19.27
CA PRO B 870 -1.58 15.29 -19.93
C PRO B 870 -2.78 15.34 -18.97
N GLN B 871 -2.81 16.35 -18.12
CA GLN B 871 -3.88 16.55 -17.16
C GLN B 871 -4.90 17.56 -17.69
N ASN B 872 -6.16 17.35 -17.32
CA ASN B 872 -7.28 18.16 -17.79
C ASN B 872 -7.75 19.03 -16.63
N PHE B 873 -7.60 20.35 -16.79
CA PHE B 873 -7.87 21.30 -15.71
C PHE B 873 -9.23 21.98 -15.83
N SER B 874 -10.05 21.60 -16.82
CA SER B 874 -11.45 21.98 -16.78
C SER B 874 -12.09 21.68 -15.44
N PHE B 875 -11.52 20.71 -14.71
CA PHE B 875 -11.93 20.38 -13.36
C PHE B 875 -12.17 21.62 -12.49
N PHE B 876 -11.34 22.64 -12.65
CA PHE B 876 -11.40 23.82 -11.77
C PHE B 876 -12.34 24.91 -12.30
N GLU B 877 -13.08 24.64 -13.38
CA GLU B 877 -14.01 25.63 -13.89
C GLU B 877 -15.06 26.04 -12.87
N PRO B 878 -15.62 25.15 -12.05
CA PRO B 878 -16.61 25.59 -11.05
C PRO B 878 -16.15 26.78 -10.24
N ILE B 879 -14.89 26.77 -9.78
CA ILE B 879 -14.39 27.84 -8.93
C ILE B 879 -14.46 29.18 -9.66
N PHE B 880 -13.92 29.24 -10.88
CA PHE B 880 -13.95 30.48 -11.63
C PHE B 880 -15.37 30.90 -11.98
N ALA B 881 -16.34 29.98 -11.93
CA ALA B 881 -17.73 30.34 -12.19
C ALA B 881 -18.39 30.98 -10.98
N GLN B 882 -17.67 31.08 -9.86
CA GLN B 882 -18.13 31.85 -8.71
C GLN B 882 -17.79 33.32 -8.84
N THR B 883 -17.03 33.71 -9.86
CA THR B 883 -16.81 35.11 -10.17
C THR B 883 -18.16 35.83 -10.20
N PRO B 884 -18.28 37.03 -9.59
CA PRO B 884 -19.59 37.67 -9.36
C PRO B 884 -20.19 38.38 -10.58
N TYR B 885 -20.17 37.69 -11.72
CA TYR B 885 -20.89 38.16 -12.90
C TYR B 885 -20.78 37.11 -13.99
N ASP B 886 -21.79 37.09 -14.86
CA ASP B 886 -21.88 36.06 -15.89
C ASP B 886 -20.77 36.24 -16.93
N SER B 887 -20.60 35.21 -17.76
CA SER B 887 -19.72 35.32 -18.91
C SER B 887 -20.15 36.50 -19.77
N ILE B 888 -19.18 37.27 -20.24
CA ILE B 888 -19.45 38.50 -20.99
C ILE B 888 -20.10 38.13 -22.32
N PRO B 889 -21.35 38.56 -22.58
CA PRO B 889 -22.01 38.17 -23.83
C PRO B 889 -21.55 38.99 -25.03
N ASP B 890 -21.38 40.29 -24.84
CA ASP B 890 -20.95 41.19 -25.90
C ASP B 890 -20.57 42.52 -25.24
N TYR B 891 -20.40 43.56 -26.06
CA TYR B 891 -20.04 44.89 -25.60
C TYR B 891 -21.15 45.88 -25.91
N TYR B 892 -20.95 47.12 -25.45
CA TYR B 892 -21.83 48.22 -25.79
C TYR B 892 -21.00 49.50 -25.69
N GLU B 893 -21.64 50.63 -26.04
CA GLU B 893 -20.95 51.91 -26.03
C GLU B 893 -21.77 52.94 -25.27
N GLU B 894 -21.08 53.72 -24.44
CA GLU B 894 -21.67 54.91 -23.84
C GLU B 894 -20.54 55.83 -23.43
N LYS B 895 -20.83 57.13 -23.38
CA LYS B 895 -19.81 58.15 -23.21
C LYS B 895 -18.74 58.03 -24.29
N GLY B 896 -19.15 57.63 -25.49
CA GLY B 896 -18.21 57.39 -26.56
C GLY B 896 -17.14 56.36 -26.24
N ARG B 897 -17.35 55.56 -25.19
CA ARG B 897 -16.39 54.58 -24.75
C ARG B 897 -17.03 53.20 -24.77
N ILE B 898 -16.23 52.19 -25.09
CA ILE B 898 -16.68 50.81 -25.18
C ILE B 898 -16.59 50.17 -23.80
N GLU B 899 -17.61 49.38 -23.45
CA GLU B 899 -17.70 48.75 -22.15
C GLU B 899 -18.28 47.35 -22.31
N PRO B 900 -17.88 46.41 -21.45
CA PRO B 900 -18.45 45.07 -21.52
C PRO B 900 -19.81 45.00 -20.83
N ILE B 901 -20.70 44.21 -21.40
CA ILE B 901 -21.99 43.97 -20.76
C ILE B 901 -21.77 43.06 -19.57
N ILE B 902 -22.06 43.57 -18.37
CA ILE B 902 -21.78 42.87 -17.12
C ILE B 902 -23.11 42.68 -16.39
N ASN B 903 -23.58 41.44 -16.34
CA ASN B 903 -24.77 41.08 -15.57
C ASN B 903 -24.30 40.38 -14.30
N HIS B 904 -24.42 41.07 -13.16
CA HIS B 904 -23.74 40.67 -11.95
C HIS B 904 -24.41 39.45 -11.32
N ARG B 905 -23.68 38.83 -10.39
CA ARG B 905 -24.15 37.75 -9.56
C ARG B 905 -23.84 38.07 -8.10
N ASP B 906 -24.24 37.19 -7.19
CA ASP B 906 -23.96 37.41 -5.78
C ASP B 906 -22.47 37.28 -5.50
N ARG B 907 -22.00 38.05 -4.52
CA ARG B 907 -20.57 38.18 -4.23
C ARG B 907 -20.10 37.37 -3.05
N SER B 908 -21.01 36.67 -2.34
CA SER B 908 -20.62 35.98 -1.12
C SER B 908 -19.55 34.92 -1.39
N VAL B 909 -19.84 33.99 -2.30
CA VAL B 909 -18.91 32.90 -2.58
C VAL B 909 -17.56 33.45 -3.01
N SER B 910 -17.56 34.34 -3.99
CA SER B 910 -16.31 34.92 -4.47
C SER B 910 -15.62 35.74 -3.38
N ASP B 911 -16.38 36.40 -2.52
CA ASP B 911 -15.78 37.13 -1.41
C ASP B 911 -14.96 36.20 -0.53
N LEU B 912 -15.57 35.10 -0.08
CA LEU B 912 -14.85 34.16 0.78
C LEU B 912 -13.68 33.51 0.02
N ILE B 913 -13.87 33.22 -1.26
CA ILE B 913 -12.81 32.59 -2.03
C ILE B 913 -11.59 33.52 -2.13
N SER B 914 -11.83 34.81 -2.36
CA SER B 914 -10.72 35.76 -2.43
C SER B 914 -10.06 35.93 -1.08
N GLU B 915 -10.86 35.97 0.00
CA GLU B 915 -10.29 35.98 1.35
C GLU B 915 -9.28 34.84 1.50
N GLY B 916 -9.72 33.62 1.24
CA GLY B 916 -8.83 32.47 1.37
C GLY B 916 -7.62 32.55 0.47
N LEU B 917 -7.82 32.96 -0.78
CA LEU B 917 -6.72 33.01 -1.73
C LEU B 917 -5.64 34.00 -1.30
N LEU B 918 -6.03 35.16 -0.79
CA LEU B 918 -5.03 36.15 -0.40
C LEU B 918 -4.35 35.76 0.92
N LYS B 919 -5.09 35.14 1.84
CA LYS B 919 -4.44 34.55 3.01
C LYS B 919 -3.36 33.55 2.58
N PHE B 920 -3.69 32.70 1.58
CA PHE B 920 -2.72 31.71 1.13
C PHE B 920 -1.54 32.35 0.44
N THR B 921 -1.77 33.41 -0.35
CA THR B 921 -0.65 34.09 -1.02
C THR B 921 0.33 34.62 0.01
N GLU B 922 -0.17 35.29 1.06
CA GLU B 922 0.71 35.77 2.11
C GLU B 922 1.47 34.61 2.77
N ASP B 923 0.74 33.57 3.17
CA ASP B 923 1.36 32.47 3.91
C ASP B 923 2.26 31.61 3.03
N TYR B 924 2.12 31.71 1.71
CA TYR B 924 2.89 30.92 0.77
C TYR B 924 4.16 31.63 0.34
N LEU B 925 4.13 32.97 0.26
CA LEU B 925 5.35 33.72 0.02
C LEU B 925 6.16 33.94 1.29
N ALA B 926 5.69 33.44 2.43
CA ALA B 926 6.40 33.56 3.70
C ALA B 926 7.16 32.30 4.07
N LEU B 927 7.04 31.25 3.25
CA LEU B 927 7.68 29.97 3.55
C LEU B 927 9.18 30.05 3.32
N ASN B 928 9.95 29.46 4.24
CA ASN B 928 11.40 29.41 4.11
C ASN B 928 11.76 28.30 3.14
N THR B 929 11.81 28.63 1.85
CA THR B 929 12.16 27.69 0.81
C THR B 929 13.61 27.87 0.38
N GLN B 930 14.26 26.75 0.06
CA GLN B 930 15.61 26.82 -0.50
C GLN B 930 15.57 27.22 -1.98
N ASP B 931 14.53 26.81 -2.69
CA ASP B 931 14.34 27.18 -4.10
C ASP B 931 12.85 27.34 -4.32
N GLU B 932 12.41 28.57 -4.57
CA GLU B 932 10.98 28.85 -4.63
C GLU B 932 10.34 28.30 -5.90
N ASP B 933 11.05 28.36 -7.03
CA ASP B 933 10.51 27.81 -8.27
C ASP B 933 10.23 26.32 -8.13
N TYR B 934 11.12 25.60 -7.44
CA TYR B 934 10.94 24.17 -7.28
C TYR B 934 9.79 23.86 -6.32
N PHE B 935 9.58 24.69 -5.28
CA PHE B 935 8.43 24.49 -4.42
C PHE B 935 7.14 24.81 -5.15
N ASP B 936 7.15 25.82 -6.03
CA ASP B 936 6.00 26.04 -6.91
C ASP B 936 5.69 24.77 -7.70
N ALA B 937 6.70 24.25 -8.39
CA ALA B 937 6.49 23.06 -9.21
C ALA B 937 6.03 21.87 -8.38
N ALA B 938 6.55 21.73 -7.16
CA ALA B 938 6.26 20.54 -6.36
C ALA B 938 4.88 20.62 -5.71
N LEU B 939 4.55 21.75 -5.09
CA LEU B 939 3.21 21.91 -4.53
C LEU B 939 2.16 21.84 -5.64
N SER B 940 2.49 22.33 -6.84
CA SER B 940 1.52 22.27 -7.93
C SER B 940 1.34 20.84 -8.43
N GLN B 941 2.44 20.12 -8.66
CA GLN B 941 2.35 18.71 -9.07
C GLN B 941 1.53 17.91 -8.05
N PHE B 942 1.92 17.98 -6.78
CA PHE B 942 1.20 17.23 -5.75
C PHE B 942 -0.27 17.62 -5.71
N ASN B 943 -0.56 18.92 -5.70
CA ASN B 943 -1.94 19.36 -5.50
C ASN B 943 -2.81 18.97 -6.67
N TYR B 944 -2.33 19.12 -7.90
CA TYR B 944 -3.12 18.73 -9.06
C TYR B 944 -3.35 17.22 -9.07
N GLN B 945 -2.29 16.42 -8.82
CA GLN B 945 -2.49 14.98 -8.81
C GLN B 945 -3.46 14.56 -7.71
N TYR B 946 -3.46 15.27 -6.59
CA TYR B 946 -4.40 14.94 -5.51
C TYR B 946 -5.82 15.28 -5.90
N GLN B 947 -6.07 16.53 -6.30
CA GLN B 947 -7.44 16.97 -6.57
C GLN B 947 -8.03 16.31 -7.80
N LEU B 948 -7.21 15.81 -8.72
CA LEU B 948 -7.72 15.16 -9.91
C LEU B 948 -7.95 13.66 -9.74
N ASN B 949 -7.53 13.08 -8.63
CA ASN B 949 -7.66 11.64 -8.43
C ASN B 949 -8.01 11.31 -6.98
N THR B 950 -8.85 12.15 -6.37
CA THR B 950 -9.32 11.94 -5.00
C THR B 950 -10.77 12.37 -4.90
N PRO B 951 -11.68 11.61 -5.49
CA PRO B 951 -13.10 12.02 -5.53
C PRO B 951 -13.82 11.85 -4.20
N ASN B 952 -13.24 11.16 -3.22
CA ASN B 952 -13.85 10.96 -1.92
C ASN B 952 -13.20 11.81 -0.83
N ASP B 953 -12.55 12.91 -1.23
CA ASP B 953 -11.98 13.83 -0.25
C ASP B 953 -13.09 14.63 0.42
N GLN B 954 -12.91 14.90 1.71
CA GLN B 954 -13.92 15.62 2.47
C GLN B 954 -14.33 16.92 1.79
N PHE B 955 -13.34 17.77 1.48
CA PHE B 955 -13.64 19.12 1.04
C PHE B 955 -13.89 19.22 -0.46
N ILE B 956 -13.32 18.32 -1.26
CA ILE B 956 -13.72 18.24 -2.66
C ILE B 956 -15.17 17.77 -2.77
N CYS B 957 -15.68 17.06 -1.76
CA CYS B 957 -17.04 16.56 -1.76
C CYS B 957 -18.03 17.58 -1.19
N ASN B 958 -17.70 18.19 -0.06
CA ASN B 958 -18.63 19.03 0.67
C ASN B 958 -18.64 20.48 0.20
N VAL B 959 -17.60 20.94 -0.50
CA VAL B 959 -17.49 22.34 -0.90
C VAL B 959 -17.38 22.45 -2.41
N PHE B 960 -16.29 21.92 -2.97
CA PHE B 960 -16.04 22.04 -4.41
C PHE B 960 -17.24 21.54 -5.22
N SER B 961 -17.55 20.25 -5.09
CA SER B 961 -18.60 19.66 -5.93
C SER B 961 -19.97 20.26 -5.68
N GLU B 962 -20.14 21.04 -4.61
CA GLU B 962 -21.40 21.71 -4.33
C GLU B 962 -21.49 23.09 -4.97
N LEU B 963 -20.41 23.57 -5.59
CA LEU B 963 -20.43 24.88 -6.22
C LEU B 963 -21.38 24.88 -7.42
N LYS B 964 -22.21 25.92 -7.50
CA LYS B 964 -23.16 26.02 -8.61
C LYS B 964 -22.42 26.37 -9.90
N ASP B 965 -22.79 25.68 -10.98
CA ASP B 965 -22.15 25.86 -12.28
C ASP B 965 -23.21 25.73 -13.36
N ASN B 966 -23.36 26.77 -14.18
CA ASN B 966 -24.37 26.76 -15.23
C ASN B 966 -23.97 25.80 -16.35
N ILE B 967 -22.72 25.86 -16.80
CA ILE B 967 -22.24 24.98 -17.86
C ILE B 967 -23.06 25.17 -19.12
N GLY B 971 -28.84 25.42 -18.92
CA GLY B 971 -27.75 25.96 -18.12
C GLY B 971 -28.24 26.85 -16.99
N VAL B 972 -28.56 26.23 -15.86
CA VAL B 972 -29.03 26.95 -14.67
C VAL B 972 -28.06 26.65 -13.52
N GLU B 973 -28.24 27.38 -12.42
CA GLU B 973 -27.35 27.30 -11.27
C GLU B 973 -27.60 25.99 -10.53
N LYS B 974 -27.01 24.90 -11.05
CA LYS B 974 -27.08 23.59 -10.42
C LYS B 974 -25.69 23.16 -9.93
N PRO B 975 -25.62 22.34 -8.89
CA PRO B 975 -24.31 21.92 -8.37
C PRO B 975 -23.48 21.22 -9.45
N TYR B 976 -22.20 21.06 -9.13
CA TYR B 976 -21.27 20.47 -10.09
C TYR B 976 -21.33 18.94 -10.07
N ALA B 977 -21.32 18.34 -8.87
CA ALA B 977 -21.41 16.89 -8.72
C ALA B 977 -22.09 16.58 -7.41
N PRO B 978 -23.41 16.76 -7.33
CA PRO B 978 -24.13 16.53 -6.08
C PRO B 978 -24.29 15.04 -5.79
N ALA B 979 -24.75 14.75 -4.58
CA ALA B 979 -25.11 13.38 -4.24
C ALA B 979 -26.32 12.95 -5.07
N LEU B 980 -26.49 11.65 -5.21
CA LEU B 980 -27.55 11.06 -6.00
C LEU B 980 -28.53 10.32 -5.12
N THR B 981 -29.80 10.33 -5.51
CA THR B 981 -30.86 9.63 -4.82
C THR B 981 -31.27 8.39 -5.62
N LEU B 982 -31.87 7.43 -4.92
CA LEU B 982 -32.19 6.15 -5.55
C LEU B 982 -33.12 6.34 -6.75
N LYS B 983 -34.15 7.18 -6.61
CA LYS B 983 -35.10 7.32 -7.71
C LYS B 983 -34.49 8.06 -8.89
N GLN B 984 -33.58 8.99 -8.64
CA GLN B 984 -32.86 9.62 -9.74
C GLN B 984 -32.14 8.57 -10.58
N LEU B 985 -31.54 7.57 -9.94
CA LEU B 985 -30.91 6.48 -10.69
C LEU B 985 -31.95 5.56 -11.31
N GLU B 986 -33.12 5.43 -10.67
CA GLU B 986 -34.21 4.68 -11.28
C GLU B 986 -34.72 5.35 -12.54
N SER B 987 -34.44 6.64 -12.72
CA SER B 987 -34.89 7.39 -13.88
C SER B 987 -33.90 7.40 -15.04
N ILE B 988 -32.73 6.76 -14.90
CA ILE B 988 -31.72 6.79 -15.94
C ILE B 988 -31.72 5.47 -16.70
N THR B 989 -31.28 5.54 -17.96
CA THR B 989 -31.05 4.34 -18.76
C THR B 989 -29.81 4.47 -19.64
N SER B 990 -29.15 5.63 -19.66
CA SER B 990 -27.98 5.87 -20.49
C SER B 990 -26.98 6.72 -19.70
N LYS B 991 -25.79 6.87 -20.28
CA LYS B 991 -24.79 7.75 -19.69
C LYS B 991 -25.14 9.22 -19.92
N GLN B 992 -25.88 9.51 -21.00
CA GLN B 992 -26.30 10.89 -21.25
C GLN B 992 -27.20 11.40 -20.12
N GLU B 993 -28.19 10.60 -19.74
CA GLU B 993 -29.10 11.01 -18.67
C GLU B 993 -28.36 11.22 -17.35
N LEU B 994 -27.28 10.48 -17.13
CA LEU B 994 -26.55 10.63 -15.87
C LEU B 994 -25.63 11.84 -15.91
N ASP B 995 -24.99 12.12 -17.05
CA ASP B 995 -24.20 13.33 -17.18
C ASP B 995 -25.06 14.57 -16.94
N LYS B 996 -26.33 14.51 -17.30
CA LYS B 996 -27.26 15.61 -17.01
C LYS B 996 -27.42 15.80 -15.50
N LEU B 997 -27.19 14.76 -14.71
CA LEU B 997 -27.38 14.84 -13.27
C LEU B 997 -26.13 15.26 -12.52
N THR B 998 -24.95 14.99 -13.07
CA THR B 998 -23.71 15.33 -12.39
C THR B 998 -22.58 15.37 -13.41
N GLN B 999 -21.54 16.12 -13.08
CA GLN B 999 -20.35 16.24 -13.92
C GLN B 999 -19.21 15.35 -13.43
N SER B 1000 -19.42 14.58 -12.37
CA SER B 1000 -18.38 13.69 -11.85
C SER B 1000 -19.09 12.53 -11.14
N ILE B 1001 -19.27 11.42 -11.84
CA ILE B 1001 -19.90 10.25 -11.24
C ILE B 1001 -19.14 9.80 -9.99
N PRO B 1002 -17.81 9.74 -10.00
CA PRO B 1002 -17.10 9.28 -8.78
C PRO B 1002 -17.40 10.13 -7.56
N ILE B 1003 -17.33 11.45 -7.69
CA ILE B 1003 -17.57 12.32 -6.53
C ILE B 1003 -19.03 12.21 -6.09
N SER B 1004 -19.96 12.23 -7.04
CA SER B 1004 -21.37 12.13 -6.69
C SER B 1004 -21.65 10.83 -5.94
N LEU B 1005 -21.06 9.73 -6.38
CA LEU B 1005 -21.30 8.46 -5.70
C LEU B 1005 -20.63 8.44 -4.33
N SER B 1006 -19.42 8.99 -4.22
CA SER B 1006 -18.75 9.07 -2.93
C SER B 1006 -19.54 9.90 -1.93
N LYS B 1007 -20.50 10.70 -2.39
CA LYS B 1007 -21.36 11.50 -1.53
C LYS B 1007 -22.72 10.87 -1.29
N SER B 1008 -23.07 9.82 -2.03
CA SER B 1008 -24.40 9.23 -1.95
C SER B 1008 -24.44 8.09 -0.94
N ASP B 1009 -25.65 7.73 -0.53
CA ASP B 1009 -25.85 6.68 0.46
C ASP B 1009 -25.39 5.34 -0.10
N VAL B 1010 -25.13 4.40 0.81
CA VAL B 1010 -24.61 3.10 0.40
C VAL B 1010 -25.62 2.37 -0.48
N LYS B 1011 -26.91 2.53 -0.19
CA LYS B 1011 -27.92 1.89 -1.03
C LYS B 1011 -27.90 2.47 -2.44
N VAL B 1012 -27.67 3.77 -2.55
CA VAL B 1012 -27.55 4.38 -3.88
C VAL B 1012 -26.35 3.83 -4.63
N ILE B 1013 -25.21 3.68 -3.94
CA ILE B 1013 -24.02 3.13 -4.57
C ILE B 1013 -24.27 1.70 -5.03
N ASP B 1014 -24.94 0.90 -4.19
CA ASP B 1014 -25.20 -0.48 -4.54
C ASP B 1014 -26.16 -0.59 -5.72
N TYR B 1015 -27.17 0.29 -5.77
CA TYR B 1015 -28.08 0.30 -6.92
C TYR B 1015 -27.35 0.71 -8.19
N TYR B 1016 -26.48 1.72 -8.10
CA TYR B 1016 -25.67 2.10 -9.25
C TYR B 1016 -24.82 0.93 -9.73
N ASN B 1017 -24.20 0.19 -8.80
CA ASN B 1017 -23.42 -0.97 -9.19
C ASN B 1017 -24.29 -2.01 -9.88
N LYS B 1018 -25.48 -2.25 -9.33
CA LYS B 1018 -26.39 -3.23 -9.91
C LYS B 1018 -26.75 -2.87 -11.35
N ILE B 1019 -26.96 -1.58 -11.63
CA ILE B 1019 -27.46 -1.19 -12.93
C ILE B 1019 -26.37 -0.81 -13.94
N GLN B 1020 -25.15 -0.55 -13.49
CA GLN B 1020 -24.14 0.01 -14.38
C GLN B 1020 -23.69 -0.99 -15.44
N LYS B 1021 -23.47 -2.25 -15.04
CA LYS B 1021 -22.97 -3.22 -15.99
C LYS B 1021 -23.89 -3.37 -17.20
N ASN B 1022 -25.20 -3.16 -17.00
CA ASN B 1022 -26.15 -3.25 -18.10
C ASN B 1022 -26.31 -1.92 -18.82
N TYR B 1023 -26.66 -0.86 -18.08
CA TYR B 1023 -26.82 0.45 -18.69
C TYR B 1023 -25.51 1.03 -19.24
N ASN B 1024 -24.39 0.36 -19.02
CA ASN B 1024 -23.09 0.79 -19.56
C ASN B 1024 -22.69 2.15 -18.99
N LEU B 1025 -22.67 2.23 -17.66
CA LEU B 1025 -22.19 3.41 -16.96
C LEU B 1025 -20.77 3.17 -16.47
N PRO B 1026 -19.99 4.23 -16.24
CA PRO B 1026 -18.61 4.03 -15.75
C PRO B 1026 -18.60 3.24 -14.46
N ALA B 1027 -17.53 2.47 -14.28
CA ALA B 1027 -17.39 1.65 -13.09
C ALA B 1027 -16.91 2.50 -11.92
N TYR B 1028 -17.60 2.37 -10.78
CA TYR B 1028 -17.26 3.13 -9.57
C TYR B 1028 -16.15 2.39 -8.82
N ASN B 1029 -14.98 3.01 -8.75
CA ASN B 1029 -13.80 2.41 -8.13
C ASN B 1029 -13.28 3.28 -6.99
N SER B 1030 -14.19 3.83 -6.18
CA SER B 1030 -13.84 4.58 -4.99
C SER B 1030 -14.75 4.13 -3.85
N THR B 1031 -14.54 4.71 -2.67
CA THR B 1031 -15.30 4.41 -1.48
C THR B 1031 -15.96 5.68 -0.95
N PRO B 1032 -17.02 5.55 -0.15
CA PRO B 1032 -17.71 6.75 0.35
C PRO B 1032 -16.77 7.67 1.10
N MET B 1033 -17.10 8.96 1.09
CA MET B 1033 -16.26 9.97 1.72
C MET B 1033 -16.38 9.88 3.24
N ARG B 1034 -15.24 9.94 3.92
CA ARG B 1034 -15.17 9.94 5.38
C ARG B 1034 -14.57 11.26 5.82
N LYS B 1035 -15.36 12.08 6.51
CA LYS B 1035 -14.86 13.35 7.03
C LYS B 1035 -13.66 13.12 7.93
N ALA B 1036 -12.74 14.08 7.91
CA ALA B 1036 -11.50 13.99 8.66
C ALA B 1036 -11.38 14.99 9.80
N TYR B 1037 -11.93 16.19 9.64
CA TYR B 1037 -11.93 17.20 10.69
C TYR B 1037 -13.28 17.89 10.70
N ALA B 1038 -13.73 18.26 11.90
CA ALA B 1038 -15.12 18.62 12.14
C ALA B 1038 -16.02 17.45 11.72
N VAL B 1039 -15.67 16.26 12.23
CA VAL B 1039 -16.29 15.02 11.79
C VAL B 1039 -17.73 14.88 12.23
N ASN B 1040 -18.21 15.72 13.13
CA ASN B 1040 -19.58 15.67 13.63
C ASN B 1040 -20.19 17.05 13.57
N PRO B 1041 -21.53 17.14 13.58
CA PRO B 1041 -22.19 18.45 13.61
C PRO B 1041 -21.76 19.26 14.83
N LEU B 1042 -21.25 20.46 14.59
CA LEU B 1042 -20.74 21.30 15.66
C LEU B 1042 -21.83 22.04 16.43
N GLU B 1043 -23.07 22.04 15.93
CA GLU B 1043 -24.16 22.67 16.66
C GLU B 1043 -24.65 21.82 17.83
N GLN B 1044 -24.28 20.54 17.88
CA GLN B 1044 -24.72 19.64 18.93
C GLN B 1044 -23.76 19.60 20.11
N TYR B 1045 -22.89 20.59 20.24
CA TYR B 1045 -21.89 20.61 21.30
C TYR B 1045 -21.95 21.93 22.07
N VAL B 1046 -21.89 21.83 23.39
CA VAL B 1046 -21.87 22.99 24.27
C VAL B 1046 -20.45 23.19 24.76
N TRP B 1047 -19.94 24.42 24.62
CA TRP B 1047 -18.59 24.74 25.06
C TRP B 1047 -18.41 26.25 24.97
N SER B 1048 -17.25 26.72 25.42
CA SER B 1048 -16.96 28.14 25.46
C SER B 1048 -15.45 28.34 25.43
N THR B 1049 -15.04 29.46 24.84
CA THR B 1049 -13.63 29.87 24.87
C THR B 1049 -13.26 30.56 26.18
N GLN B 1050 -14.22 30.75 27.08
CA GLN B 1050 -14.01 31.44 28.35
C GLN B 1050 -14.11 30.39 29.47
N VAL B 1051 -12.97 29.93 29.96
CA VAL B 1051 -12.95 28.95 31.04
C VAL B 1051 -12.48 29.64 32.32
N PRO B 1052 -12.94 29.21 33.50
CA PRO B 1052 -13.90 28.10 33.68
C PRO B 1052 -15.32 28.53 33.36
N PHE B 1053 -16.24 27.56 33.22
CA PHE B 1053 -17.64 27.91 33.08
C PHE B 1053 -18.50 26.78 33.62
N ARG B 1054 -19.64 27.15 34.21
CA ARG B 1054 -20.51 26.18 34.85
C ARG B 1054 -21.39 25.49 33.81
N VAL B 1055 -21.59 24.19 33.99
CA VAL B 1055 -22.51 23.43 33.16
C VAL B 1055 -23.39 22.58 34.08
N LEU B 1056 -24.67 22.53 33.77
CA LEU B 1056 -25.63 21.70 34.47
C LEU B 1056 -25.81 20.39 33.72
N SER B 1057 -25.75 19.28 34.44
CA SER B 1057 -25.84 17.96 33.84
C SER B 1057 -27.29 17.57 33.65
N LEU B 1058 -27.67 17.29 32.39
CA LEU B 1058 -29.05 16.95 32.07
C LEU B 1058 -29.36 15.48 32.28
N LYS B 1059 -28.37 14.60 32.15
CA LYS B 1059 -28.53 13.19 32.41
C LYS B 1059 -27.31 12.69 33.18
N GLN B 1060 -27.41 11.47 33.70
CA GLN B 1060 -26.31 10.91 34.48
C GLN B 1060 -25.07 10.82 33.61
N ASN B 1061 -24.15 11.77 33.77
CA ASN B 1061 -22.96 11.85 32.93
C ASN B 1061 -21.81 11.10 33.55
N SER B 1062 -21.19 10.22 32.76
CA SER B 1062 -20.02 9.49 33.21
C SER B 1062 -18.77 10.35 33.06
N PHE B 1063 -17.71 9.96 33.76
CA PHE B 1063 -16.42 10.62 33.71
C PHE B 1063 -15.43 9.79 32.92
N TYR B 1064 -14.55 10.46 32.17
CA TYR B 1064 -13.50 9.81 31.40
C TYR B 1064 -12.18 10.52 31.65
N LEU B 1065 -11.11 9.73 31.74
CA LEU B 1065 -9.77 10.26 31.96
C LEU B 1065 -9.00 10.45 30.67
N ASP B 1066 -9.61 10.14 29.52
CA ASP B 1066 -9.02 10.36 28.21
C ASP B 1066 -10.07 10.97 27.31
N VAL B 1067 -9.64 11.85 26.41
CA VAL B 1067 -10.59 12.44 25.46
C VAL B 1067 -11.16 11.38 24.55
N SER B 1068 -10.46 10.26 24.37
CA SER B 1068 -10.96 9.16 23.56
C SER B 1068 -12.28 8.61 24.07
N PHE B 1069 -12.59 8.80 25.36
CA PHE B 1069 -13.77 8.21 25.98
C PHE B 1069 -13.82 6.69 25.78
N ALA B 1070 -12.65 6.06 25.74
CA ALA B 1070 -12.60 4.62 25.62
C ALA B 1070 -13.07 3.97 26.93
N GLU B 1071 -13.70 2.80 26.78
CA GLU B 1071 -14.24 2.10 27.95
C GLU B 1071 -13.20 1.99 29.06
N THR B 1072 -11.95 1.69 28.71
CA THR B 1072 -10.91 1.51 29.72
C THR B 1072 -10.64 2.77 30.52
N THR B 1073 -10.95 3.95 29.97
CA THR B 1073 -10.73 5.21 30.66
C THR B 1073 -11.98 5.74 31.34
N LYS B 1074 -13.07 4.98 31.33
CA LYS B 1074 -14.31 5.39 31.97
C LYS B 1074 -14.21 5.16 33.47
N ARG B 1075 -14.37 6.23 34.25
CA ARG B 1075 -14.30 6.11 35.70
C ARG B 1075 -15.48 5.28 36.20
N LYS B 1076 -15.18 4.35 37.11
CA LYS B 1076 -16.19 3.45 37.66
C LYS B 1076 -16.50 3.73 39.12
N ASP B 1077 -15.85 4.73 39.72
CA ASP B 1077 -16.01 5.03 41.13
C ASP B 1077 -17.04 6.12 41.41
N ILE B 1078 -17.10 7.15 40.55
CA ILE B 1078 -18.03 8.25 40.72
C ILE B 1078 -18.69 8.55 39.38
N PHE B 1079 -19.64 9.47 39.41
CA PHE B 1079 -20.34 9.95 38.22
C PHE B 1079 -20.96 11.29 38.55
N LEU B 1080 -21.55 11.91 37.54
CA LEU B 1080 -22.14 13.25 37.67
C LEU B 1080 -23.66 13.10 37.80
N LYS B 1081 -24.20 13.60 38.91
CA LYS B 1081 -25.62 13.48 39.17
C LYS B 1081 -26.43 14.32 38.20
N GLU B 1082 -27.65 13.87 37.92
CA GLU B 1082 -28.55 14.64 37.07
C GLU B 1082 -28.93 15.94 37.78
N LEU B 1083 -29.16 16.99 36.98
CA LEU B 1083 -29.58 18.29 37.47
C LEU B 1083 -28.57 18.89 38.46
N ASN B 1084 -27.35 18.37 38.48
CA ASN B 1084 -26.30 18.86 39.35
C ASN B 1084 -25.25 19.57 38.51
N GLU B 1085 -24.76 20.71 39.02
CA GLU B 1085 -23.87 21.57 38.27
C GLU B 1085 -22.41 21.26 38.58
N ILE B 1086 -21.55 21.50 37.59
CA ILE B 1086 -20.12 21.30 37.73
C ILE B 1086 -19.39 22.39 36.95
N ASP B 1087 -18.11 22.55 37.25
CA ASP B 1087 -17.28 23.57 36.63
C ASP B 1087 -16.39 22.93 35.56
N VAL B 1088 -16.57 23.33 34.31
CA VAL B 1088 -15.65 22.96 33.25
C VAL B 1088 -14.43 23.87 33.33
N ILE B 1089 -13.24 23.28 33.34
CA ILE B 1089 -11.98 23.98 33.50
C ILE B 1089 -11.14 23.95 32.24
N ALA B 1090 -11.58 23.25 31.20
CA ALA B 1090 -10.85 23.20 29.93
C ALA B 1090 -11.74 22.56 28.88
N VAL B 1091 -11.52 22.94 27.63
CA VAL B 1091 -12.18 22.32 26.48
C VAL B 1091 -11.07 21.73 25.61
N ASP B 1092 -10.93 20.41 25.63
CA ASP B 1092 -9.89 19.73 24.86
C ASP B 1092 -10.55 19.01 23.70
N TRP B 1093 -9.95 19.15 22.52
CA TRP B 1093 -10.57 18.70 21.28
C TRP B 1093 -9.89 17.43 20.78
N LEU B 1094 -10.65 16.63 20.03
CA LEU B 1094 -10.12 15.44 19.39
C LEU B 1094 -9.46 15.81 18.07
N LYS B 1095 -8.66 14.88 17.54
CA LYS B 1095 -8.02 15.13 16.24
C LYS B 1095 -9.06 15.42 15.17
N GLY B 1096 -10.26 14.86 15.29
CA GLY B 1096 -11.31 15.08 14.33
C GLY B 1096 -12.16 16.32 14.55
N GLY B 1097 -11.98 17.02 15.68
CA GLY B 1097 -12.68 18.25 15.91
C GLY B 1097 -13.95 18.08 16.72
N VAL B 1098 -13.90 17.26 17.76
CA VAL B 1098 -15.02 17.00 18.66
C VAL B 1098 -14.61 17.45 20.04
N PRO B 1099 -15.38 18.29 20.72
CA PRO B 1099 -14.94 18.83 22.02
C PRO B 1099 -15.26 17.91 23.19
N ARG B 1100 -14.41 18.01 24.22
CA ARG B 1100 -14.60 17.31 25.49
C ARG B 1100 -14.38 18.31 26.62
N LEU B 1101 -15.24 18.28 27.64
CA LEU B 1101 -15.22 19.27 28.71
C LEU B 1101 -14.55 18.68 29.94
N LEU B 1102 -13.45 19.28 30.38
CA LEU B 1102 -12.68 18.75 31.50
C LEU B 1102 -13.17 19.35 32.82
N THR B 1103 -13.29 18.51 33.84
CA THR B 1103 -13.64 18.91 35.20
C THR B 1103 -12.59 18.31 36.13
N GLU B 1104 -12.61 18.75 37.40
CA GLU B 1104 -11.64 18.23 38.36
C GLU B 1104 -11.73 16.72 38.52
N HIS B 1105 -12.77 16.08 37.98
CA HIS B 1105 -12.95 14.64 38.09
C HIS B 1105 -12.80 13.90 36.77
N GLY B 1106 -12.57 14.61 35.67
CA GLY B 1106 -12.39 13.99 34.37
C GLY B 1106 -13.17 14.68 33.28
N TYR B 1107 -13.11 14.12 32.08
CA TYR B 1107 -13.80 14.69 30.93
C TYR B 1107 -15.25 14.23 30.89
N ILE B 1108 -16.17 15.18 30.71
CA ILE B 1108 -17.57 14.90 30.44
C ILE B 1108 -17.86 15.33 29.01
N THR B 1109 -18.78 14.61 28.37
CA THR B 1109 -19.19 14.96 27.02
C THR B 1109 -19.73 16.38 26.97
N ALA B 1110 -19.64 16.98 25.78
CA ALA B 1110 -20.16 18.31 25.54
C ALA B 1110 -21.47 18.29 24.77
N HIS B 1111 -22.05 17.12 24.54
CA HIS B 1111 -23.25 17.02 23.71
C HIS B 1111 -24.40 17.78 24.35
N LYS B 1112 -25.27 18.33 23.48
CA LYS B 1112 -26.35 19.18 23.95
C LYS B 1112 -27.36 18.42 24.80
N ASP B 1113 -27.53 17.13 24.54
CA ASP B 1113 -28.50 16.32 25.27
C ASP B 1113 -27.99 15.84 26.62
N TRP B 1114 -26.78 16.23 27.02
CA TRP B 1114 -26.21 15.80 28.30
C TRP B 1114 -25.75 16.95 29.19
N VAL B 1115 -25.58 18.16 28.66
CA VAL B 1115 -25.11 19.29 29.45
C VAL B 1115 -25.73 20.57 28.91
N LYS B 1116 -25.90 21.56 29.80
CA LYS B 1116 -26.41 22.87 29.41
C LYS B 1116 -25.61 23.94 30.12
N LYS B 1117 -25.16 24.94 29.37
CA LYS B 1117 -24.35 26.02 29.95
C LYS B 1117 -25.23 26.85 30.88
N SER B 1118 -24.94 26.79 32.17
CA SER B 1118 -25.71 27.54 33.16
C SER B 1118 -25.81 29.02 32.80
#